data_7PMJ
#
_entry.id   7PMJ
#
_cell.length_a   1.00
_cell.length_b   1.00
_cell.length_c   1.00
_cell.angle_alpha   90.00
_cell.angle_beta   90.00
_cell.angle_gamma   90.00
#
_symmetry.space_group_name_H-M   'P 1'
#
loop_
_entity.id
_entity.type
_entity.pdbx_description
1 polymer 'Myosin light chain 6B'
2 polymer 'Unconventional myosin-Va'
3 polymer 'Actin, alpha skeletal muscle'
4 polymer Phalloidin
5 non-polymer 'PHOSPHOAMINOPHOSPHONIC ACID-ADENYLATE ESTER'
6 non-polymer 'MAGNESIUM ION'
7 non-polymer "ADENOSINE-5'-DIPHOSPHATE"
#
loop_
_entity_poly.entity_id
_entity_poly.type
_entity_poly.pdbx_seq_one_letter_code
_entity_poly.pdbx_strand_id
1 'polypeptide(L)'
;MIEFNKDQLEEFKEAFELFDRVGDGKILYSQCGDVMRALGQNPTNAEVLKVLGNPKSDELKSRRVDFETFLPMLQAVAKN
RGQGTYEDYLEGFRVFDKEGNGKVMGAELRHVLTTLGEKMTEEEVETVLAGHEDSNGCINYEAFLKHILSV
;
B
2 'polypeptide(L)'
;MAASELYTKYARVWIPDPEEVWKSAELLKDYKPGDKVLQLRLEEGKDLEYCLDPKTKELPPLRNPDILVGENDLTALSYL
HEPAVLHNLKVRFIDSKLIYTYCGIVLVAINPYEQLPIYGEDIINAYSGQNMGDMDPHIFAVAEEAYKQMARDERNQSII
VSGESGAGKTVSAKYAMRYFATVSGSASEANVEEKVLASNPIMESIGNAKTTRNDNSSRFGKYIEIGFDKRYRIIGANMR
TYLLEKSRVVFQAEEERNYHIFYQLCASAALPEFKTLRLGNANYFHYTKQGGSPVIDGIDDAKEMVNTRQACTLLGISDS
YQMGIFRILAGILHLGNVEFASRDSDSCAIPPKHDPLTIFCDLMGVDYEEMAHWLCHRKLATATETYIKPISKLHAINAR
DALAKHIYANLFNWIVDHVNKALHSTVKQHSFIGVLDIYGFETFEINSFEQFCINYANEKLQQQFNMHVFKLEQEEYMKE
QIPWTLIDFYDNQPCINLIEAKMGVLDLLDEECKMPKGSDDTWAQKLYNTHLNKCALFEKPRLSNKAFIIKHFADKVEYQ
CEGFLEKNKDTVYEEQIKVLKSSKKFKLLPELFQDEEKAISPTSATPSGRVPLSRTPVKPAKARPGQTSKEHKKTVGHQF
RNSLHLLMETLNATTPHYVRCIKPNDFKFPFTFDEKRAVQQLRACGVLETIRISAAGFPSRWTYQEFFSRYRVLMKQKDV
LSDRKQTCKNVLEKLILDKDKYQFGKTKIFFRAGQVAYLEKIRADKLRAACIRIQKTIRGWLMRKKYMRMRR
;
A
3 'polypeptide(L)'
;MCDEDETTALVCDNGSGLVKAGFAGDDAPRAVFPSIVGRPRHQGVMVGMGQKDSYVGDEAQSKRGILTLKYPIE(HIC)G
IITNWDDMEKIWHHTFYNELRVAPEEHPTLLTEAPLNPKANREKMTQIMFETFNVPAMYVAIQAVLSLYASGRTTGIVLD
SGDGVTHNVPIYEGYALPHAIMRLDLAGRDLTDYLMKILTERGYSFVTTAEREIVRDIKEKLCYVALDFENEMATAASSS
SLEKSYELPDGQVITIGNERFRCPETLFQPSFIGMESAGIHETTYNSIMKCDIDIRKDLYANNVMSGGTTMYPGIADRMQ
KEITALAPSTMKIKIIAPPERKYSVWIGGSILASLSTFQQMWITKQEYDEAGPSIVHRKCF
;
C
4 'polypeptide(L)' W(EEP)A(DTH)C(HYP)A H
#
loop_
_chem_comp.id
_chem_comp.type
_chem_comp.name
_chem_comp.formula
ADP non-polymer ADENOSINE-5'-DIPHOSPHATE 'C10 H15 N5 O10 P2'
ANP non-polymer 'PHOSPHOAMINOPHOSPHONIC ACID-ADENYLATE ESTER' 'C10 H17 N6 O12 P3'
MG non-polymer 'MAGNESIUM ION' 'Mg 2'
#
# COMPACT_ATOMS: atom_id res chain seq x y z
N PHE A 4 -75.31 -37.13 -24.10
CA PHE A 4 -76.57 -36.53 -24.53
C PHE A 4 -77.54 -37.60 -25.03
N ASN A 5 -78.80 -37.50 -24.57
CA ASN A 5 -79.89 -38.35 -25.02
C ASN A 5 -80.53 -37.80 -26.29
N LYS A 6 -81.45 -38.58 -26.85
CA LYS A 6 -82.10 -38.20 -28.11
C LYS A 6 -82.75 -36.83 -28.03
N ASP A 7 -83.42 -36.50 -26.91
CA ASP A 7 -84.03 -35.18 -26.80
C ASP A 7 -82.97 -34.09 -26.85
N GLN A 8 -81.91 -34.28 -26.05
CA GLN A 8 -80.79 -33.36 -26.04
C GLN A 8 -80.17 -33.28 -27.42
N LEU A 9 -79.96 -34.44 -28.05
CA LEU A 9 -79.37 -34.46 -29.39
C LEU A 9 -80.24 -33.73 -30.40
N GLU A 10 -81.57 -33.78 -30.25
CA GLU A 10 -82.45 -33.09 -31.19
C GLU A 10 -82.40 -31.58 -31.00
N GLU A 11 -82.46 -31.12 -29.76
CA GLU A 11 -82.39 -29.68 -29.52
C GLU A 11 -81.04 -29.13 -29.93
N PHE A 12 -79.97 -29.87 -29.61
CA PHE A 12 -78.62 -29.44 -29.93
C PHE A 12 -78.41 -29.47 -31.43
N LYS A 13 -78.95 -30.49 -32.11
CA LYS A 13 -78.78 -30.57 -33.55
C LYS A 13 -79.49 -29.42 -34.21
N GLU A 14 -80.68 -29.07 -33.72
CA GLU A 14 -81.43 -27.95 -34.30
C GLU A 14 -80.60 -26.68 -34.17
N ALA A 15 -80.02 -26.48 -32.99
CA ALA A 15 -79.15 -25.31 -32.79
C ALA A 15 -77.97 -25.36 -33.75
N PHE A 16 -77.34 -26.51 -33.88
CA PHE A 16 -76.23 -26.70 -34.82
C PHE A 16 -76.64 -26.34 -36.23
N GLU A 17 -77.83 -26.76 -36.65
CA GLU A 17 -78.31 -26.52 -38.01
C GLU A 17 -78.59 -25.05 -38.23
N LEU A 18 -78.96 -24.33 -37.16
CA LEU A 18 -79.11 -22.89 -37.24
C LEU A 18 -77.80 -22.22 -37.66
N PHE A 19 -76.66 -22.83 -37.35
CA PHE A 19 -75.38 -22.25 -37.72
C PHE A 19 -74.98 -22.60 -39.14
N ASP A 20 -75.75 -23.45 -39.82
CA ASP A 20 -75.42 -23.77 -41.19
C ASP A 20 -75.84 -22.60 -42.06
N ARG A 21 -74.84 -21.85 -42.52
CA ARG A 21 -75.01 -20.65 -43.33
C ARG A 21 -74.84 -20.94 -44.82
N VAL A 22 -74.75 -22.21 -45.20
CA VAL A 22 -74.56 -22.60 -46.59
C VAL A 22 -75.66 -23.54 -47.07
N GLY A 23 -76.47 -24.10 -46.17
CA GLY A 23 -77.54 -25.00 -46.53
C GLY A 23 -77.20 -26.46 -46.70
N ASP A 24 -75.94 -26.85 -46.52
CA ASP A 24 -75.56 -28.25 -46.68
C ASP A 24 -75.72 -29.06 -45.41
N GLY A 25 -76.37 -28.51 -44.38
CA GLY A 25 -76.53 -29.20 -43.12
C GLY A 25 -75.29 -29.28 -42.28
N LYS A 26 -74.31 -28.41 -42.52
CA LYS A 26 -73.01 -28.48 -41.87
C LYS A 26 -72.69 -27.10 -41.32
N ILE A 27 -71.78 -27.05 -40.35
CA ILE A 27 -71.21 -25.78 -39.92
C ILE A 27 -69.71 -25.84 -40.19
N LEU A 28 -69.09 -24.68 -40.08
CA LEU A 28 -67.65 -24.60 -40.13
C LEU A 28 -67.07 -25.00 -38.77
N TYR A 29 -65.81 -25.44 -38.80
CA TYR A 29 -65.07 -25.64 -37.56
C TYR A 29 -65.12 -24.43 -36.64
N SER A 30 -65.03 -23.23 -37.22
CA SER A 30 -64.99 -22.02 -36.40
C SER A 30 -66.30 -21.77 -35.66
N GLN A 31 -67.41 -22.38 -36.08
CA GLN A 31 -68.67 -22.27 -35.35
C GLN A 31 -68.79 -23.33 -34.26
N CYS A 32 -67.92 -24.34 -34.28
CA CYS A 32 -67.97 -25.43 -33.33
C CYS A 32 -67.92 -24.87 -31.92
N GLY A 33 -66.99 -23.92 -31.70
CA GLY A 33 -66.88 -23.25 -30.42
C GLY A 33 -68.17 -22.59 -30.00
N ASP A 34 -68.87 -21.94 -30.94
CA ASP A 34 -70.13 -21.31 -30.56
C ASP A 34 -71.11 -22.34 -30.06
N VAL A 35 -71.16 -23.48 -30.74
CA VAL A 35 -72.09 -24.48 -30.26
C VAL A 35 -71.65 -25.05 -28.91
N MET A 36 -70.36 -25.35 -28.74
CA MET A 36 -69.92 -25.88 -27.45
C MET A 36 -70.14 -24.93 -26.28
N ARG A 37 -69.79 -23.66 -26.46
CA ARG A 37 -69.96 -22.64 -25.42
C ARG A 37 -71.43 -22.30 -25.17
N ALA A 38 -72.22 -22.22 -26.24
CA ALA A 38 -73.65 -21.99 -26.13
C ALA A 38 -74.36 -23.08 -25.34
N LEU A 39 -73.78 -24.26 -25.29
CA LEU A 39 -74.37 -25.39 -24.58
C LEU A 39 -73.82 -25.49 -23.17
N GLY A 40 -73.10 -24.46 -22.70
CA GLY A 40 -72.63 -24.39 -21.34
C GLY A 40 -71.18 -24.71 -21.13
N GLN A 41 -70.45 -25.12 -22.16
CA GLN A 41 -69.04 -25.37 -21.97
C GLN A 41 -68.25 -24.08 -22.05
N ASN A 42 -67.10 -24.05 -21.39
CA ASN A 42 -66.19 -22.92 -21.43
C ASN A 42 -64.79 -23.36 -21.80
N PRO A 43 -64.60 -23.93 -22.99
CA PRO A 43 -63.27 -24.39 -23.37
C PRO A 43 -62.38 -23.25 -23.84
N THR A 44 -61.08 -23.43 -23.60
CA THR A 44 -60.06 -22.51 -24.10
C THR A 44 -59.88 -22.72 -25.60
N ASN A 45 -59.26 -21.74 -26.25
CA ASN A 45 -58.96 -21.94 -27.67
C ASN A 45 -58.09 -23.16 -27.85
N ALA A 46 -57.18 -23.42 -26.90
CA ALA A 46 -56.33 -24.60 -26.98
C ALA A 46 -57.16 -25.87 -26.91
N GLU A 47 -58.09 -25.94 -25.96
CA GLU A 47 -58.98 -27.09 -25.85
C GLU A 47 -59.82 -27.27 -27.10
N VAL A 48 -60.30 -26.16 -27.67
CA VAL A 48 -61.08 -26.24 -28.89
C VAL A 48 -60.24 -26.77 -30.03
N LEU A 49 -59.01 -26.28 -30.17
CA LEU A 49 -58.15 -26.78 -31.23
C LEU A 49 -57.79 -28.24 -31.02
N LYS A 50 -57.61 -28.64 -29.76
CA LYS A 50 -57.30 -30.04 -29.48
C LYS A 50 -58.45 -30.95 -29.90
N VAL A 51 -59.67 -30.62 -29.49
CA VAL A 51 -60.79 -31.45 -29.92
C VAL A 51 -61.02 -31.31 -31.43
N LEU A 52 -60.63 -30.18 -32.02
CA LEU A 52 -60.71 -30.04 -33.47
C LEU A 52 -59.57 -30.72 -34.20
N GLY A 53 -58.51 -31.12 -33.49
CA GLY A 53 -57.40 -31.78 -34.14
C GLY A 53 -56.30 -30.84 -34.58
N ASN A 54 -56.13 -29.70 -33.89
CA ASN A 54 -55.22 -28.63 -34.25
C ASN A 54 -55.37 -28.34 -35.75
N PRO A 55 -56.53 -27.85 -36.20
CA PRO A 55 -56.73 -27.65 -37.64
C PRO A 55 -55.85 -26.55 -38.20
N LYS A 56 -55.55 -26.66 -39.49
CA LYS A 56 -54.86 -25.60 -40.20
C LYS A 56 -55.85 -24.51 -40.58
N SER A 57 -55.34 -23.29 -40.83
CA SER A 57 -56.18 -22.17 -41.21
C SER A 57 -57.20 -22.54 -42.30
N ASP A 58 -56.74 -23.29 -43.30
CA ASP A 58 -57.56 -23.59 -44.47
C ASP A 58 -58.74 -24.49 -44.11
N GLU A 59 -58.49 -25.54 -43.34
CA GLU A 59 -59.58 -26.44 -42.99
C GLU A 59 -60.44 -25.81 -41.90
N LEU A 60 -59.85 -24.94 -41.06
CA LEU A 60 -60.66 -24.23 -40.10
C LEU A 60 -61.65 -23.30 -40.78
N LYS A 61 -61.26 -22.73 -41.93
CA LYS A 61 -62.10 -21.75 -42.59
C LYS A 61 -63.03 -22.32 -43.66
N SER A 62 -62.79 -23.53 -44.17
CA SER A 62 -63.62 -23.95 -45.29
C SER A 62 -64.14 -25.38 -45.21
N ARG A 63 -63.52 -26.26 -44.42
CA ARG A 63 -64.01 -27.62 -44.26
C ARG A 63 -65.27 -27.60 -43.41
N ARG A 64 -66.31 -28.32 -43.83
CA ARG A 64 -67.59 -28.29 -43.14
C ARG A 64 -67.90 -29.67 -42.55
N VAL A 65 -68.43 -29.68 -41.34
CA VAL A 65 -68.77 -30.89 -40.60
C VAL A 65 -70.22 -30.84 -40.17
N ASP A 66 -70.89 -32.00 -40.26
CA ASP A 66 -72.25 -32.13 -39.74
C ASP A 66 -72.24 -32.35 -38.23
N PHE A 67 -73.46 -32.37 -37.67
CA PHE A 67 -73.64 -32.49 -36.22
C PHE A 67 -73.00 -33.75 -35.68
N GLU A 68 -73.04 -34.85 -36.43
CA GLU A 68 -72.61 -36.15 -35.91
C GLU A 68 -71.11 -36.18 -35.63
N THR A 69 -70.31 -35.47 -36.42
CA THR A 69 -68.88 -35.46 -36.18
C THR A 69 -68.53 -34.45 -35.08
N PHE A 70 -69.27 -33.35 -35.01
CA PHE A 70 -69.11 -32.37 -33.94
C PHE A 70 -69.38 -32.98 -32.57
N LEU A 71 -70.39 -33.85 -32.50
CA LEU A 71 -70.91 -34.31 -31.22
C LEU A 71 -69.87 -34.94 -30.28
N PRO A 72 -69.07 -35.94 -30.70
CA PRO A 72 -68.03 -36.44 -29.78
C PRO A 72 -67.12 -35.36 -29.18
N MET A 73 -66.81 -34.31 -29.94
CA MET A 73 -65.96 -33.24 -29.41
C MET A 73 -66.68 -32.46 -28.32
N LEU A 74 -67.94 -32.11 -28.57
CA LEU A 74 -68.76 -31.46 -27.56
C LEU A 74 -68.87 -32.30 -26.30
N GLN A 75 -69.16 -33.60 -26.46
CA GLN A 75 -69.21 -34.50 -25.31
C GLN A 75 -67.90 -34.47 -24.53
N ALA A 76 -66.77 -34.62 -25.24
CA ALA A 76 -65.48 -34.72 -24.57
C ALA A 76 -65.16 -33.44 -23.79
N VAL A 77 -65.46 -32.29 -24.38
CA VAL A 77 -65.30 -31.02 -23.68
C VAL A 77 -66.22 -30.96 -22.47
N ALA A 78 -67.47 -31.43 -22.63
CA ALA A 78 -68.45 -31.38 -21.55
C ALA A 78 -68.02 -32.22 -20.34
N LYS A 79 -67.36 -33.34 -20.56
CA LYS A 79 -66.94 -34.16 -19.43
C LYS A 79 -65.54 -33.75 -18.97
N TYR A 86 -67.25 -21.66 -9.09
CA TYR A 86 -67.37 -20.22 -8.89
C TYR A 86 -66.22 -19.65 -8.06
N GLU A 87 -65.71 -20.43 -7.11
CA GLU A 87 -64.67 -19.89 -6.22
C GLU A 87 -63.39 -19.63 -7.00
N ASP A 88 -63.08 -20.47 -7.98
CA ASP A 88 -61.94 -20.17 -8.84
C ASP A 88 -62.24 -18.97 -9.72
N TYR A 89 -63.49 -18.89 -10.20
CA TYR A 89 -63.89 -17.76 -11.03
C TYR A 89 -63.79 -16.47 -10.22
N LEU A 90 -64.13 -16.57 -8.94
CA LEU A 90 -64.10 -15.42 -8.06
C LEU A 90 -62.67 -14.99 -7.80
N GLU A 91 -61.78 -15.94 -7.47
CA GLU A 91 -60.39 -15.55 -7.22
C GLU A 91 -59.75 -14.98 -8.48
N GLY A 92 -60.06 -15.57 -9.63
CA GLY A 92 -59.60 -15.01 -10.89
C GLY A 92 -59.99 -13.56 -11.09
N PHE A 93 -61.22 -13.20 -10.71
CA PHE A 93 -61.58 -11.79 -10.75
C PHE A 93 -60.95 -10.98 -9.61
N ARG A 94 -60.75 -11.61 -8.46
CA ARG A 94 -60.15 -11.01 -7.26
C ARG A 94 -58.67 -10.70 -7.44
N VAL A 95 -58.05 -11.27 -8.47
CA VAL A 95 -56.68 -10.93 -8.82
C VAL A 95 -56.53 -9.43 -9.04
N PHE A 96 -57.50 -8.80 -9.70
CA PHE A 96 -57.37 -7.41 -10.11
C PHE A 96 -58.08 -6.46 -9.14
N ASP A 97 -58.52 -6.97 -8.00
CA ASP A 97 -59.20 -6.17 -7.00
C ASP A 97 -58.25 -5.14 -6.40
N GLY A 100 -59.10 -4.32 -0.98
CA GLY A 100 -59.83 -5.57 -1.01
C GLY A 100 -61.32 -5.41 -0.81
N ASN A 101 -61.88 -4.37 -1.43
CA ASN A 101 -63.28 -4.02 -1.25
C ASN A 101 -64.19 -4.65 -2.29
N GLY A 102 -63.73 -5.65 -3.02
CA GLY A 102 -64.59 -6.33 -3.95
C GLY A 102 -64.79 -5.65 -5.29
N LYS A 103 -63.92 -4.72 -5.67
CA LYS A 103 -64.09 -4.02 -6.93
C LYS A 103 -62.88 -4.22 -7.83
N VAL A 104 -63.04 -3.83 -9.10
CA VAL A 104 -62.01 -3.86 -10.11
C VAL A 104 -62.24 -2.67 -11.02
N MET A 105 -61.18 -1.91 -11.32
CA MET A 105 -61.29 -0.83 -12.28
C MET A 105 -61.82 -1.36 -13.60
N GLY A 106 -62.70 -0.58 -14.24
CA GLY A 106 -63.18 -0.94 -15.56
C GLY A 106 -62.08 -0.86 -16.59
N ALA A 107 -61.23 0.16 -16.47
CA ALA A 107 -60.08 0.30 -17.35
C ALA A 107 -59.17 -0.92 -17.22
N GLU A 108 -58.94 -1.37 -15.99
CA GLU A 108 -58.03 -2.50 -15.79
C GLU A 108 -58.61 -3.82 -16.31
N LEU A 109 -59.88 -4.10 -16.03
CA LEU A 109 -60.49 -5.30 -16.61
C LEU A 109 -60.48 -5.25 -18.13
N ARG A 110 -60.78 -4.09 -18.71
CA ARG A 110 -60.76 -3.95 -20.17
C ARG A 110 -59.35 -4.22 -20.69
N HIS A 111 -58.36 -3.62 -20.04
CA HIS A 111 -56.97 -3.78 -20.44
C HIS A 111 -56.53 -5.22 -20.35
N VAL A 112 -56.84 -5.90 -19.26
CA VAL A 112 -56.32 -7.25 -19.09
C VAL A 112 -57.02 -8.19 -20.07
N LEU A 113 -58.31 -7.97 -20.33
CA LEU A 113 -59.01 -8.85 -21.26
C LEU A 113 -58.55 -8.63 -22.69
N THR A 114 -58.11 -7.41 -23.03
CA THR A 114 -57.61 -7.14 -24.37
C THR A 114 -56.09 -7.29 -24.50
N THR A 115 -55.37 -7.51 -23.41
CA THR A 115 -53.91 -7.56 -23.43
C THR A 115 -53.28 -8.79 -22.81
N LEU A 116 -53.98 -9.53 -21.96
CA LEU A 116 -53.41 -10.74 -21.42
C LEU A 116 -54.14 -11.97 -21.93
N GLY A 117 -53.49 -13.12 -21.76
CA GLY A 117 -54.10 -14.39 -22.09
C GLY A 117 -54.37 -14.48 -23.58
N GLU A 118 -55.54 -15.00 -23.91
CA GLU A 118 -55.98 -15.12 -25.30
C GLU A 118 -56.79 -13.85 -25.61
N LYS A 119 -56.04 -12.81 -25.95
CA LYS A 119 -56.55 -11.44 -25.98
C LYS A 119 -57.79 -11.34 -26.86
N MET A 120 -58.80 -10.65 -26.32
CA MET A 120 -60.05 -10.38 -27.02
C MET A 120 -60.05 -8.98 -27.62
N THR A 121 -61.05 -8.73 -28.48
CA THR A 121 -61.21 -7.39 -29.04
C THR A 121 -61.88 -6.43 -28.05
N GLU A 122 -61.62 -5.13 -28.29
CA GLU A 122 -62.22 -4.05 -27.49
C GLU A 122 -63.73 -3.96 -27.63
N GLU A 123 -64.28 -4.34 -28.78
CA GLU A 123 -65.73 -4.24 -28.99
C GLU A 123 -66.48 -5.32 -28.22
N GLU A 124 -65.94 -6.54 -28.21
CA GLU A 124 -66.50 -7.61 -27.41
C GLU A 124 -66.54 -7.20 -25.95
N VAL A 125 -65.44 -6.63 -25.48
CA VAL A 125 -65.33 -6.24 -24.08
C VAL A 125 -66.28 -5.09 -23.78
N GLU A 126 -66.43 -4.16 -24.73
CA GLU A 126 -67.36 -3.05 -24.51
C GLU A 126 -68.78 -3.56 -24.41
N THR A 127 -69.12 -4.55 -25.24
CA THR A 127 -70.50 -5.04 -25.25
C THR A 127 -70.81 -5.76 -23.95
N VAL A 128 -69.93 -6.67 -23.52
CA VAL A 128 -70.19 -7.42 -22.29
C VAL A 128 -70.06 -6.54 -21.05
N LEU A 129 -69.16 -5.55 -21.06
CA LEU A 129 -68.92 -4.71 -19.90
C LEU A 129 -69.90 -3.55 -19.80
N ALA A 130 -70.69 -3.30 -20.84
CA ALA A 130 -71.60 -2.16 -20.83
C ALA A 130 -72.58 -2.29 -19.68
N GLY A 131 -72.62 -1.26 -18.85
CA GLY A 131 -73.53 -1.22 -17.72
C GLY A 131 -73.03 -1.89 -16.47
N HIS A 132 -71.84 -2.51 -16.48
CA HIS A 132 -71.37 -3.22 -15.30
C HIS A 132 -70.38 -2.41 -14.47
N GLU A 133 -69.81 -1.34 -15.01
CA GLU A 133 -68.88 -0.49 -14.27
C GLU A 133 -69.63 0.75 -13.81
N ASP A 134 -69.25 1.28 -12.64
CA ASP A 134 -69.98 2.42 -12.09
C ASP A 134 -69.33 3.74 -12.52
N SER A 135 -69.71 4.82 -11.84
CA SER A 135 -69.25 6.16 -12.21
C SER A 135 -67.77 6.38 -11.89
N ASN A 136 -67.29 5.82 -10.78
CA ASN A 136 -65.86 5.83 -10.50
C ASN A 136 -65.03 5.04 -11.50
N GLY A 137 -65.65 4.16 -12.27
CA GLY A 137 -64.89 3.28 -13.14
C GLY A 137 -64.43 2.07 -12.35
N CYS A 138 -65.37 1.48 -11.63
CA CYS A 138 -65.12 0.28 -10.83
C CYS A 138 -66.14 -0.76 -11.24
N ILE A 139 -65.70 -2.02 -11.30
CA ILE A 139 -66.57 -3.12 -11.68
C ILE A 139 -66.78 -4.01 -10.46
N ASN A 140 -68.03 -4.24 -10.10
CA ASN A 140 -68.34 -5.30 -9.16
C ASN A 140 -68.11 -6.63 -9.86
N TYR A 141 -67.03 -7.33 -9.50
CA TYR A 141 -66.66 -8.50 -10.28
C TYR A 141 -67.52 -9.70 -9.93
N GLU A 142 -68.04 -9.77 -8.71
CA GLU A 142 -68.97 -10.84 -8.37
C GLU A 142 -70.25 -10.73 -9.18
N ALA A 143 -70.77 -9.52 -9.36
CA ALA A 143 -71.97 -9.32 -10.16
C ALA A 143 -71.71 -9.56 -11.65
N PHE A 144 -70.59 -9.04 -12.18
CA PHE A 144 -70.28 -9.31 -13.58
C PHE A 144 -70.06 -10.80 -13.80
N LEU A 145 -69.49 -11.48 -12.80
CA LEU A 145 -69.20 -12.89 -12.95
C LEU A 145 -70.51 -13.67 -12.95
N LYS A 146 -71.41 -13.33 -12.02
CA LYS A 146 -72.70 -13.99 -12.00
C LYS A 146 -73.40 -13.78 -13.33
N HIS A 147 -73.30 -12.57 -13.88
CA HIS A 147 -73.93 -12.25 -15.15
C HIS A 147 -73.39 -13.12 -16.27
N ILE A 148 -72.06 -13.25 -16.38
CA ILE A 148 -71.47 -14.04 -17.45
C ILE A 148 -71.56 -15.54 -17.22
N LEU A 149 -71.92 -15.97 -16.00
CA LEU A 149 -72.08 -17.39 -15.73
C LEU A 149 -73.53 -17.83 -15.87
N SER A 150 -74.46 -16.88 -15.86
CA SER A 150 -75.88 -17.17 -15.93
C SER A 150 -76.22 -17.96 -17.18
N GLU B 5 -36.56 -26.11 -11.88
CA GLU B 5 -35.75 -25.32 -10.97
C GLU B 5 -35.85 -23.84 -11.39
N LEU B 6 -34.98 -23.01 -10.80
CA LEU B 6 -34.74 -21.65 -11.29
C LEU B 6 -34.32 -21.64 -12.74
N TYR B 7 -33.71 -22.71 -13.23
CA TYR B 7 -33.63 -23.00 -14.66
C TYR B 7 -34.88 -23.71 -15.16
N THR B 8 -35.51 -23.10 -16.16
CA THR B 8 -36.73 -23.54 -16.83
C THR B 8 -36.61 -23.17 -18.29
N LYS B 9 -37.61 -23.58 -19.07
CA LYS B 9 -37.75 -23.06 -20.43
C LYS B 9 -37.67 -21.54 -20.49
N TYR B 10 -38.20 -20.86 -19.47
CA TYR B 10 -38.32 -19.41 -19.59
C TYR B 10 -37.09 -18.64 -19.10
N ALA B 11 -36.29 -19.22 -18.21
CA ALA B 11 -35.16 -18.52 -17.64
C ALA B 11 -34.15 -18.07 -18.70
N ARG B 12 -33.34 -17.07 -18.33
CA ARG B 12 -32.28 -16.54 -19.18
C ARG B 12 -30.97 -16.48 -18.41
N VAL B 13 -29.87 -16.70 -19.11
CA VAL B 13 -28.55 -16.79 -18.49
C VAL B 13 -27.53 -16.01 -19.31
N TRP B 14 -26.40 -15.73 -18.68
CA TRP B 14 -25.25 -15.10 -19.31
C TRP B 14 -24.17 -16.15 -19.53
N ILE B 15 -23.54 -16.12 -20.69
CA ILE B 15 -22.39 -16.98 -20.98
C ILE B 15 -21.22 -16.18 -21.54
N PRO B 16 -19.98 -16.61 -21.33
CA PRO B 16 -18.83 -15.80 -21.73
C PRO B 16 -18.59 -15.85 -23.23
N ASP B 17 -17.88 -14.82 -23.72
CA ASP B 17 -17.45 -14.71 -25.11
C ASP B 17 -16.22 -13.81 -25.17
N PRO B 18 -15.26 -14.09 -26.06
CA PRO B 18 -14.02 -13.30 -26.06
C PRO B 18 -14.20 -11.85 -26.50
N GLU B 19 -15.16 -11.54 -27.36
CA GLU B 19 -15.22 -10.20 -27.94
C GLU B 19 -15.79 -9.19 -26.97
N GLU B 20 -16.66 -9.65 -26.08
CA GLU B 20 -17.28 -8.84 -25.05
C GLU B 20 -17.52 -9.79 -23.90
N VAL B 21 -17.16 -9.37 -22.69
CA VAL B 21 -16.90 -10.33 -21.63
C VAL B 21 -18.10 -11.19 -21.32
N TRP B 22 -19.31 -10.77 -21.69
CA TRP B 22 -20.46 -11.61 -21.45
C TRP B 22 -21.38 -11.56 -22.66
N LYS B 23 -22.18 -12.61 -22.84
CA LYS B 23 -23.31 -12.59 -23.77
C LYS B 23 -24.51 -13.26 -23.13
N SER B 24 -25.69 -12.76 -23.48
CA SER B 24 -26.95 -13.33 -22.99
C SER B 24 -27.36 -14.60 -23.72
N ALA B 25 -28.08 -15.45 -23.01
CA ALA B 25 -28.53 -16.73 -23.54
C ALA B 25 -29.91 -17.05 -22.97
N GLU B 26 -30.85 -17.36 -23.85
CA GLU B 26 -32.07 -18.04 -23.46
C GLU B 26 -31.82 -19.54 -23.34
N LEU B 27 -32.77 -20.24 -22.72
CA LEU B 27 -32.58 -21.62 -22.31
C LEU B 27 -33.74 -22.41 -22.89
N LEU B 28 -33.40 -23.47 -23.64
CA LEU B 28 -34.35 -24.03 -24.62
C LEU B 28 -35.34 -24.98 -23.98
N LYS B 29 -34.88 -25.90 -23.14
CA LYS B 29 -35.74 -26.43 -22.10
C LYS B 29 -34.90 -26.87 -20.92
N ASP B 30 -35.56 -26.97 -19.77
CA ASP B 30 -34.89 -26.82 -18.50
C ASP B 30 -33.76 -27.82 -18.32
N TYR B 31 -32.73 -27.37 -17.60
CA TYR B 31 -31.87 -28.25 -16.85
C TYR B 31 -32.70 -29.09 -15.88
N LYS B 32 -32.34 -30.37 -15.80
CA LYS B 32 -32.99 -31.31 -14.92
C LYS B 32 -31.94 -31.98 -14.04
N PRO B 33 -32.26 -32.26 -12.77
CA PRO B 33 -31.29 -32.77 -11.81
C PRO B 33 -30.87 -34.21 -12.11
N LYS B 36 -24.37 -32.44 -16.65
CA LYS B 36 -25.26 -32.46 -17.81
C LYS B 36 -24.76 -31.36 -18.79
N VAL B 37 -25.56 -31.08 -19.81
CA VAL B 37 -25.25 -30.08 -20.84
C VAL B 37 -26.57 -29.42 -21.23
N LEU B 38 -26.50 -28.18 -21.68
CA LEU B 38 -27.68 -27.34 -21.81
C LEU B 38 -27.86 -26.99 -23.28
N GLN B 39 -29.07 -27.25 -23.79
CA GLN B 39 -29.53 -26.57 -25.00
C GLN B 39 -29.66 -25.08 -24.76
N LEU B 40 -28.92 -24.28 -25.51
CA LEU B 40 -29.09 -22.83 -25.47
C LEU B 40 -29.21 -22.27 -26.88
N ARG B 41 -29.65 -21.03 -26.94
CA ARG B 41 -29.85 -20.27 -28.15
C ARG B 41 -29.58 -18.82 -27.76
N LEU B 42 -29.07 -18.01 -28.69
CA LEU B 42 -28.42 -16.78 -28.27
C LEU B 42 -28.97 -15.59 -29.03
N GLU B 43 -29.43 -14.59 -28.27
CA GLU B 43 -29.49 -13.20 -28.69
C GLU B 43 -30.12 -12.98 -30.05
N LYS B 46 -28.29 -18.25 -32.09
CA LYS B 46 -29.45 -18.95 -32.62
C LYS B 46 -29.27 -20.46 -32.47
N ASP B 47 -28.11 -20.84 -31.97
CA ASP B 47 -27.79 -22.23 -31.65
C ASP B 47 -26.72 -22.19 -30.57
N LEU B 48 -26.81 -23.11 -29.62
CA LEU B 48 -25.64 -23.50 -28.85
C LEU B 48 -25.91 -24.82 -28.15
N GLU B 49 -24.84 -25.59 -27.95
CA GLU B 49 -24.78 -26.52 -26.83
C GLU B 49 -23.54 -26.20 -26.00
N TYR B 50 -23.78 -25.98 -24.71
CA TYR B 50 -22.89 -25.23 -23.83
C TYR B 50 -22.49 -26.17 -22.71
N CYS B 51 -21.18 -26.34 -22.52
CA CYS B 51 -20.71 -27.25 -21.49
C CYS B 51 -20.92 -26.63 -20.11
N LEU B 52 -21.59 -27.37 -19.24
CA LEU B 52 -21.42 -27.21 -17.81
C LEU B 52 -20.15 -27.90 -17.37
N ASP B 53 -19.46 -27.30 -16.45
CA ASP B 53 -18.37 -28.05 -15.86
C ASP B 53 -18.81 -28.61 -14.52
N PRO B 54 -18.69 -29.93 -14.31
CA PRO B 54 -18.89 -30.60 -13.02
C PRO B 54 -18.17 -29.90 -11.87
N LEU B 59 -22.97 -23.80 -13.15
CA LEU B 59 -24.14 -23.35 -13.88
C LEU B 59 -24.02 -21.85 -14.09
N PRO B 60 -24.53 -21.34 -15.21
CA PRO B 60 -24.27 -19.95 -15.57
C PRO B 60 -25.06 -18.99 -14.70
N PRO B 61 -24.60 -17.75 -14.57
CA PRO B 61 -25.37 -16.72 -13.86
C PRO B 61 -26.78 -16.58 -14.41
N LEU B 62 -27.76 -16.62 -13.51
CA LEU B 62 -29.15 -16.43 -13.90
C LEU B 62 -29.40 -14.94 -14.05
N ARG B 63 -29.84 -14.53 -15.24
CA ARG B 63 -30.17 -13.13 -15.48
C ARG B 63 -31.38 -12.71 -14.66
N ASN B 64 -31.32 -11.49 -14.14
CA ASN B 64 -32.43 -10.90 -13.42
C ASN B 64 -33.66 -10.75 -14.30
N PRO B 65 -34.84 -10.69 -13.68
CA PRO B 65 -36.05 -10.31 -14.41
C PRO B 65 -35.99 -8.86 -14.88
N ASP B 66 -36.20 -8.67 -16.18
CA ASP B 66 -35.87 -7.41 -16.86
C ASP B 66 -36.74 -6.25 -16.40
N ILE B 67 -37.76 -6.51 -15.57
CA ILE B 67 -38.52 -5.44 -14.93
C ILE B 67 -37.68 -4.60 -13.98
N LEU B 68 -36.58 -5.15 -13.44
CA LEU B 68 -35.71 -4.38 -12.57
C LEU B 68 -34.70 -3.52 -13.32
N VAL B 69 -34.15 -4.03 -14.43
CA VAL B 69 -32.93 -3.45 -14.98
C VAL B 69 -33.18 -2.05 -15.53
N GLY B 70 -32.14 -1.21 -15.47
CA GLY B 70 -32.12 0.08 -16.13
C GLY B 70 -32.10 1.31 -15.24
N GLU B 71 -31.68 1.19 -13.97
CA GLU B 71 -32.17 2.06 -12.92
C GLU B 71 -31.02 2.71 -12.14
N ASN B 72 -31.42 3.56 -11.18
CA ASN B 72 -30.49 4.39 -10.41
C ASN B 72 -29.45 3.58 -9.64
N ASP B 73 -29.86 2.53 -8.94
CA ASP B 73 -29.00 1.88 -7.97
C ASP B 73 -28.97 0.38 -8.22
N LEU B 74 -27.76 -0.19 -8.23
CA LEU B 74 -27.59 -1.55 -8.69
C LEU B 74 -27.93 -2.54 -7.58
N THR B 75 -27.78 -2.13 -6.32
CA THR B 75 -27.89 -3.05 -5.20
C THR B 75 -29.27 -3.70 -5.13
N ALA B 76 -30.29 -3.05 -5.69
CA ALA B 76 -31.67 -3.51 -5.65
C ALA B 76 -31.91 -4.77 -6.48
N LEU B 77 -31.16 -4.97 -7.56
CA LEU B 77 -31.40 -6.10 -8.45
C LEU B 77 -31.28 -7.44 -7.74
N SER B 78 -32.28 -8.31 -7.95
CA SER B 78 -32.45 -9.50 -7.12
C SER B 78 -31.24 -10.44 -7.20
N TYR B 79 -30.65 -10.57 -8.39
CA TYR B 79 -29.41 -11.31 -8.57
C TYR B 79 -28.29 -10.32 -8.85
N LEU B 80 -27.28 -10.33 -7.99
CA LEU B 80 -26.17 -9.40 -8.09
C LEU B 80 -24.98 -10.17 -8.63
N HIS B 81 -24.56 -9.85 -9.85
CA HIS B 81 -23.32 -10.43 -10.36
C HIS B 81 -22.82 -9.60 -11.53
N GLU B 82 -21.56 -9.85 -11.86
CA GLU B 82 -20.78 -8.94 -12.70
C GLU B 82 -21.45 -8.66 -14.04
N PRO B 83 -21.97 -9.63 -14.77
CA PRO B 83 -22.59 -9.30 -16.06
C PRO B 83 -23.88 -8.54 -15.93
N ALA B 84 -24.64 -8.72 -14.84
CA ALA B 84 -25.82 -7.89 -14.64
C ALA B 84 -25.44 -6.43 -14.39
N VAL B 85 -24.42 -6.20 -13.56
CA VAL B 85 -23.95 -4.85 -13.30
C VAL B 85 -23.45 -4.20 -14.58
N LEU B 86 -22.57 -4.89 -15.30
CA LEU B 86 -22.05 -4.37 -16.55
C LEU B 86 -23.16 -4.19 -17.58
N HIS B 87 -24.22 -4.97 -17.47
CA HIS B 87 -25.38 -4.76 -18.32
C HIS B 87 -26.09 -3.45 -18.00
N ASN B 88 -26.40 -3.22 -16.73
CA ASN B 88 -27.06 -1.97 -16.36
C ASN B 88 -26.24 -0.77 -16.80
N LEU B 89 -24.94 -0.81 -16.54
CA LEU B 89 -24.07 0.30 -16.89
C LEU B 89 -24.00 0.53 -18.40
N LYS B 90 -23.92 -0.54 -19.19
CA LYS B 90 -24.11 -0.38 -20.63
C LYS B 90 -25.42 0.27 -20.98
N VAL B 91 -26.56 -0.24 -20.49
CA VAL B 91 -27.81 0.22 -21.06
C VAL B 91 -28.02 1.67 -20.69
N ARG B 92 -27.83 2.01 -19.42
CA ARG B 92 -28.15 3.35 -18.96
C ARG B 92 -27.15 4.38 -19.44
N PHE B 93 -25.87 4.00 -19.60
CA PHE B 93 -24.91 4.93 -20.17
C PHE B 93 -25.11 5.13 -21.67
N ILE B 94 -25.20 4.05 -22.44
CA ILE B 94 -25.28 4.21 -23.90
C ILE B 94 -26.67 4.63 -24.36
N ASP B 95 -27.71 3.86 -24.01
CA ASP B 95 -29.06 4.21 -24.45
C ASP B 95 -29.73 5.31 -23.63
N SER B 96 -29.77 5.19 -22.31
CA SER B 96 -30.36 6.27 -21.51
C SER B 96 -29.47 7.49 -21.42
N LYS B 97 -28.16 7.32 -21.57
CA LYS B 97 -27.20 8.41 -21.46
C LYS B 97 -27.19 9.04 -20.07
N LEU B 98 -27.32 8.20 -19.05
CA LEU B 98 -27.05 8.61 -17.67
C LEU B 98 -25.71 8.04 -17.24
N ILE B 99 -24.86 8.89 -16.69
CA ILE B 99 -23.53 8.49 -16.25
C ILE B 99 -23.52 8.04 -14.79
N TYR B 100 -24.23 8.74 -13.92
CA TYR B 100 -24.06 8.52 -12.49
C TYR B 100 -24.89 7.34 -12.02
N THR B 101 -24.32 6.57 -11.10
CA THR B 101 -24.92 5.34 -10.64
C THR B 101 -24.47 5.10 -9.21
N TYR B 102 -25.21 4.29 -8.47
CA TYR B 102 -25.01 4.14 -7.04
C TYR B 102 -24.76 2.68 -6.73
N CYS B 103 -23.84 2.41 -5.81
CA CYS B 103 -23.60 1.07 -5.32
C CYS B 103 -23.42 1.23 -3.80
N GLY B 104 -24.45 0.89 -3.05
CA GLY B 104 -24.47 1.35 -1.67
C GLY B 104 -24.24 2.84 -1.60
N ILE B 105 -23.38 3.27 -0.67
CA ILE B 105 -23.02 4.67 -0.57
C ILE B 105 -22.18 5.13 -1.76
N VAL B 106 -21.46 4.21 -2.40
CA VAL B 106 -20.55 4.61 -3.47
C VAL B 106 -21.34 5.29 -4.58
N LEU B 107 -20.93 6.48 -4.95
CA LEU B 107 -21.29 7.01 -6.26
C LEU B 107 -20.38 6.42 -7.32
N VAL B 108 -20.92 6.25 -8.52
CA VAL B 108 -20.15 5.78 -9.66
C VAL B 108 -20.33 6.75 -10.81
N ALA B 109 -19.24 7.05 -11.51
CA ALA B 109 -19.35 7.93 -12.67
C ALA B 109 -18.52 7.36 -13.79
N ILE B 110 -19.11 7.22 -14.97
CA ILE B 110 -18.36 6.95 -16.20
C ILE B 110 -17.99 8.28 -16.82
N ASN B 111 -16.71 8.49 -17.04
CA ASN B 111 -16.25 9.56 -17.91
C ASN B 111 -16.86 9.47 -19.29
N PRO B 112 -17.64 10.46 -19.73
CA PRO B 112 -18.12 10.46 -21.11
C PRO B 112 -17.11 10.94 -22.15
N TYR B 113 -16.07 11.68 -21.76
CA TYR B 113 -15.32 12.49 -22.73
C TYR B 113 -16.20 13.47 -23.49
N GLU B 114 -17.30 13.91 -22.88
CA GLU B 114 -18.27 14.70 -23.63
C GLU B 114 -19.05 15.53 -22.64
N GLN B 115 -19.38 16.76 -23.04
CA GLN B 115 -20.08 17.64 -22.13
C GLN B 115 -21.56 17.31 -22.06
N LEU B 116 -22.18 17.74 -20.97
CA LEU B 116 -23.52 17.30 -20.62
C LEU B 116 -24.24 18.47 -19.95
N PRO B 117 -25.58 18.46 -19.92
CA PRO B 117 -26.30 19.53 -19.24
C PRO B 117 -26.30 19.41 -17.72
N ILE B 118 -25.88 18.27 -17.19
CA ILE B 118 -26.21 17.85 -15.83
C ILE B 118 -25.57 18.68 -14.74
N TYR B 119 -24.60 19.52 -15.06
CA TYR B 119 -23.84 20.27 -14.07
C TYR B 119 -24.40 21.67 -13.83
N GLY B 120 -25.45 22.06 -14.55
CA GLY B 120 -25.94 23.43 -14.53
C GLY B 120 -26.67 23.85 -13.27
N GLU B 121 -26.75 25.18 -13.13
CA GLU B 121 -27.36 25.84 -11.98
C GLU B 121 -28.78 25.38 -11.71
N ASP B 122 -29.55 25.12 -12.77
CA ASP B 122 -30.88 24.57 -12.62
C ASP B 122 -30.86 23.20 -11.96
N ILE B 123 -29.85 22.39 -12.25
CA ILE B 123 -29.67 21.13 -11.55
C ILE B 123 -29.22 21.36 -10.12
N ILE B 124 -28.43 22.41 -9.88
CA ILE B 124 -28.06 22.75 -8.52
C ILE B 124 -29.29 23.06 -7.68
N ASN B 125 -30.21 23.86 -8.25
CA ASN B 125 -31.53 24.05 -7.67
C ASN B 125 -32.25 22.73 -7.45
N ALA B 126 -32.29 21.89 -8.49
CA ALA B 126 -33.03 20.64 -8.45
C ALA B 126 -32.60 19.72 -7.31
N TYR B 127 -31.29 19.58 -7.08
CA TYR B 127 -30.83 18.71 -6.00
C TYR B 127 -30.87 19.37 -4.63
N SER B 128 -30.66 20.67 -4.52
CA SER B 128 -30.49 21.31 -3.22
C SER B 128 -31.79 21.20 -2.43
N GLY B 129 -31.71 20.65 -1.23
CA GLY B 129 -32.86 20.27 -0.45
C GLY B 129 -33.20 18.79 -0.47
N GLN B 130 -32.84 18.08 -1.54
CA GLN B 130 -33.25 16.68 -1.67
C GLN B 130 -32.40 15.78 -0.77
N ASN B 131 -32.94 14.61 -0.42
CA ASN B 131 -32.18 13.55 0.23
C ASN B 131 -31.89 12.43 -0.76
N MET B 132 -31.10 11.43 -0.31
CA MET B 132 -30.66 10.38 -1.23
C MET B 132 -31.81 9.55 -1.80
N GLY B 133 -32.93 9.44 -1.08
CA GLY B 133 -34.09 8.80 -1.67
C GLY B 133 -34.70 9.61 -2.79
N ASP B 134 -34.64 10.93 -2.68
CA ASP B 134 -35.49 11.82 -3.46
C ASP B 134 -35.24 11.72 -4.96
N MET B 135 -34.00 11.52 -5.36
CA MET B 135 -33.62 11.76 -6.75
C MET B 135 -32.75 10.63 -7.29
N ASP B 136 -32.63 10.64 -8.60
CA ASP B 136 -31.53 10.03 -9.33
C ASP B 136 -30.19 10.52 -8.83
N PRO B 137 -29.16 9.67 -8.88
CA PRO B 137 -27.82 10.10 -8.48
C PRO B 137 -27.23 11.16 -9.38
N HIS B 138 -26.49 12.07 -8.76
CA HIS B 138 -25.59 12.96 -9.46
C HIS B 138 -24.58 13.41 -8.41
N ILE B 139 -23.43 13.91 -8.85
CA ILE B 139 -22.38 14.28 -7.91
C ILE B 139 -22.90 15.30 -6.90
N PHE B 140 -23.83 16.14 -7.32
CA PHE B 140 -24.43 17.07 -6.38
C PHE B 140 -25.27 16.33 -5.34
N ALA B 141 -25.79 15.14 -5.66
CA ALA B 141 -26.55 14.39 -4.68
C ALA B 141 -25.69 13.90 -3.53
N VAL B 142 -24.40 13.61 -3.77
CA VAL B 142 -23.48 13.35 -2.67
C VAL B 142 -23.10 14.65 -1.97
N ALA B 143 -22.79 15.69 -2.74
CA ALA B 143 -22.37 16.94 -2.12
C ALA B 143 -23.42 17.49 -1.17
N GLU B 144 -24.70 17.26 -1.48
CA GLU B 144 -25.76 17.68 -0.58
C GLU B 144 -25.95 16.76 0.62
N GLU B 145 -25.52 15.50 0.56
CA GLU B 145 -25.48 14.73 1.80
C GLU B 145 -24.34 15.22 2.69
N ALA B 146 -23.18 15.47 2.10
CA ALA B 146 -22.09 16.02 2.88
C ALA B 146 -22.54 17.29 3.60
N TYR B 147 -23.25 18.15 2.89
CA TYR B 147 -23.73 19.39 3.47
C TYR B 147 -24.80 19.15 4.53
N LYS B 148 -25.67 18.15 4.33
CA LYS B 148 -26.66 17.82 5.35
C LYS B 148 -26.04 17.24 6.61
N GLN B 149 -25.08 16.34 6.48
CA GLN B 149 -24.39 15.82 7.66
C GLN B 149 -23.62 16.89 8.41
N MET B 150 -22.97 17.80 7.67
CA MET B 150 -22.31 18.92 8.32
C MET B 150 -23.30 19.86 9.01
N ALA B 151 -24.52 19.97 8.49
CA ALA B 151 -25.53 20.71 9.24
C ALA B 151 -26.01 19.95 10.48
N ARG B 152 -26.21 18.64 10.36
CA ARG B 152 -26.64 17.84 11.50
C ARG B 152 -25.65 17.89 12.65
N ASP B 153 -24.36 17.77 12.37
CA ASP B 153 -23.35 17.69 13.41
C ASP B 153 -22.22 18.67 13.09
N GLU B 154 -21.51 19.09 14.14
CA GLU B 154 -20.25 19.77 13.92
C GLU B 154 -19.30 18.92 13.08
N ARG B 155 -19.54 17.61 13.05
CA ARG B 155 -18.59 16.68 12.45
C ARG B 155 -18.34 17.01 10.99
N ASN B 156 -17.07 17.03 10.62
CA ASN B 156 -16.65 17.28 9.26
C ASN B 156 -17.02 16.11 8.36
N GLN B 157 -17.10 16.39 7.06
CA GLN B 157 -17.40 15.36 6.08
C GLN B 157 -16.33 15.42 5.00
N SER B 158 -16.02 14.25 4.44
CA SER B 158 -15.01 14.12 3.41
C SER B 158 -15.58 13.46 2.18
N ILE B 159 -14.99 13.80 1.04
CA ILE B 159 -15.39 13.26 -0.25
C ILE B 159 -14.12 12.73 -0.90
N ILE B 160 -14.16 11.49 -1.35
CA ILE B 160 -12.97 10.75 -1.71
C ILE B 160 -13.16 10.23 -3.12
N VAL B 161 -12.17 10.43 -3.97
CA VAL B 161 -12.31 10.28 -5.40
C VAL B 161 -11.21 9.34 -5.87
N SER B 162 -11.54 8.44 -6.78
CA SER B 162 -10.59 7.40 -7.16
C SER B 162 -10.84 6.96 -8.59
N GLY B 163 -9.76 6.53 -9.24
CA GLY B 163 -9.88 5.95 -10.56
C GLY B 163 -8.49 5.71 -11.13
N GLU B 164 -8.47 5.23 -12.36
CA GLU B 164 -7.27 5.42 -13.15
C GLU B 164 -7.19 6.89 -13.55
N SER B 165 -6.01 7.31 -13.99
CA SER B 165 -5.88 8.65 -14.54
C SER B 165 -6.65 8.78 -15.85
N GLY B 166 -7.18 9.99 -16.07
CA GLY B 166 -8.13 10.25 -17.13
C GLY B 166 -9.53 9.79 -16.87
N ALA B 167 -9.83 9.30 -15.67
CA ALA B 167 -11.20 9.04 -15.25
C ALA B 167 -11.94 10.29 -14.81
N GLY B 168 -11.27 11.43 -14.76
CA GLY B 168 -11.93 12.67 -14.43
C GLY B 168 -12.08 12.96 -12.95
N LYS B 169 -11.15 12.48 -12.12
CA LYS B 169 -11.22 12.75 -10.69
C LYS B 169 -11.29 14.24 -10.45
N THR B 170 -10.50 14.97 -11.21
CA THR B 170 -10.39 16.42 -11.06
C THR B 170 -11.69 17.13 -11.44
N VAL B 171 -12.25 16.81 -12.59
CA VAL B 171 -13.50 17.45 -12.99
C VAL B 171 -14.62 17.11 -12.03
N SER B 172 -14.63 15.89 -11.51
CA SER B 172 -15.63 15.51 -10.53
C SER B 172 -15.51 16.33 -9.25
N ALA B 173 -14.30 16.45 -8.70
CA ALA B 173 -14.10 17.31 -7.54
C ALA B 173 -14.45 18.77 -7.85
N LYS B 174 -14.05 19.24 -9.03
CA LYS B 174 -14.33 20.61 -9.45
C LYS B 174 -15.80 20.94 -9.38
N TYR B 175 -16.64 20.13 -10.01
CA TYR B 175 -18.07 20.36 -9.88
C TYR B 175 -18.55 20.14 -8.46
N ALA B 176 -17.94 19.18 -7.75
CA ALA B 176 -18.38 18.88 -6.40
C ALA B 176 -18.31 20.12 -5.53
N MET B 177 -17.24 20.90 -5.67
CA MET B 177 -17.12 22.12 -4.89
C MET B 177 -17.91 23.27 -5.51
N ARG B 178 -18.06 23.31 -6.84
CA ARG B 178 -18.90 24.34 -7.46
C ARG B 178 -20.31 24.30 -6.90
N TYR B 179 -20.79 23.11 -6.57
CA TYR B 179 -22.06 22.99 -5.85
C TYR B 179 -22.03 23.72 -4.51
N PHE B 180 -20.95 23.58 -3.74
CA PHE B 180 -20.85 24.38 -2.51
C PHE B 180 -20.87 25.86 -2.83
N ALA B 181 -20.06 26.29 -3.79
CA ALA B 181 -19.97 27.71 -4.07
C ALA B 181 -21.33 28.28 -4.43
N THR B 182 -22.11 27.56 -5.23
CA THR B 182 -23.43 28.04 -5.62
C THR B 182 -24.46 27.98 -4.48
N VAL B 183 -24.42 26.95 -3.64
CA VAL B 183 -25.35 26.95 -2.52
C VAL B 183 -25.00 28.03 -1.50
N SER B 184 -23.73 28.09 -1.09
CA SER B 184 -23.37 28.97 0.02
C SER B 184 -23.01 30.36 -0.43
N GLY B 185 -22.52 30.53 -1.66
CA GLY B 185 -21.98 31.80 -2.09
C GLY B 185 -20.61 32.08 -1.54
N ALA B 190 -16.14 31.39 -2.42
CA ALA B 190 -16.00 32.76 -1.97
C ALA B 190 -15.00 33.52 -2.84
N ASN B 191 -15.08 33.26 -4.16
CA ASN B 191 -13.94 33.37 -5.06
C ASN B 191 -12.78 32.50 -4.58
N VAL B 192 -13.11 31.45 -3.83
CA VAL B 192 -12.23 30.30 -3.72
C VAL B 192 -12.16 29.54 -5.03
N GLU B 193 -13.32 29.22 -5.60
CA GLU B 193 -13.36 28.25 -6.68
C GLU B 193 -12.58 28.76 -7.90
N GLU B 194 -12.57 30.06 -8.14
CA GLU B 194 -11.68 30.59 -9.17
C GLU B 194 -10.22 30.32 -8.81
N LYS B 195 -9.84 30.57 -7.57
CA LYS B 195 -8.45 30.37 -7.19
C LYS B 195 -8.07 28.89 -7.24
N VAL B 196 -8.92 28.03 -6.70
CA VAL B 196 -8.62 26.61 -6.72
C VAL B 196 -8.45 26.13 -8.15
N LEU B 197 -9.35 26.54 -9.04
CA LEU B 197 -9.25 26.14 -10.43
C LEU B 197 -8.15 26.87 -11.19
N ALA B 198 -7.58 27.93 -10.63
CA ALA B 198 -6.35 28.51 -11.15
C ALA B 198 -5.08 27.91 -10.57
N SER B 199 -5.18 27.12 -9.51
CA SER B 199 -4.00 26.45 -8.95
C SER B 199 -3.55 25.28 -9.80
N ASN B 200 -4.46 24.70 -10.58
CA ASN B 200 -4.19 23.38 -11.16
C ASN B 200 -3.04 23.34 -12.15
N PRO B 201 -2.84 24.31 -13.04
CA PRO B 201 -1.69 24.22 -13.96
C PRO B 201 -0.34 23.96 -13.30
N ILE B 202 -0.03 24.61 -12.18
CA ILE B 202 1.29 24.38 -11.59
C ILE B 202 1.34 23.03 -10.90
N MET B 203 0.30 22.62 -10.18
CA MET B 203 0.36 21.33 -9.54
C MET B 203 0.30 20.18 -10.52
N GLU B 204 -0.34 20.34 -11.67
CA GLU B 204 -0.05 19.42 -12.78
C GLU B 204 1.43 19.43 -13.13
N SER B 205 2.04 20.62 -13.28
CA SER B 205 3.38 20.64 -13.84
C SER B 205 4.41 20.01 -12.89
N ILE B 206 4.37 20.37 -11.62
CA ILE B 206 5.24 19.77 -10.60
C ILE B 206 4.79 18.37 -10.19
N GLY B 207 3.51 18.05 -10.28
CA GLY B 207 3.03 16.83 -9.67
C GLY B 207 2.72 15.65 -10.56
N ASN B 208 2.57 15.85 -11.86
CA ASN B 208 2.14 14.78 -12.75
C ASN B 208 3.25 14.34 -13.68
N ALA B 209 3.13 13.11 -14.14
CA ALA B 209 4.10 12.50 -15.04
C ALA B 209 3.38 11.84 -16.21
N LYS B 210 4.14 11.59 -17.28
CA LYS B 210 3.80 10.58 -18.26
C LYS B 210 4.14 9.19 -17.76
N THR B 211 3.24 8.25 -18.03
CA THR B 211 3.42 6.87 -17.60
C THR B 211 3.03 5.96 -18.75
N THR B 212 3.47 4.71 -18.71
CA THR B 212 3.31 3.80 -19.84
C THR B 212 1.88 3.79 -20.37
N ARG B 213 0.90 3.74 -19.47
CA ARG B 213 -0.50 3.73 -19.86
C ARG B 213 -1.18 5.10 -19.88
N ASN B 214 -0.48 6.19 -19.58
CA ASN B 214 -1.18 7.48 -19.54
C ASN B 214 -0.22 8.64 -19.71
N ASP B 215 -0.78 9.75 -20.16
CA ASP B 215 -0.15 11.06 -20.02
C ASP B 215 -0.83 11.81 -18.90
N ASN B 216 -0.08 12.68 -18.21
CA ASN B 216 -0.62 13.44 -17.09
C ASN B 216 -1.22 12.51 -16.05
N SER B 217 -0.50 11.45 -15.72
CA SER B 217 -0.83 10.71 -14.52
C SER B 217 -0.49 11.54 -13.30
N SER B 218 -1.39 11.55 -12.32
CA SER B 218 -1.10 12.18 -11.04
C SER B 218 -0.43 11.20 -10.10
N ARG B 219 0.68 11.62 -9.52
CA ARG B 219 1.51 10.73 -8.72
C ARG B 219 1.41 11.04 -7.24
N PHE B 220 0.37 11.75 -6.82
CA PHE B 220 0.27 12.17 -5.43
C PHE B 220 -1.19 12.37 -5.04
N GLY B 221 -1.47 12.27 -3.75
CA GLY B 221 -2.78 12.58 -3.22
C GLY B 221 -2.86 14.06 -2.89
N LYS B 222 -3.96 14.69 -3.28
CA LYS B 222 -4.15 16.12 -3.10
C LYS B 222 -5.47 16.35 -2.38
N TYR B 223 -5.41 17.00 -1.23
CA TYR B 223 -6.57 17.23 -0.38
C TYR B 223 -6.82 18.72 -0.30
N ILE B 224 -8.03 19.15 -0.66
CA ILE B 224 -8.45 20.54 -0.54
C ILE B 224 -9.47 20.58 0.59
N GLU B 225 -9.11 21.17 1.72
CA GLU B 225 -10.07 21.36 2.80
C GLU B 225 -10.84 22.65 2.56
N ILE B 226 -12.11 22.52 2.19
CA ILE B 226 -12.99 23.68 2.09
C ILE B 226 -13.55 23.97 3.46
N GLY B 227 -13.27 25.15 3.99
CA GLY B 227 -13.65 25.51 5.34
C GLY B 227 -14.90 26.37 5.36
N PHE B 228 -15.74 26.15 6.36
CA PHE B 228 -16.94 26.94 6.53
C PHE B 228 -16.92 27.69 7.86
N ASP B 229 -17.49 28.89 7.82
CA ASP B 229 -17.91 29.67 8.97
C ASP B 229 -19.29 29.23 9.44
N LYS B 230 -19.68 29.71 10.64
CA LYS B 230 -20.89 29.21 11.29
C LYS B 230 -22.11 29.27 10.38
N ARG B 231 -22.17 30.26 9.49
CA ARG B 231 -23.31 30.39 8.60
C ARG B 231 -23.23 29.42 7.44
N TYR B 232 -22.15 28.65 7.37
CA TYR B 232 -21.84 27.79 6.23
C TYR B 232 -21.84 28.56 4.93
N ARG B 233 -21.32 29.78 4.98
CA ARG B 233 -20.76 30.38 3.79
C ARG B 233 -19.28 30.00 3.77
N ILE B 234 -18.69 29.99 2.59
CA ILE B 234 -17.33 29.48 2.45
C ILE B 234 -16.32 30.55 2.86
N ILE B 235 -15.33 30.13 3.63
CA ILE B 235 -14.29 31.03 4.12
C ILE B 235 -13.14 31.15 3.13
N GLY B 236 -12.77 30.04 2.52
CA GLY B 236 -11.44 29.85 2.01
C GLY B 236 -11.14 28.37 1.88
N ALA B 237 -9.88 28.06 1.59
CA ALA B 237 -9.44 26.70 1.53
C ALA B 237 -8.06 26.53 2.12
N ASN B 238 -7.77 25.31 2.54
CA ASN B 238 -6.42 24.89 2.90
C ASN B 238 -6.09 23.70 2.03
N MET B 239 -4.85 23.64 1.54
CA MET B 239 -4.43 22.54 0.67
C MET B 239 -3.30 21.73 1.28
N ARG B 240 -3.39 20.42 1.14
CA ARG B 240 -2.36 19.50 1.59
C ARG B 240 -2.04 18.54 0.45
N THR B 241 -0.89 17.88 0.55
CA THR B 241 -0.52 16.88 -0.43
C THR B 241 0.19 15.75 0.28
N TYR B 242 -0.04 14.54 -0.19
CA TYR B 242 0.49 13.35 0.43
C TYR B 242 1.05 12.44 -0.65
N LEU B 243 1.84 11.46 -0.23
CA LEU B 243 2.16 10.33 -1.07
C LEU B 243 2.89 10.72 -2.35
N LEU B 244 3.56 11.87 -2.37
CA LEU B 244 4.34 12.23 -3.54
C LEU B 244 5.40 11.19 -3.83
N GLU B 245 5.49 10.81 -5.10
CA GLU B 245 6.31 9.69 -5.59
C GLU B 245 7.73 10.17 -5.91
N LYS B 246 8.56 10.24 -4.87
CA LYS B 246 9.87 10.88 -5.01
C LYS B 246 10.79 10.19 -6.00
N SER B 247 10.82 8.86 -6.01
CA SER B 247 11.82 8.14 -6.79
C SER B 247 11.77 8.43 -8.27
N ARG B 248 10.61 8.85 -8.77
CA ARG B 248 10.50 9.19 -10.19
C ARG B 248 11.43 10.31 -10.61
N VAL B 249 11.82 11.20 -9.68
CA VAL B 249 12.66 12.33 -10.05
C VAL B 249 13.97 11.87 -10.67
N VAL B 250 14.51 10.74 -10.22
CA VAL B 250 15.86 10.33 -10.63
C VAL B 250 15.87 9.11 -11.53
N PHE B 251 14.73 8.45 -11.72
CA PHE B 251 14.73 7.16 -12.39
C PHE B 251 13.39 6.95 -13.06
N GLN B 252 13.43 6.56 -14.34
CA GLN B 252 12.24 6.20 -15.09
C GLN B 252 12.39 4.80 -15.65
N ALA B 253 11.32 4.03 -15.60
CA ALA B 253 11.22 2.89 -16.49
C ALA B 253 11.02 3.37 -17.93
N GLU B 254 11.29 2.47 -18.87
CA GLU B 254 11.10 2.76 -20.29
C GLU B 254 9.73 3.34 -20.60
N GLU B 255 9.71 4.32 -21.49
CA GLU B 255 8.49 5.03 -21.90
C GLU B 255 7.83 5.79 -20.76
N GLU B 256 8.61 6.29 -19.80
CA GLU B 256 8.10 7.28 -18.87
C GLU B 256 8.93 8.55 -18.94
N ARG B 257 8.30 9.68 -18.66
CA ARG B 257 9.04 10.91 -18.44
C ARG B 257 9.27 11.14 -16.96
N ASN B 258 10.21 12.02 -16.67
CA ASN B 258 10.31 12.72 -15.39
C ASN B 258 9.18 13.75 -15.27
N TYR B 259 8.96 14.22 -14.04
CA TYR B 259 7.91 15.20 -13.77
C TYR B 259 7.94 16.36 -14.76
N HIS B 260 6.76 16.75 -15.25
CA HIS B 260 6.66 17.56 -16.47
C HIS B 260 7.50 18.82 -16.44
N ILE B 261 7.65 19.42 -15.26
CA ILE B 261 8.33 20.70 -15.16
C ILE B 261 9.71 20.65 -15.78
N PHE B 262 10.43 19.53 -15.62
CA PHE B 262 11.74 19.44 -16.23
C PHE B 262 11.67 19.61 -17.74
N TYR B 263 10.68 19.00 -18.38
CA TYR B 263 10.65 19.07 -19.82
C TYR B 263 10.12 20.41 -20.32
N GLN B 264 9.17 21.00 -19.60
CA GLN B 264 8.76 22.36 -19.93
C GLN B 264 9.94 23.31 -19.84
N LEU B 265 10.73 23.19 -18.78
CA LEU B 265 11.89 24.05 -18.60
C LEU B 265 12.92 23.85 -19.70
N CYS B 266 13.26 22.59 -20.00
CA CYS B 266 14.22 22.34 -21.07
C CYS B 266 13.76 22.90 -22.41
N ALA B 267 12.50 22.72 -22.76
CA ALA B 267 12.01 23.30 -24.02
C ALA B 267 12.15 24.82 -24.06
N SER B 268 11.90 25.47 -22.93
CA SER B 268 12.05 26.93 -22.82
C SER B 268 13.47 27.42 -23.07
N ALA B 269 14.48 26.55 -22.91
CA ALA B 269 15.85 26.98 -22.66
C ALA B 269 16.38 28.02 -23.65
N ALA B 270 15.90 28.03 -24.88
CA ALA B 270 16.29 29.10 -25.80
C ALA B 270 15.83 30.50 -25.39
N LEU B 271 14.91 30.64 -24.43
CA LEU B 271 14.33 31.93 -24.10
C LEU B 271 15.27 32.84 -23.30
N PRO B 272 15.05 34.16 -23.37
CA PRO B 272 16.05 35.12 -22.85
C PRO B 272 16.43 34.96 -21.39
N GLU B 273 15.46 34.80 -20.49
CA GLU B 273 15.77 34.68 -19.06
C GLU B 273 16.58 33.43 -18.78
N PHE B 274 16.21 32.33 -19.42
CA PHE B 274 16.79 31.03 -19.10
C PHE B 274 18.17 30.84 -19.72
N LYS B 275 18.61 31.78 -20.56
CA LYS B 275 19.97 31.74 -21.09
C LYS B 275 21.01 31.56 -19.99
N THR B 276 20.84 32.26 -18.87
CA THR B 276 21.75 32.12 -17.74
C THR B 276 22.01 30.67 -17.37
N LEU B 277 20.98 29.83 -17.48
CA LEU B 277 21.04 28.48 -16.93
C LEU B 277 21.90 27.54 -17.76
N ARG B 278 22.19 27.87 -19.01
CA ARG B 278 22.92 26.98 -19.92
C ARG B 278 22.22 25.64 -20.08
N LEU B 279 20.90 25.63 -20.00
CA LEU B 279 20.14 24.40 -20.19
C LEU B 279 20.41 23.81 -21.58
N GLY B 280 20.60 22.49 -21.61
CA GLY B 280 20.68 21.76 -22.86
C GLY B 280 19.32 21.48 -23.46
N ASN B 281 19.33 20.69 -24.53
CA ASN B 281 18.11 20.09 -25.04
C ASN B 281 17.64 18.99 -24.09
N ALA B 282 16.38 18.56 -24.28
CA ALA B 282 15.70 17.71 -23.32
C ALA B 282 16.41 16.39 -23.07
N ASN B 283 17.28 15.93 -23.96
CA ASN B 283 17.98 14.67 -23.73
C ASN B 283 19.46 14.90 -23.47
N TYR B 284 19.83 16.12 -23.11
CA TYR B 284 21.20 16.41 -22.71
C TYR B 284 21.51 15.93 -21.29
N PHE B 285 20.50 15.83 -20.43
CA PHE B 285 20.69 15.64 -19.00
C PHE B 285 20.33 14.22 -18.59
N HIS B 286 21.16 13.65 -17.72
CA HIS B 286 20.96 12.29 -17.25
C HIS B 286 19.60 12.03 -16.61
N TYR B 287 19.04 13.00 -15.89
CA TYR B 287 17.72 12.73 -15.30
C TYR B 287 16.57 12.77 -16.30
N THR B 288 16.64 13.60 -17.32
CA THR B 288 15.59 13.58 -18.33
C THR B 288 15.69 12.39 -19.28
N LYS B 289 16.89 11.92 -19.57
CA LYS B 289 17.15 11.13 -20.75
C LYS B 289 16.69 9.69 -20.62
N GLN B 290 16.81 9.12 -19.42
CA GLN B 290 16.69 7.67 -19.26
C GLN B 290 15.37 7.11 -19.80
N GLY B 291 14.26 7.83 -19.62
CA GLY B 291 13.00 7.23 -19.99
C GLY B 291 12.84 6.87 -21.45
N GLY B 292 13.56 7.54 -22.34
CA GLY B 292 13.49 7.22 -23.74
C GLY B 292 12.64 8.17 -24.56
N SER B 293 11.66 8.83 -23.94
CA SER B 293 10.57 9.47 -24.68
C SER B 293 10.45 10.93 -24.30
N PRO B 294 11.22 11.81 -24.95
CA PRO B 294 11.13 13.23 -24.63
C PRO B 294 9.80 13.88 -24.99
N VAL B 295 9.16 13.47 -26.09
CA VAL B 295 8.03 14.20 -26.63
C VAL B 295 6.73 13.50 -26.28
N ILE B 296 5.96 14.12 -25.37
CA ILE B 296 4.58 13.75 -25.17
C ILE B 296 3.82 13.99 -26.47
N ASP B 297 2.86 13.12 -26.77
CA ASP B 297 2.03 13.32 -27.94
C ASP B 297 1.33 14.66 -27.94
N GLY B 298 1.33 15.31 -29.10
CA GLY B 298 0.40 16.40 -29.37
C GLY B 298 0.40 17.58 -28.44
N ILE B 299 1.48 17.84 -27.69
CA ILE B 299 1.47 18.89 -26.69
C ILE B 299 2.67 19.80 -26.90
N ASP B 300 2.45 21.11 -26.76
CA ASP B 300 3.50 22.11 -26.75
C ASP B 300 4.02 22.28 -25.33
N ASP B 301 5.17 21.68 -25.04
CA ASP B 301 5.88 21.99 -23.81
C ASP B 301 6.15 23.49 -23.69
N ALA B 302 6.63 24.09 -24.77
CA ALA B 302 6.99 25.51 -24.76
C ALA B 302 5.81 26.40 -24.39
N LYS B 303 4.62 26.12 -24.90
CA LYS B 303 3.46 26.88 -24.43
C LYS B 303 3.07 26.51 -23.02
N GLU B 304 3.13 25.21 -22.69
CA GLU B 304 2.59 24.79 -21.41
C GLU B 304 3.37 25.42 -20.27
N MET B 305 4.67 25.65 -20.47
CA MET B 305 5.45 26.44 -19.53
C MET B 305 4.80 27.80 -19.28
N VAL B 306 4.41 28.47 -20.36
CA VAL B 306 3.88 29.82 -20.25
C VAL B 306 2.58 29.82 -19.47
N ASN B 307 1.71 28.84 -19.74
CA ASN B 307 0.50 28.78 -18.93
C ASN B 307 0.80 28.44 -17.47
N THR B 308 1.86 27.67 -17.21
CA THR B 308 2.30 27.44 -15.84
C THR B 308 2.70 28.74 -15.16
N ARG B 309 3.54 29.52 -15.81
CA ARG B 309 3.98 30.78 -15.21
C ARG B 309 2.80 31.73 -15.02
N GLN B 310 1.91 31.78 -16.01
CA GLN B 310 0.75 32.66 -15.89
C GLN B 310 -0.08 32.30 -14.67
N ALA B 311 -0.33 31.00 -14.45
CA ALA B 311 -1.13 30.63 -13.28
C ALA B 311 -0.37 30.87 -11.98
N CYS B 312 0.95 30.66 -11.98
CA CYS B 312 1.72 30.98 -10.79
C CYS B 312 1.62 32.46 -10.44
N THR B 313 1.64 33.32 -11.46
CA THR B 313 1.47 34.76 -11.24
C THR B 313 0.08 35.05 -10.72
N LEU B 314 -0.92 34.35 -11.23
CA LEU B 314 -2.30 34.57 -10.80
C LEU B 314 -2.51 34.16 -9.35
N LEU B 315 -1.73 33.22 -8.83
CA LEU B 315 -1.79 32.99 -7.39
C LEU B 315 -0.75 33.79 -6.61
N GLY B 316 0.03 34.63 -7.27
CA GLY B 316 0.73 35.70 -6.61
C GLY B 316 2.07 35.36 -6.03
N ILE B 317 2.69 34.28 -6.49
CA ILE B 317 4.14 34.13 -6.40
C ILE B 317 4.78 35.16 -7.31
N SER B 318 5.66 35.99 -6.74
CA SER B 318 6.32 37.05 -7.50
C SER B 318 7.16 36.47 -8.62
N ASP B 319 7.38 37.29 -9.65
CA ASP B 319 8.27 36.95 -10.74
C ASP B 319 9.74 36.81 -10.32
N SER B 320 10.11 37.22 -9.12
CA SER B 320 11.41 36.88 -8.58
C SER B 320 11.49 35.41 -8.18
N TYR B 321 10.50 34.93 -7.43
CA TYR B 321 10.54 33.55 -7.01
C TYR B 321 10.43 32.57 -8.17
N GLN B 322 9.66 32.91 -9.21
CA GLN B 322 9.61 32.02 -10.36
C GLN B 322 10.98 31.81 -11.01
N MET B 323 11.79 32.87 -11.09
CA MET B 323 13.17 32.68 -11.55
C MET B 323 14.03 31.97 -10.54
N GLY B 324 13.70 32.05 -9.25
CA GLY B 324 14.37 31.19 -8.28
C GLY B 324 14.06 29.73 -8.54
N ILE B 325 12.78 29.42 -8.68
CA ILE B 325 12.35 28.04 -8.90
C ILE B 325 13.03 27.46 -10.11
N PHE B 326 13.03 28.20 -11.22
CA PHE B 326 13.68 27.67 -12.41
C PHE B 326 15.19 27.55 -12.25
N ARG B 327 15.85 28.47 -11.53
CA ARG B 327 17.25 28.24 -11.19
C ARG B 327 17.45 26.91 -10.48
N ILE B 328 16.63 26.63 -9.47
CA ILE B 328 16.83 25.41 -8.69
C ILE B 328 16.61 24.17 -9.55
N LEU B 329 15.59 24.18 -10.41
CA LEU B 329 15.38 23.02 -11.27
C LEU B 329 16.47 22.85 -12.31
N ALA B 330 17.01 23.94 -12.86
CA ALA B 330 18.21 23.82 -13.69
C ALA B 330 19.37 23.28 -12.88
N GLY B 331 19.45 23.65 -11.61
CA GLY B 331 20.44 23.06 -10.74
C GLY B 331 20.30 21.55 -10.65
N ILE B 332 19.07 21.08 -10.40
CA ILE B 332 18.86 19.65 -10.23
C ILE B 332 19.26 18.90 -11.49
N LEU B 333 19.01 19.51 -12.65
CA LEU B 333 19.43 18.85 -13.88
C LEU B 333 20.94 18.87 -14.06
N HIS B 334 21.58 20.02 -13.89
CA HIS B 334 23.02 20.08 -14.09
C HIS B 334 23.74 19.20 -13.07
N LEU B 335 23.22 19.15 -11.85
CA LEU B 335 23.72 18.21 -10.85
C LEU B 335 23.69 16.80 -11.39
N GLY B 336 22.63 16.45 -12.11
CA GLY B 336 22.50 15.08 -12.57
C GLY B 336 23.64 14.65 -13.47
N ASN B 337 24.19 15.58 -14.25
CA ASN B 337 25.29 15.27 -15.15
C ASN B 337 26.63 15.07 -14.47
N VAL B 338 26.75 15.31 -13.16
CA VAL B 338 28.03 15.09 -12.50
C VAL B 338 28.40 13.63 -12.63
N GLU B 339 29.66 13.38 -12.98
CA GLU B 339 30.14 12.04 -13.25
C GLU B 339 31.40 11.73 -12.47
N PHE B 340 31.44 10.55 -11.87
CA PHE B 340 32.46 10.17 -10.92
C PHE B 340 33.37 9.14 -11.57
N ALA B 341 34.67 9.28 -11.38
CA ALA B 341 35.63 8.26 -11.81
C ALA B 341 36.22 7.62 -10.57
N SER B 342 36.20 6.30 -10.52
CA SER B 342 36.74 5.56 -9.39
C SER B 342 38.26 5.49 -9.42
N ARG B 343 38.89 5.78 -8.29
CA ARG B 343 40.33 5.66 -8.15
C ARG B 343 40.68 4.50 -7.23
N ASP B 344 39.67 3.87 -6.66
CA ASP B 344 39.71 2.56 -6.05
C ASP B 344 38.29 2.03 -6.18
N SER B 345 38.08 0.75 -5.88
CA SER B 345 36.71 0.33 -5.64
C SER B 345 36.13 1.08 -4.45
N ASP B 346 36.94 1.27 -3.41
CA ASP B 346 36.56 1.99 -2.20
C ASP B 346 36.39 3.50 -2.38
N SER B 347 37.00 4.10 -3.38
CA SER B 347 37.13 5.56 -3.42
C SER B 347 37.01 6.09 -4.83
N CYS B 348 36.62 7.36 -4.94
CA CYS B 348 36.45 7.99 -6.23
C CYS B 348 36.68 9.48 -6.11
N ALA B 349 36.78 10.14 -7.26
CA ALA B 349 36.97 11.58 -7.30
C ALA B 349 36.31 12.14 -8.55
N ILE B 350 35.97 13.42 -8.49
CA ILE B 350 35.50 14.14 -9.67
C ILE B 350 36.66 14.67 -10.50
N PRO B 351 36.80 14.23 -11.74
CA PRO B 351 37.91 14.71 -12.58
C PRO B 351 37.86 16.21 -12.75
N PRO B 352 38.96 16.90 -12.43
CA PRO B 352 38.89 18.35 -12.21
C PRO B 352 38.46 19.11 -13.46
N LYS B 353 37.95 20.32 -13.23
CA LYS B 353 37.38 21.17 -14.27
C LYS B 353 36.16 20.53 -14.93
N HIS B 354 35.34 19.89 -14.11
CA HIS B 354 34.19 19.14 -14.60
C HIS B 354 33.05 20.13 -14.86
N ASP B 355 32.69 20.32 -16.13
CA ASP B 355 31.72 21.35 -16.48
C ASP B 355 30.36 21.23 -15.81
N PRO B 356 29.78 20.03 -15.66
CA PRO B 356 28.54 19.94 -14.87
C PRO B 356 28.65 20.49 -13.46
N LEU B 357 29.72 20.15 -12.74
CA LEU B 357 29.85 20.66 -11.39
C LEU B 357 30.18 22.15 -11.40
N THR B 358 30.98 22.59 -12.37
CA THR B 358 31.29 24.02 -12.48
C THR B 358 30.01 24.82 -12.59
N ILE B 359 29.14 24.43 -13.50
CA ILE B 359 27.93 25.18 -13.74
C ILE B 359 26.97 25.04 -12.56
N PHE B 360 26.90 23.86 -11.96
CA PHE B 360 26.05 23.68 -10.80
C PHE B 360 26.45 24.61 -9.66
N CYS B 361 27.74 24.70 -9.37
CA CYS B 361 28.21 25.53 -8.28
C CYS B 361 28.10 27.01 -8.59
N ASP B 362 28.15 27.39 -9.87
CA ASP B 362 27.81 28.76 -10.22
C ASP B 362 26.32 29.03 -10.03
N LEU B 363 25.46 28.20 -10.62
CA LEU B 363 24.02 28.34 -10.50
C LEU B 363 23.56 28.48 -9.06
N MET B 364 24.08 27.64 -8.17
CA MET B 364 23.66 27.67 -6.76
C MET B 364 24.63 28.39 -5.85
N GLY B 365 25.56 29.17 -6.40
CA GLY B 365 26.29 30.13 -5.58
C GLY B 365 27.06 29.55 -4.42
N VAL B 366 27.80 28.46 -4.67
CA VAL B 366 28.58 27.77 -3.66
C VAL B 366 29.99 27.66 -4.21
N ASP B 367 30.94 27.30 -3.36
CA ASP B 367 32.28 27.05 -3.86
C ASP B 367 32.34 25.72 -4.58
N TYR B 368 32.84 25.75 -5.81
CA TYR B 368 33.18 24.54 -6.54
C TYR B 368 33.98 23.57 -5.69
N GLU B 369 34.97 24.08 -4.97
CA GLU B 369 35.88 23.20 -4.26
C GLU B 369 35.25 22.55 -3.04
N GLU B 370 34.18 23.13 -2.50
CA GLU B 370 33.48 22.45 -1.43
C GLU B 370 32.46 21.43 -1.91
N MET B 371 31.65 21.73 -2.92
CA MET B 371 30.83 20.65 -3.45
C MET B 371 31.71 19.53 -3.97
N ALA B 372 32.84 19.88 -4.57
CA ALA B 372 33.78 18.86 -5.03
C ALA B 372 34.28 18.00 -3.89
N HIS B 373 34.51 18.60 -2.72
CA HIS B 373 34.96 17.82 -1.58
C HIS B 373 33.85 16.94 -1.01
N TRP B 374 32.69 17.53 -0.74
CA TRP B 374 31.59 16.84 -0.07
C TRP B 374 30.83 15.84 -0.93
N LEU B 375 30.82 15.97 -2.24
CA LEU B 375 30.24 14.89 -3.04
C LEU B 375 31.06 13.61 -2.91
N CYS B 376 32.37 13.71 -2.84
CA CYS B 376 33.24 12.54 -2.85
C CYS B 376 33.51 11.99 -1.46
N HIS B 377 33.23 12.75 -0.41
CA HIS B 377 33.58 12.36 0.96
C HIS B 377 32.39 12.52 1.89
N ARG B 378 32.38 11.74 2.95
CA ARG B 378 31.37 11.86 3.97
C ARG B 378 32.07 11.90 5.32
N LYS B 379 31.43 12.55 6.28
CA LYS B 379 32.07 12.92 7.52
C LYS B 379 31.33 12.32 8.69
N LEU B 380 32.07 11.86 9.68
CA LEU B 380 31.52 11.23 10.85
C LEU B 380 32.10 11.89 12.08
N ALA B 381 31.25 12.19 13.05
CA ALA B 381 31.66 12.87 14.26
C ALA B 381 31.35 11.98 15.46
N THR B 382 32.41 11.54 16.13
CA THR B 382 32.31 11.04 17.49
C THR B 382 32.18 12.25 18.43
N ALA B 383 31.85 11.98 19.69
CA ALA B 383 31.56 13.08 20.60
C ALA B 383 32.75 14.00 20.78
N THR B 384 33.99 13.48 20.68
CA THR B 384 35.17 14.31 20.83
C THR B 384 35.92 14.53 19.53
N GLU B 385 35.60 13.78 18.49
CA GLU B 385 36.56 13.47 17.43
C GLU B 385 35.79 13.28 16.14
N THR B 386 36.41 13.61 15.01
CA THR B 386 35.69 13.50 13.76
C THR B 386 36.63 13.15 12.62
N TYR B 387 36.13 12.32 11.71
CA TYR B 387 36.89 11.77 10.60
C TYR B 387 36.22 12.11 9.28
N ILE B 388 36.98 12.68 8.36
CA ILE B 388 36.61 12.58 6.95
C ILE B 388 37.01 11.21 6.44
N LYS B 389 36.16 10.58 5.64
CA LYS B 389 36.54 9.37 4.95
C LYS B 389 35.88 9.32 3.58
N PRO B 390 36.51 8.68 2.61
CA PRO B 390 35.94 8.63 1.26
C PRO B 390 34.83 7.60 1.17
N ILE B 391 34.18 7.58 0.00
CA ILE B 391 33.11 6.62 -0.29
C ILE B 391 33.25 6.15 -1.73
N SER B 392 32.74 4.94 -1.98
CA SER B 392 32.83 4.33 -3.30
C SER B 392 31.98 5.08 -4.32
N LYS B 393 32.29 4.88 -5.59
CA LYS B 393 31.53 5.51 -6.66
C LYS B 393 30.03 5.19 -6.61
N LEU B 394 29.66 4.00 -6.15
CA LEU B 394 28.24 3.71 -5.99
C LEU B 394 27.62 4.55 -4.91
N HIS B 395 28.27 4.62 -3.75
CA HIS B 395 27.76 5.46 -2.68
C HIS B 395 27.72 6.91 -3.08
N ALA B 396 28.66 7.35 -3.91
CA ALA B 396 28.63 8.72 -4.39
C ALA B 396 27.40 8.97 -5.26
N ILE B 397 27.14 8.09 -6.23
CA ILE B 397 26.00 8.29 -7.10
C ILE B 397 24.69 8.19 -6.33
N ASN B 398 24.59 7.25 -5.39
CA ASN B 398 23.44 7.19 -4.50
C ASN B 398 23.24 8.49 -3.74
N ALA B 399 24.29 9.04 -3.16
CA ALA B 399 24.15 10.26 -2.38
C ALA B 399 23.79 11.47 -3.25
N ARG B 400 24.32 11.55 -4.46
CA ARG B 400 23.91 12.64 -5.36
C ARG B 400 22.43 12.53 -5.72
N ASP B 401 21.99 11.37 -6.19
CA ASP B 401 20.56 11.24 -6.50
C ASP B 401 19.68 11.49 -5.28
N ALA B 402 20.08 11.01 -4.10
CA ALA B 402 19.31 11.30 -2.92
C ALA B 402 19.25 12.79 -2.61
N LEU B 403 20.27 13.52 -3.00
CA LEU B 403 20.24 14.96 -2.78
C LEU B 403 19.27 15.63 -3.74
N ALA B 404 19.21 15.14 -4.98
CA ALA B 404 18.23 15.69 -5.91
C ALA B 404 16.80 15.42 -5.44
N LYS B 405 16.53 14.20 -4.98
CA LYS B 405 15.20 13.90 -4.45
C LYS B 405 14.84 14.75 -3.25
N HIS B 406 15.83 15.06 -2.41
CA HIS B 406 15.57 15.92 -1.26
C HIS B 406 15.28 17.35 -1.67
N ILE B 407 16.08 17.92 -2.58
CA ILE B 407 15.79 19.28 -3.04
C ILE B 407 14.41 19.34 -3.66
N TYR B 408 14.10 18.41 -4.56
CA TYR B 408 12.82 18.46 -5.25
C TYR B 408 11.64 18.36 -4.29
N ALA B 409 11.67 17.41 -3.36
CA ALA B 409 10.57 17.32 -2.40
C ALA B 409 10.42 18.59 -1.58
N ASN B 410 11.53 19.24 -1.21
CA ASN B 410 11.39 20.49 -0.47
C ASN B 410 10.87 21.63 -1.33
N LEU B 411 11.17 21.64 -2.62
CA LEU B 411 10.61 22.66 -3.50
C LEU B 411 9.12 22.45 -3.71
N PHE B 412 8.69 21.20 -3.84
CA PHE B 412 7.27 20.93 -3.92
C PHE B 412 6.54 21.38 -2.66
N ASN B 413 7.08 21.04 -1.49
CA ASN B 413 6.43 21.48 -0.26
C ASN B 413 6.38 23.00 -0.16
N TRP B 414 7.32 23.67 -0.81
CA TRP B 414 7.33 25.12 -0.73
C TRP B 414 6.32 25.76 -1.68
N ILE B 415 6.20 25.27 -2.91
CA ILE B 415 5.13 25.79 -3.77
C ILE B 415 3.74 25.42 -3.24
N VAL B 416 3.60 24.26 -2.61
CA VAL B 416 2.39 23.96 -1.84
C VAL B 416 2.12 25.04 -0.80
N ASP B 417 3.16 25.47 -0.09
CA ASP B 417 2.89 26.36 1.04
C ASP B 417 2.61 27.79 0.58
N HIS B 418 3.19 28.21 -0.53
CA HIS B 418 2.82 29.50 -1.11
C HIS B 418 1.41 29.51 -1.69
N VAL B 419 1.03 28.47 -2.44
CA VAL B 419 -0.36 28.36 -2.85
C VAL B 419 -1.29 28.37 -1.64
N ASN B 420 -0.90 27.73 -0.55
CA ASN B 420 -1.71 27.85 0.66
C ASN B 420 -1.83 29.29 1.09
N LYS B 421 -0.72 30.02 1.12
CA LYS B 421 -0.75 31.39 1.59
C LYS B 421 -1.69 32.25 0.77
N ALA B 422 -1.85 31.95 -0.51
CA ALA B 422 -2.78 32.76 -1.30
C ALA B 422 -4.22 32.27 -1.26
N LEU B 423 -4.45 30.96 -1.10
CA LEU B 423 -5.79 30.45 -0.83
C LEU B 423 -6.21 30.78 0.60
N HIS B 424 -5.39 30.40 1.57
CA HIS B 424 -5.78 30.41 2.97
C HIS B 424 -6.11 31.82 3.41
N SER B 425 -7.07 31.95 4.32
CA SER B 425 -7.88 33.16 4.38
C SER B 425 -8.14 33.57 5.83
N THR B 426 -8.51 34.85 5.96
CA THR B 426 -8.34 35.60 7.20
C THR B 426 -9.32 35.19 8.29
N VAL B 427 -10.57 34.93 7.94
CA VAL B 427 -11.54 34.49 8.92
C VAL B 427 -11.22 33.06 9.36
N LYS B 428 -11.18 32.85 10.68
CA LYS B 428 -10.98 31.52 11.21
C LYS B 428 -12.17 30.60 10.92
N GLN B 429 -11.88 29.31 10.91
CA GLN B 429 -12.66 28.31 10.18
C GLN B 429 -13.43 27.43 11.15
N HIS B 430 -14.76 27.55 11.14
CA HIS B 430 -15.58 26.82 12.09
C HIS B 430 -15.44 25.31 11.89
N SER B 431 -15.68 24.85 10.66
CA SER B 431 -15.67 23.43 10.33
C SER B 431 -15.58 23.33 8.81
N PHE B 432 -15.41 22.11 8.32
CA PHE B 432 -14.95 21.98 6.95
C PHE B 432 -15.42 20.68 6.32
N ILE B 433 -15.47 20.71 4.99
CA ILE B 433 -15.68 19.52 4.17
C ILE B 433 -14.49 19.39 3.26
N GLY B 434 -14.06 18.17 3.04
CA GLY B 434 -12.76 17.91 2.45
C GLY B 434 -12.88 17.00 1.25
N VAL B 435 -12.05 17.26 0.26
CA VAL B 435 -12.15 16.60 -1.03
C VAL B 435 -10.78 16.02 -1.33
N LEU B 436 -10.73 14.72 -1.58
CA LEU B 436 -9.47 14.02 -1.75
C LEU B 436 -9.44 13.39 -3.13
N ASP B 437 -8.45 13.78 -3.92
CA ASP B 437 -8.06 13.10 -5.14
C ASP B 437 -6.98 12.09 -4.81
N ILE B 438 -7.21 10.81 -5.12
CA ILE B 438 -6.17 9.82 -4.96
C ILE B 438 -6.25 8.80 -6.07
N TYR B 439 -5.09 8.32 -6.52
CA TYR B 439 -5.02 7.30 -7.55
C TYR B 439 -5.62 5.98 -7.10
N GLY B 440 -6.17 5.25 -8.07
CA GLY B 440 -6.71 3.94 -7.83
C GLY B 440 -5.69 2.81 -7.90
N PHE B 441 -6.16 1.63 -7.53
CA PHE B 441 -5.43 0.38 -7.71
C PHE B 441 -5.05 0.22 -9.17
N GLU B 442 -3.87 -0.35 -9.41
CA GLU B 442 -3.27 -0.23 -10.74
C GLU B 442 -2.49 -1.49 -11.06
N THR B 443 -2.54 -1.91 -12.33
CA THR B 443 -1.73 -3.02 -12.81
C THR B 443 -1.16 -2.69 -14.18
N PHE B 444 0.07 -3.13 -14.44
CA PHE B 444 0.61 -3.26 -15.78
C PHE B 444 1.31 -4.62 -15.89
N GLU B 445 1.77 -4.95 -17.10
CA GLU B 445 2.64 -6.12 -17.25
C GLU B 445 3.77 -6.09 -16.23
N ILE B 446 4.31 -4.91 -15.97
CA ILE B 446 5.51 -4.73 -15.16
C ILE B 446 5.12 -3.90 -13.95
N ASN B 447 5.36 -4.44 -12.76
CA ASN B 447 4.96 -3.76 -11.55
C ASN B 447 6.16 -3.65 -10.62
N SER B 448 6.32 -2.47 -10.06
CA SER B 448 7.59 -1.90 -9.63
C SER B 448 7.28 -1.01 -8.45
N PHE B 449 8.32 -0.59 -7.74
CA PHE B 449 8.14 -0.02 -6.40
C PHE B 449 7.05 1.04 -6.37
N GLU B 450 6.95 1.83 -7.43
CA GLU B 450 5.90 2.84 -7.53
C GLU B 450 4.52 2.21 -7.46
N GLN B 451 4.26 1.23 -8.32
CA GLN B 451 3.02 0.48 -8.26
C GLN B 451 2.84 -0.27 -6.95
N PHE B 452 3.92 -0.73 -6.33
CA PHE B 452 3.76 -1.39 -5.04
C PHE B 452 3.22 -0.44 -3.99
N CYS B 453 3.78 0.76 -3.92
CA CYS B 453 3.31 1.73 -2.92
C CYS B 453 1.89 2.20 -3.22
N ILE B 454 1.58 2.48 -4.49
CA ILE B 454 0.23 2.87 -4.86
C ILE B 454 -0.78 1.80 -4.46
N ASN B 455 -0.49 0.54 -4.77
CA ASN B 455 -1.41 -0.51 -4.40
C ASN B 455 -1.51 -0.72 -2.90
N TYR B 456 -0.45 -0.45 -2.15
CA TYR B 456 -0.55 -0.52 -0.70
C TYR B 456 -1.47 0.55 -0.13
N ALA B 457 -1.31 1.79 -0.58
CA ALA B 457 -2.20 2.86 -0.14
C ALA B 457 -3.65 2.56 -0.48
N ASN B 458 -3.89 1.98 -1.65
CA ASN B 458 -5.26 1.61 -2.02
C ASN B 458 -5.81 0.46 -1.18
N GLU B 459 -4.99 -0.53 -0.81
CA GLU B 459 -5.42 -1.51 0.19
C GLU B 459 -5.83 -0.83 1.50
N LYS B 460 -5.12 0.22 1.89
CA LYS B 460 -5.42 0.79 3.19
C LYS B 460 -6.66 1.67 3.17
N LEU B 461 -6.89 2.41 2.11
CA LEU B 461 -8.18 3.09 1.96
C LEU B 461 -9.33 2.11 1.83
N GLN B 462 -9.15 1.03 1.07
CA GLN B 462 -10.21 0.03 0.94
C GLN B 462 -10.59 -0.56 2.29
N GLN B 463 -9.64 -0.66 3.22
CA GLN B 463 -10.03 -1.04 4.59
C GLN B 463 -11.05 -0.09 5.17
N GLN B 464 -10.76 1.21 5.14
CA GLN B 464 -11.64 2.20 5.72
C GLN B 464 -13.03 2.11 5.10
N PHE B 465 -13.08 2.04 3.77
CA PHE B 465 -14.37 1.89 3.10
C PHE B 465 -15.14 0.67 3.57
N ASN B 466 -14.47 -0.49 3.61
CA ASN B 466 -15.14 -1.71 4.05
C ASN B 466 -15.69 -1.57 5.45
N MET B 467 -14.92 -0.98 6.35
CA MET B 467 -15.34 -0.87 7.74
C MET B 467 -16.47 0.13 7.94
N HIS B 468 -16.35 1.31 7.32
CA HIS B 468 -17.43 2.29 7.36
C HIS B 468 -18.73 1.77 6.76
N VAL B 469 -18.69 1.16 5.58
CA VAL B 469 -19.89 0.58 4.99
C VAL B 469 -20.45 -0.54 5.86
N PHE B 470 -19.60 -1.37 6.45
CA PHE B 470 -20.09 -2.37 7.39
C PHE B 470 -20.82 -1.73 8.55
N LYS B 471 -20.24 -0.69 9.13
CA LYS B 471 -20.79 -0.15 10.36
C LYS B 471 -22.10 0.57 10.09
N LEU B 472 -22.17 1.34 9.01
CA LEU B 472 -23.42 1.97 8.63
C LEU B 472 -24.48 0.99 8.13
N GLU B 473 -24.11 -0.21 7.69
CA GLU B 473 -25.14 -1.23 7.55
C GLU B 473 -25.60 -1.70 8.92
N GLN B 474 -24.65 -2.05 9.79
CA GLN B 474 -24.98 -2.67 11.05
C GLN B 474 -25.94 -1.79 11.84
N GLU B 475 -25.71 -0.48 11.82
CA GLU B 475 -26.57 0.43 12.55
C GLU B 475 -27.95 0.54 11.92
N GLU B 476 -28.06 0.39 10.61
CA GLU B 476 -29.40 0.31 10.01
C GLU B 476 -30.12 -0.92 10.51
N TYR B 477 -29.40 -2.03 10.66
CA TYR B 477 -30.04 -3.25 11.14
C TYR B 477 -30.54 -3.06 12.56
N MET B 478 -29.75 -2.38 13.40
CA MET B 478 -30.18 -2.09 14.77
C MET B 478 -31.40 -1.20 14.78
N LYS B 479 -31.45 -0.24 13.85
CA LYS B 479 -32.64 0.59 13.68
C LYS B 479 -33.87 -0.21 13.31
N GLU B 480 -33.70 -1.32 12.60
CA GLU B 480 -34.85 -2.19 12.38
C GLU B 480 -35.11 -3.17 13.50
N GLN B 481 -34.30 -3.17 14.56
CA GLN B 481 -34.34 -4.19 15.62
C GLN B 481 -34.20 -5.61 15.07
N ILE B 482 -33.46 -5.75 13.97
CA ILE B 482 -33.08 -7.06 13.43
C ILE B 482 -31.92 -7.63 14.24
N PRO B 483 -31.87 -8.95 14.46
CA PRO B 483 -30.69 -9.56 15.09
C PRO B 483 -29.41 -9.32 14.31
N TRP B 484 -28.41 -8.81 15.02
CA TRP B 484 -27.15 -8.34 14.43
C TRP B 484 -26.49 -9.43 13.60
N THR B 485 -26.41 -10.64 14.15
CA THR B 485 -25.38 -11.62 13.79
C THR B 485 -25.36 -11.95 12.31
N LEU B 486 -26.49 -11.82 11.62
CA LEU B 486 -26.55 -12.06 10.18
C LEU B 486 -25.56 -11.22 9.38
N ILE B 487 -25.21 -10.02 9.84
CA ILE B 487 -24.21 -9.25 9.11
C ILE B 487 -22.83 -9.91 9.24
N ASP B 488 -22.04 -9.81 8.18
CA ASP B 488 -20.72 -10.43 8.14
C ASP B 488 -19.69 -9.41 7.68
N PHE B 489 -18.50 -9.47 8.26
CA PHE B 489 -17.43 -8.51 8.01
C PHE B 489 -16.40 -9.10 7.08
N TYR B 490 -16.18 -8.48 5.92
CA TYR B 490 -15.08 -8.86 5.04
C TYR B 490 -13.81 -8.14 5.46
N ASP B 491 -12.85 -8.90 6.01
CA ASP B 491 -11.64 -8.36 6.59
C ASP B 491 -10.48 -8.47 5.60
N ASN B 492 -9.74 -7.37 5.41
CA ASN B 492 -8.50 -7.40 4.63
C ASN B 492 -7.28 -6.98 5.45
N GLN B 493 -7.41 -6.86 6.76
CA GLN B 493 -6.28 -6.71 7.68
C GLN B 493 -5.18 -7.75 7.49
N PRO B 494 -5.48 -9.00 7.14
CA PRO B 494 -4.40 -9.96 6.90
C PRO B 494 -3.45 -9.59 5.76
N CYS B 495 -3.90 -8.84 4.75
CA CYS B 495 -2.97 -8.39 3.72
C CYS B 495 -2.13 -7.20 4.17
N ILE B 496 -2.74 -6.20 4.80
CA ILE B 496 -1.96 -5.10 5.34
C ILE B 496 -0.90 -5.61 6.30
N ASN B 497 -1.25 -6.58 7.14
CA ASN B 497 -0.24 -7.17 8.02
C ASN B 497 0.89 -7.83 7.24
N LEU B 498 0.61 -8.32 6.04
CA LEU B 498 1.67 -8.84 5.18
C LEU B 498 2.57 -7.73 4.67
N ILE B 499 2.00 -6.64 4.18
CA ILE B 499 2.82 -5.57 3.63
C ILE B 499 3.61 -4.83 4.71
N GLU B 500 2.98 -4.46 5.81
CA GLU B 500 3.60 -3.47 6.69
C GLU B 500 3.95 -3.93 8.08
N ALA B 501 3.45 -5.06 8.55
CA ALA B 501 3.87 -5.52 9.87
C ALA B 501 5.33 -5.94 9.83
N LYS B 502 5.97 -5.88 10.99
CA LYS B 502 7.38 -6.24 11.08
C LYS B 502 7.61 -7.67 10.60
N MET B 503 8.73 -7.86 9.90
CA MET B 503 8.94 -8.98 8.99
C MET B 503 7.90 -8.98 7.87
N GLY B 504 7.60 -7.80 7.35
CA GLY B 504 6.78 -7.66 6.17
C GLY B 504 7.61 -7.12 5.01
N VAL B 505 6.98 -7.02 3.85
CA VAL B 505 7.73 -6.76 2.64
C VAL B 505 8.45 -5.43 2.72
N LEU B 506 7.75 -4.38 3.15
CA LEU B 506 8.44 -3.12 3.33
C LEU B 506 9.47 -3.18 4.44
N ASP B 507 9.29 -4.10 5.39
CA ASP B 507 10.21 -4.18 6.50
C ASP B 507 11.51 -4.85 6.08
N LEU B 508 11.42 -5.97 5.37
CA LEU B 508 12.62 -6.60 4.87
C LEU B 508 13.28 -5.79 3.76
N LEU B 509 12.56 -4.85 3.15
CA LEU B 509 13.21 -3.99 2.17
C LEU B 509 14.01 -2.90 2.85
N ASP B 510 13.47 -2.37 3.94
CA ASP B 510 14.22 -1.39 4.70
C ASP B 510 15.39 -2.05 5.41
N GLU B 511 15.28 -3.34 5.73
CA GLU B 511 16.43 -4.08 6.22
C GLU B 511 17.48 -4.26 5.14
N GLU B 512 17.09 -4.71 3.95
CA GLU B 512 18.10 -5.01 2.95
C GLU B 512 18.83 -3.75 2.50
N CYS B 513 18.26 -2.58 2.74
CA CYS B 513 19.05 -1.38 2.50
C CYS B 513 20.23 -1.24 3.47
N LYS B 514 20.08 -1.71 4.71
CA LYS B 514 21.20 -1.75 5.66
C LYS B 514 22.22 -2.82 5.34
N MET B 515 21.78 -4.01 4.98
CA MET B 515 22.64 -5.18 4.96
C MET B 515 23.80 -5.02 3.97
N PRO B 516 25.02 -5.36 4.37
CA PRO B 516 26.17 -5.27 3.46
C PRO B 516 26.08 -6.25 2.30
N LYS B 517 26.41 -5.74 1.11
CA LYS B 517 26.20 -6.45 -0.16
C LYS B 517 24.76 -6.90 -0.31
N GLY B 518 23.83 -6.04 0.12
CA GLY B 518 22.44 -6.29 -0.20
C GLY B 518 22.17 -6.20 -1.69
N SER B 519 21.23 -7.02 -2.14
CA SER B 519 20.94 -7.16 -3.56
C SER B 519 19.51 -7.64 -3.71
N ASP B 520 18.94 -7.41 -4.89
CA ASP B 520 17.57 -7.83 -5.14
C ASP B 520 17.42 -9.34 -5.19
N ASP B 521 18.51 -10.05 -5.42
CA ASP B 521 18.49 -11.51 -5.33
C ASP B 521 18.38 -11.95 -3.87
N THR B 522 19.20 -11.37 -3.01
CA THR B 522 19.14 -11.77 -1.63
C THR B 522 17.88 -11.23 -0.97
N TRP B 523 17.37 -10.10 -1.43
CA TRP B 523 16.10 -9.63 -0.90
C TRP B 523 14.98 -10.58 -1.26
N ALA B 524 14.90 -10.98 -2.54
CA ALA B 524 13.88 -11.95 -2.92
C ALA B 524 14.00 -13.22 -2.09
N GLN B 525 15.21 -13.71 -1.91
CA GLN B 525 15.37 -14.94 -1.13
C GLN B 525 14.91 -14.75 0.31
N LYS B 526 15.11 -13.56 0.88
CA LYS B 526 14.60 -13.30 2.21
C LYS B 526 13.08 -13.34 2.21
N LEU B 527 12.46 -12.75 1.20
CA LEU B 527 11.01 -12.80 1.13
C LEU B 527 10.54 -14.24 1.17
N TYR B 528 11.10 -15.07 0.30
CA TYR B 528 10.62 -16.44 0.20
C TYR B 528 10.79 -17.17 1.52
N ASN B 529 11.97 -17.03 2.14
CA ASN B 529 12.16 -17.67 3.44
C ASN B 529 11.14 -17.19 4.47
N THR B 530 10.79 -15.91 4.42
CA THR B 530 9.88 -15.37 5.43
C THR B 530 8.45 -15.85 5.24
N HIS B 531 7.92 -15.69 4.04
CA HIS B 531 6.47 -15.78 3.82
C HIS B 531 6.00 -16.96 3.00
N LEU B 532 6.85 -17.54 2.16
CA LEU B 532 6.37 -18.23 0.97
C LEU B 532 5.27 -19.24 1.25
N ASN B 533 5.38 -19.99 2.34
CA ASN B 533 4.28 -20.88 2.73
C ASN B 533 3.66 -20.53 4.06
N LYS B 534 4.24 -19.60 4.81
CA LYS B 534 3.71 -19.21 6.11
C LYS B 534 2.43 -18.39 6.00
N CYS B 535 2.09 -17.93 4.80
CA CYS B 535 0.95 -17.08 4.56
C CYS B 535 0.28 -17.52 3.26
N ALA B 536 -1.03 -17.34 3.20
CA ALA B 536 -1.80 -17.71 2.02
C ALA B 536 -1.83 -16.62 0.96
N LEU B 537 -1.52 -15.38 1.32
CA LEU B 537 -1.73 -14.25 0.44
C LEU B 537 -0.50 -13.92 -0.38
N PHE B 538 0.64 -14.48 -0.02
CA PHE B 538 1.90 -14.29 -0.72
C PHE B 538 2.18 -15.54 -1.53
N GLU B 539 2.59 -15.36 -2.79
CA GLU B 539 2.85 -16.49 -3.66
C GLU B 539 4.04 -16.18 -4.55
N LYS B 540 4.71 -17.22 -4.96
CA LYS B 540 5.87 -17.10 -5.84
C LYS B 540 5.47 -17.40 -7.27
N PRO B 541 5.80 -16.55 -8.23
CA PRO B 541 5.42 -16.83 -9.61
C PRO B 541 6.19 -18.02 -10.13
N ARG B 542 5.45 -18.92 -10.78
CA ARG B 542 5.89 -20.30 -10.95
C ARG B 542 7.27 -20.39 -11.59
N LEU B 543 7.48 -19.65 -12.68
CA LEU B 543 8.69 -19.73 -13.48
C LEU B 543 9.84 -18.85 -13.04
N SER B 544 9.71 -18.03 -12.00
CA SER B 544 10.75 -17.06 -11.73
C SER B 544 11.14 -17.00 -10.26
N ASN B 545 12.42 -16.69 -10.04
CA ASN B 545 12.97 -16.46 -8.72
C ASN B 545 13.33 -14.99 -8.49
N LYS B 546 12.87 -14.11 -9.36
CA LYS B 546 13.09 -12.68 -9.24
C LYS B 546 11.82 -11.91 -8.96
N ALA B 547 10.67 -12.56 -8.86
CA ALA B 547 9.39 -11.88 -8.75
C ALA B 547 8.59 -12.53 -7.64
N PHE B 548 7.51 -11.87 -7.23
CA PHE B 548 6.64 -12.40 -6.20
C PHE B 548 5.23 -11.89 -6.45
N ILE B 549 4.26 -12.52 -5.82
CA ILE B 549 2.85 -12.23 -6.04
C ILE B 549 2.17 -11.92 -4.73
N ILE B 550 1.32 -10.90 -4.74
CA ILE B 550 0.46 -10.55 -3.62
C ILE B 550 -0.98 -10.79 -4.06
N LYS B 551 -1.78 -11.38 -3.19
CA LYS B 551 -3.23 -11.36 -3.33
C LYS B 551 -3.76 -10.06 -2.74
N HIS B 552 -4.12 -9.13 -3.60
CA HIS B 552 -4.81 -7.91 -3.19
C HIS B 552 -6.32 -8.12 -3.17
N PHE B 553 -7.02 -7.10 -2.67
CA PHE B 553 -8.47 -7.18 -2.60
C PHE B 553 -9.08 -7.54 -3.95
N ALA B 554 -8.62 -6.88 -5.00
CA ALA B 554 -9.14 -7.11 -6.35
C ALA B 554 -8.44 -8.24 -7.10
N ASP B 555 -7.14 -8.41 -6.90
CA ASP B 555 -6.29 -8.95 -7.94
C ASP B 555 -5.16 -9.77 -7.36
N LYS B 556 -4.50 -10.51 -8.24
CA LYS B 556 -3.16 -11.01 -7.99
C LYS B 556 -2.23 -10.24 -8.92
N VAL B 557 -1.17 -9.68 -8.33
CA VAL B 557 -0.33 -8.71 -9.00
C VAL B 557 1.11 -9.17 -8.85
N GLU B 558 1.87 -9.14 -9.93
CA GLU B 558 3.22 -9.67 -9.90
C GLU B 558 4.20 -8.51 -9.94
N TYR B 559 5.07 -8.46 -8.94
CA TYR B 559 6.05 -7.41 -8.77
C TYR B 559 7.43 -7.93 -9.10
N GLN B 560 8.24 -7.11 -9.76
CA GLN B 560 9.61 -7.49 -10.05
C GLN B 560 10.50 -6.95 -8.94
N CYS B 561 11.42 -7.77 -8.46
CA CYS B 561 12.32 -7.25 -7.44
C CYS B 561 13.40 -6.34 -7.99
N GLU B 562 13.47 -6.17 -9.32
CA GLU B 562 14.61 -5.51 -9.92
C GLU B 562 14.79 -4.06 -9.45
N GLY B 563 13.68 -3.34 -9.27
CA GLY B 563 13.78 -1.94 -8.87
C GLY B 563 14.08 -1.58 -7.44
N PHE B 564 13.64 -2.37 -6.46
CA PHE B 564 13.37 -1.75 -5.17
C PHE B 564 14.62 -1.23 -4.47
N LEU B 565 15.74 -1.93 -4.51
CA LEU B 565 16.92 -1.37 -3.84
C LEU B 565 17.51 -0.15 -4.54
N GLU B 566 17.32 0.01 -5.85
CA GLU B 566 17.65 1.29 -6.45
C GLU B 566 16.84 2.41 -5.84
N LYS B 567 15.52 2.24 -5.77
CA LYS B 567 14.60 3.35 -5.52
C LYS B 567 14.46 3.66 -4.04
N ASN B 568 14.47 2.63 -3.22
CA ASN B 568 14.20 2.79 -1.80
C ASN B 568 15.30 3.52 -1.06
N LYS B 569 16.51 3.59 -1.58
CA LYS B 569 17.61 4.23 -0.85
C LYS B 569 17.49 5.73 -0.94
N ASP B 570 17.13 6.33 0.18
CA ASP B 570 17.36 7.75 0.45
C ASP B 570 18.28 7.83 1.66
N THR B 571 19.37 8.58 1.51
CA THR B 571 20.10 9.13 2.63
C THR B 571 20.72 10.40 2.12
N VAL B 572 20.81 11.42 2.98
CA VAL B 572 21.48 12.65 2.61
C VAL B 572 22.56 12.90 3.64
N TYR B 573 23.77 13.13 3.16
CA TYR B 573 24.87 13.45 4.04
C TYR B 573 24.77 14.91 4.45
N GLU B 574 24.60 15.16 5.75
CA GLU B 574 24.26 16.50 6.22
C GLU B 574 25.23 17.54 5.71
N GLU B 575 26.50 17.19 5.59
CA GLU B 575 27.49 18.12 5.06
C GLU B 575 27.10 18.71 3.72
N GLN B 576 26.39 17.96 2.88
CA GLN B 576 25.95 18.50 1.60
C GLN B 576 24.87 19.57 1.77
N ILE B 577 23.93 19.34 2.67
CA ILE B 577 22.92 20.37 2.90
C ILE B 577 23.54 21.58 3.57
N LYS B 578 24.44 21.37 4.53
CA LYS B 578 25.12 22.49 5.17
C LYS B 578 26.07 23.22 4.23
N VAL B 579 26.43 22.62 3.10
CA VAL B 579 27.01 23.41 2.02
C VAL B 579 25.95 24.29 1.38
N LEU B 580 24.85 23.69 0.93
CA LEU B 580 23.87 24.46 0.16
C LEU B 580 23.29 25.61 0.97
N LYS B 581 22.94 25.36 2.23
CA LYS B 581 22.37 26.40 3.10
C LYS B 581 23.26 27.64 3.20
N SER B 582 24.57 27.49 3.07
CA SER B 582 25.46 28.64 3.13
C SER B 582 25.26 29.60 1.96
N SER B 583 24.65 29.16 0.87
CA SER B 583 24.76 29.89 -0.38
C SER B 583 24.00 31.21 -0.30
N LYS B 584 24.65 32.28 -0.73
CA LYS B 584 24.12 33.64 -0.59
C LYS B 584 23.57 34.22 -1.88
N LYS B 585 23.78 33.56 -3.01
CA LYS B 585 23.47 34.17 -4.31
C LYS B 585 21.99 34.53 -4.43
N PHE B 586 21.11 33.74 -3.83
CA PHE B 586 19.69 34.06 -3.89
C PHE B 586 19.02 33.44 -2.67
N LYS B 587 18.01 34.16 -2.17
CA LYS B 587 17.40 33.78 -0.89
C LYS B 587 16.73 32.42 -0.95
N LEU B 588 16.10 32.09 -2.08
CA LEU B 588 15.18 30.97 -2.11
C LEU B 588 15.83 29.67 -1.64
N LEU B 589 17.08 29.43 -2.00
CA LEU B 589 17.70 28.14 -1.71
C LEU B 589 17.80 27.89 -0.22
N PRO B 590 18.44 28.74 0.58
CA PRO B 590 18.39 28.53 2.03
C PRO B 590 17.02 28.76 2.63
N GLU B 591 16.09 29.37 1.88
CA GLU B 591 14.73 29.46 2.37
C GLU B 591 14.03 28.11 2.35
N LEU B 592 14.46 27.21 1.45
CA LEU B 592 13.78 25.93 1.31
C LEU B 592 13.95 25.07 2.55
N PHE B 593 15.20 24.84 2.95
CA PHE B 593 15.50 24.02 4.12
C PHE B 593 15.18 24.75 5.40
N GLN B 594 14.66 24.02 6.39
CA GLN B 594 13.78 24.59 7.39
C GLN B 594 13.87 23.83 8.71
N SER B 629 17.38 15.28 10.67
CA SER B 629 18.66 14.66 10.99
C SER B 629 18.48 13.20 11.40
N LYS B 630 17.36 12.94 12.08
CA LYS B 630 16.75 11.61 12.07
C LYS B 630 16.10 11.32 10.73
N GLU B 631 15.34 12.28 10.22
CA GLU B 631 14.60 12.11 8.97
C GLU B 631 15.52 11.83 7.79
N HIS B 632 16.71 12.43 7.78
CA HIS B 632 17.62 12.19 6.66
C HIS B 632 18.04 10.73 6.50
N LYS B 633 17.82 9.88 7.51
CA LYS B 633 18.18 8.49 7.33
C LYS B 633 17.04 7.62 6.82
N LYS B 634 15.83 8.14 6.74
CA LYS B 634 14.69 7.31 6.37
C LYS B 634 14.69 6.97 4.89
N THR B 635 14.33 5.73 4.59
CA THR B 635 14.17 5.25 3.23
C THR B 635 12.89 5.83 2.63
N VAL B 636 12.78 5.76 1.31
CA VAL B 636 11.57 6.23 0.63
C VAL B 636 10.36 5.42 1.07
N GLY B 637 10.53 4.13 1.25
CA GLY B 637 9.41 3.31 1.68
C GLY B 637 8.89 3.73 3.04
N HIS B 638 9.79 3.98 3.98
CA HIS B 638 9.39 4.41 5.31
C HIS B 638 8.83 5.84 5.35
N GLN B 639 9.36 6.73 4.51
CA GLN B 639 8.74 8.04 4.39
C GLN B 639 7.33 7.95 3.83
N PHE B 640 7.08 7.01 2.93
CA PHE B 640 5.76 6.83 2.38
C PHE B 640 4.82 6.25 3.42
N ARG B 641 5.27 5.20 4.10
CA ARG B 641 4.49 4.60 5.17
C ARG B 641 4.10 5.61 6.23
N ASN B 642 4.95 6.62 6.47
CA ASN B 642 4.55 7.69 7.37
C ASN B 642 3.55 8.66 6.77
N SER B 643 3.79 9.16 5.55
CA SER B 643 2.83 10.08 4.93
C SER B 643 1.43 9.47 4.85
N LEU B 644 1.35 8.18 4.57
CA LEU B 644 0.08 7.49 4.54
C LEU B 644 -0.62 7.52 5.89
N HIS B 645 0.14 7.45 7.00
CA HIS B 645 -0.53 7.49 8.29
C HIS B 645 -1.13 8.85 8.55
N LEU B 646 -0.50 9.93 8.10
CA LEU B 646 -1.11 11.24 8.24
C LEU B 646 -2.40 11.32 7.45
N LEU B 647 -2.41 10.75 6.24
CA LEU B 647 -3.65 10.69 5.47
C LEU B 647 -4.75 9.93 6.20
N MET B 648 -4.41 8.77 6.75
CA MET B 648 -5.40 8.02 7.52
C MET B 648 -5.89 8.82 8.73
N GLU B 649 -4.99 9.45 9.47
CA GLU B 649 -5.44 10.23 10.62
C GLU B 649 -6.25 11.46 10.22
N THR B 650 -6.09 11.94 8.99
CA THR B 650 -6.97 12.99 8.48
C THR B 650 -8.36 12.46 8.15
N LEU B 651 -8.44 11.27 7.54
CA LEU B 651 -9.73 10.79 7.09
C LEU B 651 -10.50 10.07 8.18
N ASN B 652 -9.82 9.30 9.03
CA ASN B 652 -10.50 8.55 10.08
C ASN B 652 -11.21 9.46 11.06
N ALA B 653 -10.69 10.66 11.26
CA ALA B 653 -11.41 11.70 12.01
C ALA B 653 -12.79 11.97 11.42
N THR B 654 -13.01 11.68 10.14
CA THR B 654 -14.06 12.31 9.34
C THR B 654 -14.87 11.26 8.61
N THR B 655 -16.20 11.47 8.56
CA THR B 655 -17.12 10.49 7.99
C THR B 655 -17.20 10.62 6.48
N PRO B 656 -16.77 9.62 5.72
CA PRO B 656 -16.58 9.80 4.28
C PRO B 656 -17.83 9.61 3.46
N HIS B 657 -17.79 10.17 2.27
CA HIS B 657 -18.66 9.82 1.16
C HIS B 657 -17.75 9.58 -0.03
N TYR B 658 -18.10 8.65 -0.91
CA TYR B 658 -17.15 8.17 -1.88
C TYR B 658 -17.60 8.46 -3.30
N VAL B 659 -16.62 8.61 -4.17
CA VAL B 659 -16.83 8.62 -5.61
C VAL B 659 -15.90 7.56 -6.18
N ARG B 660 -16.34 6.92 -7.25
CA ARG B 660 -15.44 6.14 -8.10
C ARG B 660 -15.63 6.57 -9.53
N CYS B 661 -14.53 6.85 -10.22
CA CYS B 661 -14.60 7.25 -11.60
C CYS B 661 -13.98 6.17 -12.46
N ILE B 662 -14.63 5.85 -13.58
CA ILE B 662 -14.13 4.85 -14.50
C ILE B 662 -14.12 5.43 -15.91
N LYS B 663 -13.19 4.90 -16.71
CA LYS B 663 -12.76 5.52 -17.96
C LYS B 663 -12.92 4.47 -19.03
N PRO B 664 -14.03 4.48 -19.77
CA PRO B 664 -14.49 3.26 -20.45
C PRO B 664 -13.76 2.91 -21.73
N ASN B 665 -12.90 3.76 -22.28
CA ASN B 665 -12.11 3.32 -23.42
C ASN B 665 -10.76 4.02 -23.42
N ASP B 666 -9.77 3.37 -24.01
CA ASP B 666 -8.39 3.82 -23.85
C ASP B 666 -7.92 4.79 -24.93
N PHE B 667 -8.45 4.73 -26.14
CA PHE B 667 -8.20 5.77 -27.12
C PHE B 667 -9.11 7.00 -26.96
N LYS B 668 -9.91 7.05 -25.89
CA LYS B 668 -10.58 8.28 -25.44
C LYS B 668 -11.66 8.80 -26.38
N PHE B 669 -12.24 7.94 -27.22
CA PHE B 669 -13.33 8.37 -28.07
C PHE B 669 -14.54 8.79 -27.23
N PRO B 670 -15.37 9.69 -27.75
CA PRO B 670 -16.49 10.22 -26.97
C PRO B 670 -17.60 9.20 -26.76
N PHE B 671 -17.97 9.04 -25.50
CA PHE B 671 -19.25 8.48 -25.08
C PHE B 671 -19.48 7.09 -25.67
N THR B 672 -18.41 6.30 -25.67
CA THR B 672 -18.37 4.93 -26.19
C THR B 672 -17.68 4.04 -25.17
N PHE B 673 -18.01 2.75 -25.18
CA PHE B 673 -17.89 1.90 -24.00
C PHE B 673 -17.39 0.55 -24.43
N ASP B 674 -16.52 -0.06 -23.61
CA ASP B 674 -15.96 -1.37 -23.89
C ASP B 674 -15.95 -2.22 -22.62
N GLU B 675 -16.52 -3.43 -22.69
CA GLU B 675 -16.39 -4.34 -21.56
C GLU B 675 -14.94 -4.69 -21.24
N LYS B 676 -14.08 -4.76 -22.24
CA LYS B 676 -12.66 -5.03 -21.98
C LYS B 676 -12.12 -4.06 -20.96
N ARG B 677 -12.29 -2.76 -21.23
CA ARG B 677 -11.73 -1.72 -20.38
C ARG B 677 -12.49 -1.64 -19.07
N ALA B 678 -13.82 -1.56 -19.15
CA ALA B 678 -14.61 -1.31 -17.96
C ALA B 678 -14.60 -2.47 -16.98
N VAL B 679 -14.52 -3.72 -17.43
CA VAL B 679 -14.44 -4.80 -16.45
C VAL B 679 -13.17 -4.65 -15.62
N GLN B 680 -12.09 -4.24 -16.26
CA GLN B 680 -10.84 -4.03 -15.54
C GLN B 680 -10.96 -2.87 -14.58
N GLN B 681 -11.52 -1.75 -15.03
CA GLN B 681 -11.57 -0.59 -14.16
C GLN B 681 -12.58 -0.77 -13.02
N LEU B 682 -13.72 -1.42 -13.29
CA LEU B 682 -14.66 -1.74 -12.22
C LEU B 682 -14.09 -2.73 -11.22
N ARG B 683 -13.17 -3.59 -11.64
CA ARG B 683 -12.47 -4.38 -10.64
C ARG B 683 -11.49 -3.50 -9.86
N ALA B 684 -10.71 -2.69 -10.57
CA ALA B 684 -9.72 -1.83 -9.92
C ALA B 684 -10.35 -0.92 -8.87
N CYS B 685 -11.52 -0.36 -9.17
CA CYS B 685 -12.22 0.49 -8.21
C CYS B 685 -12.91 -0.30 -7.10
N GLY B 686 -12.84 -1.62 -7.10
CA GLY B 686 -13.38 -2.37 -5.97
C GLY B 686 -14.88 -2.47 -5.92
N VAL B 687 -15.59 -1.90 -6.89
CA VAL B 687 -17.04 -2.04 -6.92
C VAL B 687 -17.46 -3.50 -7.04
N LEU B 688 -16.75 -4.28 -7.86
CA LEU B 688 -17.07 -5.70 -8.00
C LEU B 688 -16.83 -6.53 -6.76
N GLU B 689 -15.99 -6.10 -5.81
CA GLU B 689 -16.05 -6.76 -4.50
C GLU B 689 -17.25 -6.28 -3.69
N THR B 690 -17.52 -4.97 -3.69
CA THR B 690 -18.64 -4.41 -2.94
C THR B 690 -19.93 -5.14 -3.28
N ILE B 691 -20.20 -5.26 -4.57
CA ILE B 691 -21.38 -5.97 -5.08
C ILE B 691 -21.51 -7.33 -4.42
N ARG B 692 -20.43 -8.09 -4.38
CA ARG B 692 -20.47 -9.44 -3.85
C ARG B 692 -20.66 -9.46 -2.33
N ILE B 693 -19.91 -8.62 -1.62
CA ILE B 693 -20.10 -8.47 -0.17
C ILE B 693 -21.51 -8.01 0.18
N SER B 694 -22.18 -7.30 -0.71
CA SER B 694 -23.58 -6.95 -0.53
C SER B 694 -24.57 -8.02 -1.00
N ALA B 695 -24.13 -8.93 -1.87
CA ALA B 695 -24.96 -10.10 -2.17
C ALA B 695 -24.90 -11.11 -1.04
N ALA B 696 -23.74 -11.29 -0.43
CA ALA B 696 -23.70 -11.75 0.94
C ALA B 696 -24.39 -10.73 1.84
N GLY B 697 -25.05 -11.21 2.88
CA GLY B 697 -25.98 -10.38 3.62
C GLY B 697 -27.36 -10.37 3.01
N PHE B 698 -28.12 -9.31 3.32
CA PHE B 698 -29.49 -9.16 2.85
C PHE B 698 -29.63 -7.99 1.88
N PRO B 699 -29.47 -8.23 0.58
CA PRO B 699 -29.37 -7.12 -0.36
C PRO B 699 -30.68 -6.40 -0.60
N SER B 700 -31.83 -7.00 -0.27
CA SER B 700 -33.11 -6.52 -0.78
C SER B 700 -34.13 -6.40 0.34
N ARG B 701 -34.85 -5.28 0.34
CA ARG B 701 -35.58 -4.79 1.50
C ARG B 701 -36.84 -4.08 1.03
N TRP B 702 -37.95 -4.26 1.75
CA TRP B 702 -39.27 -3.94 1.22
C TRP B 702 -40.18 -3.38 2.30
N THR B 703 -40.76 -2.21 2.03
CA THR B 703 -41.74 -1.59 2.92
C THR B 703 -43.09 -2.31 2.81
N TYR B 704 -43.66 -2.68 3.96
CA TYR B 704 -44.67 -3.73 3.98
C TYR B 704 -45.85 -3.44 3.06
N GLN B 705 -46.53 -2.31 3.26
CA GLN B 705 -47.74 -2.04 2.49
C GLN B 705 -47.51 -2.00 0.98
N GLU B 706 -46.36 -1.50 0.53
CA GLU B 706 -46.13 -1.47 -0.92
C GLU B 706 -45.83 -2.86 -1.48
N PHE B 707 -45.21 -3.72 -0.69
CA PHE B 707 -45.17 -5.14 -1.02
C PHE B 707 -46.57 -5.70 -1.19
N PHE B 708 -47.40 -5.56 -0.15
CA PHE B 708 -48.74 -6.14 -0.19
C PHE B 708 -49.57 -5.54 -1.31
N SER B 709 -49.27 -4.31 -1.71
CA SER B 709 -50.03 -3.61 -2.74
C SER B 709 -50.06 -4.39 -4.06
N ARG B 710 -48.90 -4.85 -4.54
CA ARG B 710 -48.93 -5.86 -5.59
C ARG B 710 -49.38 -7.22 -5.06
N TYR B 711 -48.76 -7.71 -3.99
CA TYR B 711 -48.80 -9.14 -3.74
C TYR B 711 -50.20 -9.68 -3.46
N ARG B 712 -51.12 -8.84 -2.97
CA ARG B 712 -52.51 -9.29 -2.92
C ARG B 712 -53.00 -9.76 -4.29
N VAL B 713 -52.49 -9.16 -5.37
CA VAL B 713 -52.86 -9.62 -6.71
C VAL B 713 -52.52 -11.10 -6.89
N LEU B 714 -51.41 -11.55 -6.30
CA LEU B 714 -51.24 -12.98 -6.07
C LEU B 714 -52.17 -13.47 -4.96
N MET B 715 -52.14 -12.81 -3.81
CA MET B 715 -52.75 -13.38 -2.61
C MET B 715 -54.27 -13.26 -2.64
N ARG B 724 -51.23 -4.22 7.93
CA ARG B 724 -51.23 -5.47 7.17
C ARG B 724 -50.17 -6.42 7.71
N LYS B 725 -49.17 -5.85 8.37
CA LYS B 725 -47.84 -6.44 8.46
C LYS B 725 -47.85 -7.88 9.01
N GLN B 726 -48.62 -8.13 10.06
CA GLN B 726 -48.68 -9.48 10.63
C GLN B 726 -49.44 -10.46 9.74
N THR B 727 -50.61 -10.07 9.25
CA THR B 727 -51.36 -10.98 8.38
C THR B 727 -50.59 -11.28 7.10
N CYS B 728 -49.98 -10.25 6.50
CA CYS B 728 -49.23 -10.46 5.28
C CYS B 728 -47.97 -11.29 5.52
N LYS B 729 -47.30 -11.09 6.66
CA LYS B 729 -46.20 -11.98 7.08
C LYS B 729 -46.64 -13.43 7.14
N ASN B 730 -47.82 -13.68 7.69
CA ASN B 730 -48.32 -15.04 7.81
C ASN B 730 -48.73 -15.63 6.47
N VAL B 731 -49.35 -14.83 5.60
CA VAL B 731 -49.75 -15.33 4.28
C VAL B 731 -48.55 -15.56 3.37
N LEU B 732 -47.53 -14.71 3.42
CA LEU B 732 -46.23 -15.12 2.90
C LEU B 732 -45.76 -16.47 3.45
N GLU B 733 -45.69 -16.60 4.77
CA GLU B 733 -45.06 -17.78 5.34
C GLU B 733 -45.82 -19.06 4.99
N LYS B 734 -47.13 -18.97 4.84
CA LYS B 734 -47.93 -20.05 4.29
C LYS B 734 -47.73 -20.25 2.79
N LEU B 735 -47.50 -19.17 2.04
CA LEU B 735 -47.15 -19.34 0.63
C LEU B 735 -45.81 -20.04 0.45
N ILE B 736 -44.78 -19.62 1.17
CA ILE B 736 -43.41 -19.96 0.78
C ILE B 736 -42.57 -20.21 2.01
N LEU B 737 -41.66 -21.19 1.94
CA LEU B 737 -40.53 -21.25 2.86
C LEU B 737 -39.35 -20.43 2.33
N ASP B 738 -39.51 -19.12 2.42
CA ASP B 738 -38.42 -18.16 2.50
C ASP B 738 -37.82 -18.05 3.89
N LYS B 739 -38.47 -18.64 4.90
CA LYS B 739 -38.41 -18.14 6.28
C LYS B 739 -37.00 -17.79 6.73
N ASP B 740 -36.03 -18.68 6.55
CA ASP B 740 -34.67 -18.30 6.91
C ASP B 740 -34.10 -17.19 6.02
N LYS B 741 -34.49 -17.15 4.74
CA LYS B 741 -34.01 -16.12 3.82
C LYS B 741 -34.86 -14.86 3.83
N TYR B 742 -35.83 -14.71 4.72
CA TYR B 742 -36.42 -13.40 4.92
C TYR B 742 -36.44 -13.03 6.40
N GLN B 743 -36.43 -11.72 6.65
CA GLN B 743 -36.38 -11.17 8.00
C GLN B 743 -37.35 -10.00 8.12
N PHE B 744 -37.66 -9.64 9.35
CA PHE B 744 -38.73 -8.68 9.64
C PHE B 744 -38.24 -7.60 10.59
N GLY B 745 -38.71 -6.38 10.36
CA GLY B 745 -38.40 -5.28 11.26
C GLY B 745 -39.43 -4.17 11.27
N LYS B 746 -39.08 -3.09 11.98
CA LYS B 746 -40.02 -2.01 12.28
C LYS B 746 -40.79 -1.51 11.05
N THR B 747 -40.13 -1.37 9.90
CA THR B 747 -40.82 -0.84 8.72
C THR B 747 -40.70 -1.71 7.48
N LYS B 748 -39.87 -2.75 7.49
CA LYS B 748 -39.64 -3.49 6.27
C LYS B 748 -39.51 -4.98 6.58
N ILE B 749 -39.77 -5.77 5.56
CA ILE B 749 -39.21 -7.12 5.43
C ILE B 749 -37.89 -7.00 4.68
N PHE B 750 -36.90 -7.75 5.11
CA PHE B 750 -35.72 -7.95 4.28
C PHE B 750 -35.76 -9.33 3.65
N PHE B 751 -35.17 -9.43 2.47
CA PHE B 751 -34.94 -10.71 1.82
C PHE B 751 -33.45 -10.92 1.61
N ARG B 752 -33.05 -12.17 1.47
CA ARG B 752 -31.81 -12.44 0.77
C ARG B 752 -32.03 -12.39 -0.74
N ALA B 753 -30.92 -12.50 -1.48
CA ALA B 753 -30.94 -12.50 -2.93
C ALA B 753 -31.86 -13.57 -3.50
N GLY B 754 -32.43 -13.28 -4.67
CA GLY B 754 -33.14 -14.25 -5.47
C GLY B 754 -34.52 -14.63 -4.97
N GLN B 755 -34.92 -14.15 -3.80
CA GLN B 755 -36.29 -14.38 -3.37
C GLN B 755 -37.26 -13.50 -4.16
N VAL B 756 -36.84 -12.29 -4.50
CA VAL B 756 -37.66 -11.36 -5.27
C VAL B 756 -37.97 -11.91 -6.66
N ALA B 757 -36.98 -12.55 -7.29
CA ALA B 757 -37.25 -13.26 -8.52
C ALA B 757 -38.26 -14.39 -8.32
N TYR B 758 -38.09 -15.20 -7.27
CA TYR B 758 -39.01 -16.30 -7.09
C TYR B 758 -40.43 -15.80 -6.86
N LEU B 759 -40.56 -14.70 -6.12
CA LEU B 759 -41.84 -14.02 -5.94
C LEU B 759 -42.46 -13.57 -7.26
N GLU B 760 -41.64 -13.06 -8.19
CA GLU B 760 -42.23 -12.82 -9.51
C GLU B 760 -42.50 -14.08 -10.31
N LYS B 761 -41.71 -15.14 -10.14
CA LYS B 761 -42.04 -16.37 -10.85
C LYS B 761 -43.40 -16.91 -10.43
N ILE B 762 -43.65 -16.95 -9.12
CA ILE B 762 -44.99 -17.29 -8.64
C ILE B 762 -46.02 -16.28 -9.11
N ARG B 763 -45.63 -15.01 -9.25
CA ARG B 763 -46.54 -14.03 -9.84
C ARG B 763 -46.97 -14.46 -11.23
N ALA B 764 -46.02 -14.80 -12.08
CA ALA B 764 -46.33 -15.16 -13.45
C ALA B 764 -47.14 -16.44 -13.51
N ASP B 765 -46.79 -17.42 -12.67
CA ASP B 765 -47.53 -18.68 -12.60
C ASP B 765 -49.01 -18.43 -12.31
N LYS B 766 -49.29 -17.59 -11.31
CA LYS B 766 -50.68 -17.32 -11.01
C LYS B 766 -51.31 -16.50 -12.13
N LEU B 767 -50.64 -15.45 -12.59
CA LEU B 767 -51.32 -14.49 -13.44
C LEU B 767 -51.64 -15.11 -14.79
N ARG B 768 -50.70 -15.89 -15.34
CA ARG B 768 -50.97 -16.68 -16.53
C ARG B 768 -52.11 -17.68 -16.33
N ALA B 769 -52.06 -18.48 -15.25
CA ALA B 769 -53.14 -19.43 -15.03
C ALA B 769 -54.49 -18.73 -14.96
N ALA B 770 -54.55 -17.64 -14.20
CA ALA B 770 -55.77 -16.85 -14.10
C ALA B 770 -56.23 -16.41 -15.47
N CYS B 771 -55.30 -15.88 -16.29
CA CYS B 771 -55.70 -15.34 -17.57
C CYS B 771 -56.29 -16.42 -18.47
N ILE B 772 -55.73 -17.63 -18.42
CA ILE B 772 -56.31 -18.75 -19.16
C ILE B 772 -57.75 -19.04 -18.72
N ARG B 773 -58.01 -19.00 -17.41
CA ARG B 773 -59.39 -19.22 -16.98
C ARG B 773 -60.29 -18.05 -17.33
N ILE B 774 -59.83 -16.82 -17.08
CA ILE B 774 -60.67 -15.66 -17.33
C ILE B 774 -61.07 -15.62 -18.80
N GLN B 775 -60.09 -15.77 -19.69
CA GLN B 775 -60.40 -15.69 -21.11
C GLN B 775 -61.31 -16.82 -21.56
N LYS B 776 -61.09 -18.07 -21.08
CA LYS B 776 -62.01 -19.12 -21.52
C LYS B 776 -63.41 -18.89 -21.00
N THR B 777 -63.54 -18.32 -19.80
CA THR B 777 -64.85 -17.99 -19.28
C THR B 777 -65.57 -16.97 -20.16
N ILE B 778 -64.90 -15.85 -20.44
CA ILE B 778 -65.56 -14.82 -21.24
C ILE B 778 -65.78 -15.25 -22.68
N ARG B 779 -64.86 -16.03 -23.24
CA ARG B 779 -65.09 -16.69 -24.53
C ARG B 779 -66.31 -17.61 -24.53
N GLY B 780 -66.65 -18.19 -23.38
CA GLY B 780 -67.93 -18.88 -23.28
C GLY B 780 -69.14 -18.04 -23.65
N TRP B 781 -69.23 -16.81 -23.15
CA TRP B 781 -70.28 -15.95 -23.70
C TRP B 781 -69.96 -15.44 -25.09
N LEU B 782 -68.70 -15.23 -25.43
CA LEU B 782 -68.36 -14.73 -26.76
C LEU B 782 -68.89 -15.63 -27.88
N MET B 783 -68.70 -16.93 -27.71
CA MET B 783 -69.29 -17.90 -28.62
C MET B 783 -70.80 -17.99 -28.38
N ARG B 784 -71.27 -17.97 -27.13
CA ARG B 784 -72.73 -18.02 -26.91
C ARG B 784 -73.42 -16.80 -27.52
N LYS B 785 -72.69 -15.68 -27.60
CA LYS B 785 -73.10 -14.46 -28.28
C LYS B 785 -73.25 -14.69 -29.78
N LYS B 786 -72.26 -15.33 -30.39
CA LYS B 786 -72.41 -15.64 -31.81
C LYS B 786 -73.54 -16.64 -32.02
N TYR B 787 -73.79 -17.49 -31.02
CA TYR B 787 -74.90 -18.43 -31.04
C TYR B 787 -76.25 -17.72 -30.99
N MET B 788 -76.42 -16.80 -30.05
CA MET B 788 -77.70 -16.10 -29.95
C MET B 788 -77.93 -15.23 -31.18
N ARG B 789 -76.85 -14.65 -31.71
CA ARG B 789 -76.90 -14.03 -33.04
C ARG B 789 -77.42 -14.99 -34.11
N MET B 790 -76.93 -16.23 -34.08
CA MET B 790 -77.34 -17.20 -35.10
C MET B 790 -78.78 -17.68 -34.90
N ARG B 791 -79.23 -17.82 -33.66
CA ARG B 791 -80.62 -18.16 -33.37
C ARG B 791 -81.57 -17.17 -34.03
N ARG B 792 -81.18 -15.90 -34.06
CA ARG B 792 -81.88 -14.85 -34.77
C ARG B 792 -81.78 -14.99 -36.29
N GLU C 6 9.97 4.78 19.56
CA GLU C 6 9.65 3.46 20.08
C GLU C 6 10.66 3.06 21.15
N THR C 7 11.30 1.90 20.95
CA THR C 7 12.40 1.44 21.78
C THR C 7 13.54 0.99 20.89
N THR C 8 14.76 1.32 21.29
CA THR C 8 15.94 1.16 20.47
C THR C 8 16.96 0.44 21.32
N ALA C 9 17.70 -0.48 20.73
CA ALA C 9 18.64 -1.24 21.53
C ALA C 9 19.74 -0.33 22.05
N LEU C 10 20.18 -0.59 23.27
CA LEU C 10 21.48 -0.14 23.75
C LEU C 10 22.55 -1.01 23.15
N VAL C 11 23.65 -0.39 22.73
CA VAL C 11 24.76 -1.12 22.16
C VAL C 11 26.01 -0.73 22.90
N CYS C 12 26.72 -1.71 23.42
CA CYS C 12 27.78 -1.50 24.37
C CYS C 12 28.94 -2.39 24.00
N ASP C 13 30.16 -1.87 24.11
CA ASP C 13 31.35 -2.67 23.95
C ASP C 13 32.22 -2.48 25.18
N ASN C 14 32.51 -3.56 25.89
CA ASN C 14 33.17 -3.38 27.18
C ASN C 14 34.63 -3.12 26.98
N GLY C 15 35.23 -3.78 26.00
CA GLY C 15 36.62 -3.60 25.71
C GLY C 15 37.53 -3.86 26.89
N SER C 16 38.65 -3.16 26.87
CA SER C 16 39.50 -2.85 27.99
C SER C 16 40.11 -1.51 27.65
N GLY C 17 40.36 -0.69 28.65
CA GLY C 17 40.39 0.72 28.34
C GLY C 17 39.00 1.10 27.90
N LEU C 18 38.88 1.83 26.79
CA LEU C 18 37.64 2.54 26.53
C LEU C 18 36.42 1.64 26.62
N VAL C 19 35.39 2.13 27.30
CA VAL C 19 34.00 1.69 27.12
C VAL C 19 33.34 2.66 26.18
N LYS C 20 32.54 2.14 25.27
CA LYS C 20 31.87 3.00 24.30
C LYS C 20 30.51 2.43 24.01
N ALA C 21 29.51 3.29 24.15
CA ALA C 21 28.12 2.90 24.27
C ALA C 21 27.27 3.94 23.58
N GLY C 22 26.08 3.54 23.17
CA GLY C 22 25.21 4.45 22.44
C GLY C 22 23.96 3.71 22.05
N PHE C 23 23.05 4.44 21.44
CA PHE C 23 21.82 3.83 20.97
C PHE C 23 22.01 3.32 19.57
N ALA C 24 21.40 2.18 19.26
CA ALA C 24 21.54 1.61 17.94
C ALA C 24 20.94 2.53 16.90
N GLY C 25 21.43 2.41 15.67
CA GLY C 25 20.87 3.22 14.61
C GLY C 25 21.34 4.66 14.57
N ASP C 26 22.46 4.99 15.22
CA ASP C 26 23.11 6.26 14.96
C ASP C 26 24.60 6.08 14.72
N ASP C 27 25.22 7.16 14.25
CA ASP C 27 26.49 7.03 13.53
C ASP C 27 27.66 6.69 14.44
N ALA C 28 27.69 7.22 15.67
CA ALA C 28 28.84 6.98 16.52
C ALA C 28 28.43 7.01 17.97
N PRO C 29 29.19 6.35 18.85
CA PRO C 29 28.79 6.28 20.26
C PRO C 29 28.74 7.65 20.90
N ARG C 30 27.81 7.82 21.83
CA ARG C 30 27.73 9.09 22.53
C ARG C 30 28.08 8.95 24.00
N ALA C 31 28.79 7.90 24.38
CA ALA C 31 29.63 7.93 25.56
C ALA C 31 30.86 7.10 25.26
N VAL C 32 32.04 7.67 25.47
CA VAL C 32 33.29 6.93 25.47
C VAL C 32 34.09 7.36 26.68
N PHE C 33 34.53 6.39 27.47
CA PHE C 33 35.34 6.71 28.64
C PHE C 33 36.06 5.45 29.08
N PRO C 34 37.21 5.59 29.75
CA PRO C 34 37.98 4.39 30.10
C PRO C 34 37.21 3.50 31.06
N SER C 35 37.42 2.19 30.93
CA SER C 35 36.84 1.23 31.85
C SER C 35 37.73 1.11 33.08
N ILE C 36 37.77 2.18 33.86
CA ILE C 36 38.75 2.29 34.92
C ILE C 36 38.03 2.69 36.20
N VAL C 37 38.43 2.10 37.32
CA VAL C 37 37.85 2.42 38.61
C VAL C 37 38.98 2.79 39.56
N GLY C 38 38.85 3.93 40.21
CA GLY C 38 39.87 4.43 41.11
C GLY C 38 39.32 4.48 42.52
N ARG C 39 40.06 3.92 43.42
CA ARG C 39 39.78 4.16 44.82
C ARG C 39 40.85 5.04 45.45
N PRO C 40 40.49 5.97 46.32
CA PRO C 40 41.49 6.81 46.95
C PRO C 40 42.22 6.06 48.04
N ARG C 41 43.52 6.30 48.13
CA ARG C 41 44.36 5.56 49.05
C ARG C 41 44.94 6.36 50.20
N HIS C 42 44.92 7.68 50.12
CA HIS C 42 45.45 8.49 51.21
C HIS C 42 44.43 8.73 52.31
N GLN C 43 44.92 9.26 53.41
CA GLN C 43 44.10 9.80 54.49
C GLN C 43 43.62 11.19 54.12
N GLY C 44 42.30 11.37 54.00
CA GLY C 44 41.76 12.69 53.72
C GLY C 44 41.67 13.50 54.99
N VAL C 45 42.13 14.75 54.91
CA VAL C 45 42.26 15.60 56.09
C VAL C 45 41.14 16.62 56.18
N MET C 46 40.82 17.29 55.08
CA MET C 46 39.78 18.30 55.12
C MET C 46 38.42 17.68 55.36
N VAL C 47 37.60 18.37 56.12
CA VAL C 47 36.33 17.84 56.61
C VAL C 47 35.20 18.41 55.76
N GLY C 48 34.17 17.61 55.55
CA GLY C 48 33.00 18.09 54.85
C GLY C 48 33.26 18.36 53.38
N MET C 49 33.73 17.35 52.66
CA MET C 49 34.39 17.56 51.38
C MET C 49 33.64 16.96 50.20
N GLY C 50 32.55 16.23 50.41
CA GLY C 50 32.00 15.48 49.30
C GLY C 50 32.86 14.32 48.86
N GLN C 51 33.77 13.86 49.72
CA GLN C 51 34.59 12.71 49.43
C GLN C 51 33.74 11.44 49.36
N LYS C 52 34.15 10.52 48.51
CA LYS C 52 33.27 9.51 47.94
C LYS C 52 33.98 8.17 47.91
N ASP C 53 33.18 7.11 48.00
CA ASP C 53 33.69 5.74 48.00
C ASP C 53 34.69 5.46 46.89
N SER C 54 34.31 5.75 45.65
CA SER C 54 35.21 5.49 44.52
C SER C 54 34.68 6.18 43.28
N TYR C 55 35.56 6.38 42.31
CA TYR C 55 35.26 7.11 41.11
C TYR C 55 35.34 6.18 39.90
N VAL C 56 34.68 6.59 38.82
CA VAL C 56 34.58 5.78 37.62
C VAL C 56 34.89 6.64 36.40
N GLY C 57 35.59 6.05 35.44
CA GLY C 57 35.73 6.64 34.12
C GLY C 57 36.50 7.95 34.08
N ASP C 58 35.90 8.98 33.48
CA ASP C 58 36.58 10.27 33.32
C ASP C 58 36.84 10.97 34.64
N GLU C 59 36.07 10.66 35.67
CA GLU C 59 36.35 11.21 36.98
C GLU C 59 37.70 10.69 37.46
N ALA C 60 37.87 9.38 37.46
CA ALA C 60 39.10 8.82 37.99
C ALA C 60 40.30 9.23 37.15
N GLN C 61 40.14 9.36 35.83
CA GLN C 61 41.21 9.96 35.03
C GLN C 61 41.58 11.35 35.52
N SER C 62 40.59 12.16 35.92
CA SER C 62 40.95 13.52 36.28
C SER C 62 41.61 13.61 37.67
N LYS C 63 41.10 12.85 38.63
CA LYS C 63 41.65 12.81 39.98
C LYS C 63 42.85 11.90 40.13
N ARG C 64 43.32 11.26 39.07
CA ARG C 64 44.15 10.07 39.21
C ARG C 64 45.40 10.27 40.06
N GLY C 65 45.84 11.50 40.24
CA GLY C 65 46.99 11.73 41.09
C GLY C 65 46.91 11.12 42.48
N ILE C 66 45.71 11.06 43.06
CA ILE C 66 45.55 10.54 44.41
C ILE C 66 44.93 9.14 44.45
N LEU C 67 44.74 8.51 43.31
CA LEU C 67 43.98 7.27 43.22
C LEU C 67 44.89 6.12 42.87
N THR C 68 44.52 4.91 43.29
CA THR C 68 44.92 3.69 42.61
C THR C 68 43.89 3.40 41.52
N LEU C 69 44.31 3.53 40.28
CA LEU C 69 43.49 3.09 39.17
C LEU C 69 43.64 1.58 39.04
N LYS C 70 42.55 0.89 38.78
CA LYS C 70 42.65 -0.48 38.32
C LYS C 70 41.56 -0.76 37.32
N TYR C 71 41.83 -1.72 36.46
CA TYR C 71 41.00 -2.16 35.34
C TYR C 71 40.30 -3.46 35.68
N PRO C 72 38.97 -3.51 35.55
CA PRO C 72 38.26 -4.75 35.88
C PRO C 72 38.27 -5.78 34.76
N ILE C 73 38.76 -5.45 33.58
CA ILE C 73 38.82 -6.37 32.44
C ILE C 73 40.27 -6.55 32.04
N GLU C 74 40.73 -7.80 32.03
CA GLU C 74 42.11 -8.07 31.67
C GLU C 74 42.23 -9.20 30.67
N HIC C 75 42.54 -8.84 29.44
CA HIC C 75 42.53 -9.76 28.32
C HIC C 75 41.12 -10.26 28.10
O HIC C 75 40.82 -11.44 28.07
CB HIC C 75 43.44 -10.99 28.47
CG HIC C 75 44.83 -10.60 28.70
ND1 HIC C 75 45.44 -9.46 28.16
CD2 HIC C 75 45.77 -11.31 29.47
CE1 HIC C 75 46.70 -9.47 28.59
NE2 HIC C 75 46.95 -10.59 29.41
CZ HIC C 75 48.18 -10.92 30.04
N GLY C 76 40.21 -9.31 27.96
CA GLY C 76 38.82 -9.62 27.69
C GLY C 76 38.10 -10.52 28.68
N ILE C 77 38.80 -11.08 29.64
CA ILE C 77 38.13 -11.66 30.80
C ILE C 77 37.74 -10.54 31.75
N ILE C 78 36.56 -10.65 32.34
CA ILE C 78 36.22 -9.81 33.48
C ILE C 78 36.77 -10.43 34.75
N THR C 79 37.56 -9.66 35.50
CA THR C 79 38.22 -10.21 36.68
C THR C 79 37.62 -9.72 37.98
N ASN C 80 36.93 -8.59 37.98
CA ASN C 80 36.19 -8.08 39.13
C ASN C 80 34.75 -7.99 38.71
N TRP C 81 33.84 -8.30 39.62
CA TRP C 81 32.44 -8.15 39.27
C TRP C 81 31.79 -6.93 39.89
N ASP C 82 32.25 -6.52 41.07
CA ASP C 82 31.68 -5.35 41.71
C ASP C 82 32.06 -4.08 40.97
N ASP C 83 33.34 -3.95 40.60
CA ASP C 83 33.76 -2.84 39.77
C ASP C 83 33.11 -2.89 38.39
N MET C 84 32.89 -4.07 37.83
CA MET C 84 32.23 -4.11 36.54
C MET C 84 30.78 -3.64 36.66
N GLU C 85 30.08 -4.07 37.70
CA GLU C 85 28.76 -3.53 37.96
C GLU C 85 28.79 -2.02 38.08
N LYS C 86 29.78 -1.49 38.81
CA LYS C 86 29.90 -0.03 38.91
C LYS C 86 30.03 0.62 37.55
N ILE C 87 30.82 0.02 36.66
CA ILE C 87 31.05 0.66 35.37
C ILE C 87 29.80 0.61 34.50
N TRP C 88 29.12 -0.52 34.45
CA TRP C 88 27.87 -0.54 33.69
C TRP C 88 26.85 0.41 34.29
N HIS C 89 26.78 0.46 35.62
CA HIS C 89 25.83 1.35 36.27
C HIS C 89 26.10 2.78 35.87
N HIS C 90 27.36 3.19 35.92
CA HIS C 90 27.74 4.51 35.46
C HIS C 90 27.43 4.72 34.00
N THR C 91 27.56 3.68 33.18
CA THR C 91 27.31 3.88 31.75
C THR C 91 25.85 4.18 31.50
N PHE C 92 24.96 3.36 32.05
CA PHE C 92 23.56 3.53 31.74
C PHE C 92 22.98 4.74 32.43
N TYR C 93 23.18 4.87 33.73
CA TYR C 93 22.55 6.00 34.40
C TYR C 93 23.24 7.33 34.14
N ASN C 94 24.54 7.44 34.40
CA ASN C 94 25.19 8.73 34.19
C ASN C 94 25.45 9.05 32.72
N GLU C 95 26.00 8.12 31.93
CA GLU C 95 26.38 8.52 30.58
C GLU C 95 25.20 8.58 29.62
N LEU C 96 24.34 7.58 29.61
CA LEU C 96 23.22 7.61 28.69
C LEU C 96 21.96 8.19 29.31
N ARG C 97 21.88 8.26 30.63
CA ARG C 97 20.74 8.83 31.33
C ARG C 97 19.44 8.18 30.89
N VAL C 98 19.49 6.86 30.73
CA VAL C 98 18.38 6.08 30.23
C VAL C 98 18.27 4.85 31.10
N ALA C 99 17.05 4.50 31.46
CA ALA C 99 16.90 3.32 32.29
C ALA C 99 17.11 2.08 31.44
N PRO C 100 17.63 1.01 32.03
CA PRO C 100 17.74 -0.23 31.26
C PRO C 100 16.40 -0.86 30.96
N GLU C 101 15.42 -0.76 31.86
CA GLU C 101 14.12 -1.42 31.65
C GLU C 101 13.52 -1.04 30.31
N GLU C 102 13.73 0.20 29.88
CA GLU C 102 13.13 0.70 28.66
C GLU C 102 13.71 0.08 27.40
N HIS C 103 14.89 -0.55 27.47
CA HIS C 103 15.60 -0.90 26.25
C HIS C 103 16.30 -2.25 26.30
N PRO C 104 16.19 -3.04 25.24
CA PRO C 104 17.01 -4.23 25.12
C PRO C 104 18.46 -3.85 24.86
N THR C 105 19.37 -4.72 25.26
CA THR C 105 20.78 -4.41 25.31
C THR C 105 21.58 -5.39 24.47
N LEU C 106 22.62 -4.92 23.81
CA LEU C 106 23.47 -5.73 22.96
C LEU C 106 24.90 -5.59 23.45
N LEU C 107 25.56 -6.71 23.69
CA LEU C 107 26.82 -6.74 24.40
C LEU C 107 27.85 -7.46 23.55
N THR C 108 29.09 -7.03 23.68
CA THR C 108 30.13 -7.40 22.75
C THR C 108 31.19 -8.20 23.52
N GLU C 109 31.84 -9.13 22.84
CA GLU C 109 32.77 -10.02 23.53
C GLU C 109 33.83 -10.50 22.54
N ALA C 110 35.00 -10.92 23.10
CA ALA C 110 36.00 -11.59 22.28
C ALA C 110 35.80 -13.10 22.31
N PRO C 111 36.18 -13.82 21.25
CA PRO C 111 35.93 -15.26 21.21
C PRO C 111 36.91 -16.05 22.06
N LEU C 112 36.58 -17.33 22.24
CA LEU C 112 37.46 -18.30 22.89
C LEU C 112 37.78 -17.94 24.34
N ASN C 113 36.81 -17.46 25.09
CA ASN C 113 37.11 -17.08 26.47
C ASN C 113 36.01 -17.59 27.40
N PRO C 114 36.33 -17.75 28.68
CA PRO C 114 35.58 -18.69 29.52
C PRO C 114 34.08 -18.47 29.53
N LYS C 115 33.34 -19.55 29.39
CA LYS C 115 31.89 -19.50 29.31
C LYS C 115 31.26 -18.92 30.58
N ALA C 116 31.91 -19.09 31.73
CA ALA C 116 31.46 -18.40 32.93
C ALA C 116 31.32 -16.91 32.73
N ASN C 117 32.13 -16.31 31.86
CA ASN C 117 32.03 -14.89 31.59
C ASN C 117 30.69 -14.51 30.96
N ARG C 118 30.24 -15.26 29.97
CA ARG C 118 28.93 -14.99 29.37
C ARG C 118 27.82 -15.29 30.34
N GLU C 119 27.96 -16.36 31.13
CA GLU C 119 26.93 -16.67 32.10
C GLU C 119 26.74 -15.52 33.06
N LYS C 120 27.82 -15.10 33.73
CA LYS C 120 27.74 -14.01 34.68
C LYS C 120 27.20 -12.73 34.06
N MET C 121 27.71 -12.37 32.88
CA MET C 121 27.29 -11.11 32.26
C MET C 121 25.81 -11.10 31.93
N THR C 122 25.24 -12.25 31.60
CA THR C 122 23.79 -12.31 31.43
C THR C 122 23.08 -12.25 32.76
N GLN C 123 23.52 -13.07 33.71
CA GLN C 123 22.88 -13.09 35.02
C GLN C 123 22.77 -11.70 35.61
N ILE C 124 23.83 -10.90 35.49
CA ILE C 124 23.80 -9.50 35.91
C ILE C 124 22.80 -8.69 35.09
N MET C 125 22.87 -8.75 33.76
CA MET C 125 22.00 -7.86 32.99
C MET C 125 20.53 -8.12 33.27
N PHE C 126 20.13 -9.37 33.39
CA PHE C 126 18.73 -9.67 33.71
C PHE C 126 18.37 -9.38 35.16
N GLU C 127 19.19 -9.80 36.11
CA GLU C 127 18.79 -9.73 37.51
C GLU C 127 18.90 -8.34 38.13
N THR C 128 20.05 -7.67 38.02
CA THR C 128 20.14 -6.34 38.63
C THR C 128 19.48 -5.24 37.79
N PHE C 129 19.77 -5.16 36.51
CA PHE C 129 19.15 -4.16 35.66
C PHE C 129 17.71 -4.46 35.28
N ASN C 130 17.33 -5.73 35.12
CA ASN C 130 16.04 -6.10 34.52
C ASN C 130 15.91 -5.64 33.07
N VAL C 131 17.02 -5.65 32.34
CA VAL C 131 17.02 -5.41 30.90
C VAL C 131 16.06 -6.37 30.22
N PRO C 132 15.12 -5.87 29.43
CA PRO C 132 14.04 -6.74 28.92
C PRO C 132 14.51 -7.82 27.97
N ALA C 133 15.59 -7.60 27.24
CA ALA C 133 16.17 -8.64 26.38
C ALA C 133 17.62 -8.29 26.10
N MET C 134 18.43 -9.30 25.82
CA MET C 134 19.82 -9.00 25.50
C MET C 134 20.46 -10.10 24.67
N TYR C 135 21.62 -9.77 24.12
CA TYR C 135 22.36 -10.59 23.18
C TYR C 135 23.85 -10.33 23.35
N VAL C 136 24.68 -11.32 23.07
CA VAL C 136 26.13 -11.19 23.24
C VAL C 136 26.82 -11.62 21.96
N ALA C 137 27.66 -10.76 21.40
CA ALA C 137 28.12 -10.90 20.03
C ALA C 137 29.63 -10.78 19.92
N ILE C 138 30.19 -11.54 18.97
CA ILE C 138 31.64 -11.54 18.73
C ILE C 138 32.07 -10.24 18.08
N GLN C 139 33.19 -9.68 18.55
CA GLN C 139 33.68 -8.41 18.02
C GLN C 139 34.01 -8.49 16.53
N ALA C 140 34.79 -9.50 16.14
CA ALA C 140 35.21 -9.61 14.75
C ALA C 140 34.02 -9.66 13.81
N VAL C 141 32.97 -10.40 14.17
CA VAL C 141 31.80 -10.47 13.33
C VAL C 141 31.25 -9.07 13.06
N LEU C 142 31.18 -8.23 14.10
CA LEU C 142 30.63 -6.90 13.93
C LEU C 142 31.53 -6.00 13.11
N SER C 143 32.83 -6.28 13.07
CA SER C 143 33.69 -5.44 12.26
C SER C 143 33.39 -5.55 10.77
N LEU C 144 32.90 -6.71 10.32
CA LEU C 144 32.53 -6.85 8.91
C LEU C 144 31.24 -6.11 8.59
N TYR C 145 30.23 -6.22 9.45
CA TYR C 145 29.08 -5.33 9.28
C TYR C 145 29.52 -3.90 9.15
N ALA C 146 30.46 -3.47 9.99
CA ALA C 146 30.89 -2.08 9.96
C ALA C 146 31.61 -1.72 8.68
N SER C 147 32.39 -2.64 8.13
CA SER C 147 33.16 -2.34 6.93
C SER C 147 32.44 -2.70 5.63
N GLY C 148 31.22 -3.19 5.69
CA GLY C 148 30.42 -3.33 4.48
C GLY C 148 30.67 -4.59 3.69
N ARG C 149 31.22 -5.62 4.32
CA ARG C 149 31.63 -6.83 3.62
C ARG C 149 30.97 -8.04 4.27
N THR C 150 30.79 -9.09 3.48
CA THR C 150 30.32 -10.36 3.99
C THR C 150 31.42 -11.40 4.01
N THR C 151 32.59 -11.06 3.49
CA THR C 151 33.70 -11.99 3.34
C THR C 151 34.96 -11.24 3.74
N GLY C 152 35.84 -11.92 4.44
CA GLY C 152 37.09 -11.31 4.83
C GLY C 152 37.66 -12.06 6.00
N ILE C 153 38.91 -11.77 6.30
CA ILE C 153 39.52 -12.16 7.55
C ILE C 153 39.72 -10.89 8.38
N VAL C 154 39.20 -10.91 9.60
CA VAL C 154 39.29 -9.76 10.48
C VAL C 154 40.49 -9.92 11.40
N LEU C 155 41.23 -8.84 11.58
CA LEU C 155 42.20 -8.73 12.66
C LEU C 155 41.76 -7.61 13.59
N ASP C 156 41.46 -7.96 14.83
CA ASP C 156 40.89 -7.02 15.78
C ASP C 156 41.70 -7.06 17.06
N SER C 157 42.15 -5.90 17.52
CA SER C 157 42.96 -5.85 18.73
C SER C 157 42.64 -4.58 19.47
N GLY C 158 42.24 -4.71 20.73
CA GLY C 158 42.05 -3.58 21.60
C GLY C 158 43.19 -3.51 22.58
N ASP C 159 42.91 -3.16 23.83
CA ASP C 159 43.73 -3.68 24.90
C ASP C 159 43.56 -5.18 24.97
N GLY C 160 44.51 -5.85 25.61
CA GLY C 160 44.36 -7.28 25.78
C GLY C 160 44.27 -8.04 24.47
N VAL C 161 43.18 -8.80 24.32
CA VAL C 161 43.09 -9.84 23.31
C VAL C 161 43.25 -9.31 21.89
N THR C 162 44.08 -10.00 21.12
CA THR C 162 44.11 -9.96 19.65
C THR C 162 43.52 -11.24 19.11
N HIS C 163 42.67 -11.14 18.09
CA HIS C 163 42.21 -12.36 17.47
C HIS C 163 41.91 -12.15 16.01
N ASN C 164 42.08 -13.23 15.24
CA ASN C 164 41.67 -13.33 13.85
C ASN C 164 40.43 -14.20 13.76
N VAL C 165 39.43 -13.76 13.03
CA VAL C 165 38.32 -14.60 12.62
C VAL C 165 38.19 -14.51 11.11
N PRO C 166 38.32 -15.62 10.38
CA PRO C 166 37.94 -15.62 8.97
C PRO C 166 36.45 -15.84 8.81
N ILE C 167 35.87 -15.18 7.81
CA ILE C 167 34.45 -15.30 7.51
C ILE C 167 34.30 -15.37 6.00
N TYR C 168 33.51 -16.31 5.51
CA TYR C 168 33.32 -16.50 4.08
C TYR C 168 31.84 -16.58 3.75
N GLU C 169 31.35 -15.56 3.05
CA GLU C 169 29.93 -15.41 2.73
C GLU C 169 29.05 -15.59 3.96
N GLY C 170 29.49 -15.06 5.09
CA GLY C 170 28.68 -15.12 6.27
C GLY C 170 28.60 -16.45 6.97
N TYR C 171 29.49 -17.38 6.66
CA TYR C 171 29.74 -18.51 7.54
C TYR C 171 31.02 -18.28 8.31
N ALA C 172 30.98 -18.55 9.61
CA ALA C 172 32.18 -18.56 10.41
C ALA C 172 32.96 -19.84 10.16
N LEU C 173 34.19 -19.87 10.65
CA LEU C 173 35.06 -21.04 10.47
C LEU C 173 35.78 -21.33 11.76
N PRO C 174 35.06 -21.91 12.73
CA PRO C 174 35.59 -22.02 14.10
C PRO C 174 37.00 -22.52 14.21
N HIS C 175 37.35 -23.58 13.49
CA HIS C 175 38.68 -24.17 13.64
C HIS C 175 39.79 -23.22 13.23
N ALA C 176 39.49 -22.19 12.46
CA ALA C 176 40.51 -21.26 12.01
C ALA C 176 40.66 -20.05 12.91
N ILE C 177 39.85 -19.91 13.95
CA ILE C 177 40.00 -18.79 14.87
C ILE C 177 41.29 -18.88 15.64
N MET C 178 42.08 -17.82 15.58
CA MET C 178 43.30 -17.64 16.36
C MET C 178 43.07 -16.53 17.37
N ARG C 179 43.60 -16.70 18.57
CA ARG C 179 43.51 -15.68 19.60
C ARG C 179 44.88 -15.50 20.23
N LEU C 180 45.20 -14.26 20.55
CA LEU C 180 46.53 -13.90 21.02
C LEU C 180 46.39 -12.80 22.05
N ASP C 181 47.05 -12.96 23.21
CA ASP C 181 46.88 -12.03 24.31
C ASP C 181 47.75 -10.79 24.22
N LEU C 182 48.51 -10.63 23.14
CA LEU C 182 49.58 -9.64 23.12
C LEU C 182 49.06 -8.20 23.24
N ALA C 183 48.09 -7.83 22.43
CA ALA C 183 47.95 -6.43 22.02
C ALA C 183 47.58 -5.47 23.13
N GLY C 184 48.12 -4.27 23.01
CA GLY C 184 47.60 -3.02 23.52
C GLY C 184 47.91 -2.66 24.95
N ARG C 185 47.41 -3.40 25.93
CA ARG C 185 47.85 -3.11 27.29
C ARG C 185 49.32 -3.43 27.40
N ASP C 186 49.69 -4.61 26.96
CA ASP C 186 50.97 -5.20 27.30
C ASP C 186 52.02 -4.86 26.27
N LEU C 187 51.72 -3.92 25.36
CA LEU C 187 52.77 -3.10 24.76
C LEU C 187 53.29 -2.09 25.76
N THR C 188 52.39 -1.49 26.52
CA THR C 188 52.77 -0.36 27.38
C THR C 188 53.71 -0.82 28.47
N ASP C 189 53.42 -1.94 29.11
CA ASP C 189 54.35 -2.52 30.07
C ASP C 189 55.73 -2.75 29.48
N TYR C 190 55.83 -3.03 28.19
CA TYR C 190 57.15 -3.08 27.56
C TYR C 190 57.73 -1.68 27.38
N LEU C 191 56.94 -0.75 26.87
CA LEU C 191 57.42 0.60 26.65
C LEU C 191 57.93 1.26 27.92
N MET C 192 57.33 0.95 29.07
CA MET C 192 57.87 1.47 30.33
C MET C 192 59.30 1.01 30.57
N LYS C 193 59.58 -0.25 30.24
CA LYS C 193 60.91 -0.80 30.43
C LYS C 193 61.92 -0.20 29.47
N ILE C 194 61.57 -0.10 28.19
CA ILE C 194 62.55 0.54 27.33
C ILE C 194 62.74 2.02 27.67
N LEU C 195 61.71 2.72 28.16
CA LEU C 195 62.00 4.08 28.60
C LEU C 195 62.92 4.09 29.80
N THR C 196 62.79 3.10 30.68
CA THR C 196 63.71 2.99 31.82
C THR C 196 65.14 2.88 31.35
N GLU C 197 65.35 2.24 30.21
CA GLU C 197 66.69 2.21 29.62
C GLU C 197 67.23 3.60 29.31
N ARG C 198 66.38 4.56 28.97
CA ARG C 198 66.81 5.93 28.71
C ARG C 198 66.76 6.81 29.95
N GLY C 199 66.52 6.23 31.12
CA GLY C 199 66.63 6.99 32.33
C GLY C 199 65.42 7.81 32.70
N TYR C 200 64.23 7.27 32.46
CA TYR C 200 62.97 7.79 32.97
C TYR C 200 62.29 6.61 33.63
N SER C 201 61.64 6.83 34.77
CA SER C 201 61.03 5.71 35.46
C SER C 201 59.60 6.03 35.82
N PHE C 202 58.68 5.21 35.31
CA PHE C 202 57.24 5.36 35.51
C PHE C 202 56.73 4.14 36.25
N VAL C 203 56.30 4.32 37.50
CA VAL C 203 56.05 3.20 38.39
C VAL C 203 54.56 3.01 38.66
N THR C 204 53.86 4.07 39.09
CA THR C 204 52.49 3.91 39.53
C THR C 204 51.55 3.77 38.33
N THR C 205 50.29 3.50 38.63
CA THR C 205 49.28 3.40 37.58
C THR C 205 48.99 4.74 36.91
N ALA C 206 49.14 5.86 37.63
CA ALA C 206 49.02 7.15 36.99
C ALA C 206 50.13 7.36 35.96
N GLU C 207 51.32 6.91 36.30
CA GLU C 207 52.41 7.00 35.36
C GLU C 207 52.21 6.06 34.19
N ARG C 208 51.58 4.90 34.42
CA ARG C 208 51.18 4.05 33.31
C ARG C 208 50.24 4.77 32.34
N GLU C 209 49.26 5.52 32.86
CA GLU C 209 48.42 6.31 31.96
C GLU C 209 49.22 7.34 31.19
N ILE C 210 50.24 7.91 31.83
CA ILE C 210 51.06 8.88 31.11
C ILE C 210 51.90 8.22 30.03
N VAL C 211 52.34 6.99 30.25
CA VAL C 211 53.04 6.28 29.18
C VAL C 211 52.07 5.98 28.04
N ARG C 212 50.85 5.55 28.37
CA ARG C 212 49.89 5.21 27.34
C ARG C 212 49.65 6.41 26.43
N ASP C 213 49.64 7.61 27.00
CA ASP C 213 49.49 8.79 26.15
C ASP C 213 50.70 9.02 25.25
N ILE C 214 51.91 8.68 25.69
CA ILE C 214 53.06 8.74 24.78
C ILE C 214 52.85 7.76 23.64
N LYS C 215 52.46 6.54 23.97
CA LYS C 215 52.33 5.49 22.98
C LYS C 215 51.35 5.91 21.90
N GLU C 216 50.20 6.42 22.31
CA GLU C 216 49.24 6.96 21.35
C GLU C 216 49.82 8.09 20.52
N LYS C 217 50.61 8.98 21.13
CA LYS C 217 51.09 10.14 20.37
C LYS C 217 52.21 9.82 19.38
N LEU C 218 53.25 9.08 19.78
CA LEU C 218 54.54 9.19 19.11
C LEU C 218 55.08 7.90 18.52
N CYS C 219 54.50 6.75 18.82
CA CYS C 219 54.99 5.50 18.23
C CYS C 219 54.50 5.36 16.80
N TYR C 220 55.31 4.69 15.99
CA TYR C 220 54.94 4.34 14.62
C TYR C 220 55.70 3.08 14.25
N VAL C 221 55.23 2.39 13.20
CA VAL C 221 55.78 1.09 12.82
C VAL C 221 56.71 1.25 11.63
N ALA C 222 57.92 0.73 11.75
CA ALA C 222 58.93 0.82 10.71
C ALA C 222 58.67 -0.16 9.58
N LEU C 223 58.79 0.32 8.33
CA LEU C 223 58.63 -0.59 7.20
C LEU C 223 59.67 -1.69 7.21
N ASP C 224 60.94 -1.34 7.37
CA ASP C 224 61.99 -2.29 7.69
C ASP C 224 62.54 -1.89 9.05
N PHE C 225 62.42 -2.79 10.03
CA PHE C 225 62.93 -2.53 11.37
C PHE C 225 64.44 -2.35 11.40
N GLU C 226 65.18 -3.11 10.61
CA GLU C 226 66.63 -3.09 10.75
C GLU C 226 67.26 -1.82 10.17
N ASN C 227 66.79 -1.39 9.00
CA ASN C 227 67.26 -0.11 8.47
C ASN C 227 66.92 1.05 9.39
N GLU C 228 65.73 1.06 9.98
CA GLU C 228 65.39 2.19 10.83
C GLU C 228 66.14 2.18 12.16
N MET C 229 66.45 1.01 12.72
CA MET C 229 67.37 1.05 13.86
C MET C 229 68.76 1.53 13.45
N ALA C 230 69.28 1.09 12.32
CA ALA C 230 70.57 1.62 11.88
C ALA C 230 70.52 3.13 11.65
N THR C 231 69.39 3.64 11.17
CA THR C 231 69.25 5.06 10.96
C THR C 231 69.20 5.83 12.27
N ALA C 232 68.33 5.41 13.19
CA ALA C 232 68.22 6.19 14.41
C ALA C 232 69.46 6.02 15.27
N ALA C 233 70.18 4.90 15.13
CA ALA C 233 71.46 4.79 15.78
C ALA C 233 72.45 5.79 15.19
N SER C 234 72.35 6.03 13.88
CA SER C 234 73.29 6.93 13.23
C SER C 234 72.92 8.41 13.36
N SER C 235 71.65 8.71 13.67
CA SER C 235 71.12 10.05 13.47
C SER C 235 70.11 10.37 14.56
N SER C 236 69.89 11.66 14.78
CA SER C 236 68.81 12.16 15.62
C SER C 236 67.50 12.39 14.87
N SER C 237 67.50 12.24 13.55
CA SER C 237 66.41 12.76 12.72
C SER C 237 65.05 12.16 13.08
N LEU C 238 65.04 10.97 13.66
CA LEU C 238 63.82 10.29 14.08
C LEU C 238 63.33 10.72 15.45
N GLU C 239 64.07 11.58 16.13
CA GLU C 239 63.89 11.79 17.57
C GLU C 239 62.92 12.94 17.85
N LYS C 240 61.96 12.66 18.72
CA LYS C 240 60.88 13.58 19.06
C LYS C 240 60.78 13.67 20.57
N SER C 241 60.29 14.81 21.04
CA SER C 241 60.26 15.13 22.46
C SER C 241 58.86 15.54 22.87
N TYR C 242 58.49 15.18 24.09
CA TYR C 242 57.12 15.21 24.56
C TYR C 242 57.15 15.80 25.96
N GLU C 243 56.09 16.50 26.33
CA GLU C 243 56.03 17.25 27.60
C GLU C 243 55.15 16.54 28.62
N LEU C 244 55.76 16.03 29.68
CA LEU C 244 55.01 15.39 30.74
C LEU C 244 54.08 16.38 31.44
N PRO C 245 53.03 15.89 32.09
CA PRO C 245 52.00 16.79 32.65
C PRO C 245 52.52 17.93 33.49
N ASP C 246 53.56 17.74 34.28
CA ASP C 246 54.06 18.81 35.13
C ASP C 246 54.82 19.89 34.37
N GLY C 247 55.30 19.58 33.17
CA GLY C 247 56.08 20.52 32.38
C GLY C 247 57.54 20.18 32.23
N GLN C 248 57.97 19.03 32.74
CA GLN C 248 59.19 18.43 32.25
C GLN C 248 59.04 18.05 30.79
N VAL C 249 60.16 17.87 30.12
CA VAL C 249 60.17 17.43 28.74
C VAL C 249 61.08 16.23 28.65
N ILE C 250 60.67 15.25 27.86
CA ILE C 250 61.36 13.99 27.71
C ILE C 250 61.56 13.79 26.22
N THR C 251 62.65 13.13 25.87
CA THR C 251 63.04 12.99 24.48
C THR C 251 63.24 11.52 24.24
N ILE C 252 62.65 11.00 23.17
CA ILE C 252 62.58 9.57 22.94
C ILE C 252 62.98 9.29 21.51
N GLY C 253 63.78 8.25 21.33
CA GLY C 253 64.52 8.02 20.10
C GLY C 253 64.00 6.83 19.34
N ASN C 254 64.87 5.83 19.18
CA ASN C 254 64.43 4.57 18.61
C ASN C 254 63.32 3.92 19.40
N GLU C 255 63.17 4.26 20.68
CA GLU C 255 62.13 3.66 21.50
C GLU C 255 60.75 3.81 20.89
N ARG C 256 60.51 4.89 20.16
CA ARG C 256 59.18 5.11 19.62
C ARG C 256 58.81 4.13 18.52
N PHE C 257 59.67 3.87 17.56
CA PHE C 257 59.32 2.79 16.63
C PHE C 257 59.52 1.42 17.23
N ARG C 258 60.52 1.27 18.10
CA ARG C 258 60.86 -0.02 18.67
C ARG C 258 59.73 -0.61 19.52
N CYS C 259 58.88 0.21 20.13
CA CYS C 259 57.79 -0.38 20.91
C CYS C 259 56.77 -1.14 20.09
N PRO C 260 56.17 -0.59 19.02
CA PRO C 260 55.17 -1.35 18.26
C PRO C 260 55.74 -2.40 17.34
N GLU C 261 57.06 -2.47 17.16
CA GLU C 261 57.66 -3.64 16.55
C GLU C 261 57.31 -4.92 17.28
N THR C 262 57.09 -4.87 18.59
CA THR C 262 56.87 -6.11 19.33
C THR C 262 55.62 -6.86 18.88
N LEU C 263 54.64 -6.19 18.27
CA LEU C 263 53.51 -6.90 17.70
C LEU C 263 53.94 -7.86 16.61
N PHE C 264 55.06 -7.61 15.97
CA PHE C 264 55.59 -8.49 14.94
C PHE C 264 56.63 -9.47 15.47
N GLN C 265 57.10 -9.31 16.71
CA GLN C 265 58.14 -10.17 17.25
C GLN C 265 57.93 -10.37 18.75
N PRO C 266 56.86 -11.07 19.13
CA PRO C 266 56.53 -11.17 20.56
C PRO C 266 57.62 -11.79 21.39
N SER C 267 58.66 -12.35 20.78
CA SER C 267 59.85 -12.72 21.54
C SER C 267 60.41 -11.55 22.35
N PHE C 268 60.19 -10.30 21.92
CA PHE C 268 60.62 -9.15 22.72
C PHE C 268 60.07 -9.16 24.13
N ILE C 269 58.87 -9.69 24.35
CA ILE C 269 58.36 -9.77 25.71
C ILE C 269 58.41 -11.19 26.23
N GLY C 270 58.96 -12.12 25.46
CA GLY C 270 59.08 -13.51 25.87
C GLY C 270 57.82 -14.34 25.74
N MET C 271 56.90 -13.95 24.87
CA MET C 271 55.88 -14.87 24.39
C MET C 271 56.47 -15.81 23.33
N GLU C 272 55.85 -16.99 23.19
CA GLU C 272 56.30 -17.96 22.21
C GLU C 272 55.87 -17.61 20.80
N SER C 273 54.60 -17.24 20.62
CA SER C 273 54.01 -17.20 19.31
C SER C 273 54.50 -16.02 18.47
N ALA C 274 54.52 -16.22 17.16
CA ALA C 274 54.90 -15.21 16.19
C ALA C 274 53.84 -14.11 16.09
N GLY C 275 54.20 -13.06 15.38
CA GLY C 275 53.43 -11.84 15.35
C GLY C 275 52.16 -11.96 14.54
N ILE C 276 51.42 -10.85 14.50
CA ILE C 276 50.12 -10.83 13.84
C ILE C 276 50.19 -11.21 12.37
N HIS C 277 51.29 -10.90 11.69
CA HIS C 277 51.38 -11.29 10.28
C HIS C 277 51.37 -12.81 10.15
N GLU C 278 52.06 -13.49 11.03
CA GLU C 278 52.13 -14.94 10.91
C GLU C 278 50.85 -15.60 11.38
N THR C 279 50.26 -15.16 12.50
CA THR C 279 48.99 -15.79 12.84
C THR C 279 47.90 -15.47 11.83
N THR C 280 47.92 -14.31 11.18
CA THR C 280 46.98 -14.07 10.09
C THR C 280 47.18 -15.05 8.95
N TYR C 281 48.42 -15.24 8.52
CA TYR C 281 48.69 -16.21 7.47
C TYR C 281 48.34 -17.63 7.89
N ASN C 282 48.82 -18.05 9.06
CA ASN C 282 48.50 -19.38 9.57
C ASN C 282 47.04 -19.56 9.92
N SER C 283 46.25 -18.50 9.96
CA SER C 283 44.81 -18.67 9.95
C SER C 283 44.30 -18.97 8.56
N ILE C 284 44.70 -18.16 7.58
CA ILE C 284 44.28 -18.43 6.22
C ILE C 284 44.62 -19.85 5.79
N MET C 285 45.79 -20.34 6.20
CA MET C 285 46.18 -21.71 5.87
C MET C 285 45.26 -22.78 6.42
N LYS C 286 44.41 -22.48 7.38
CA LYS C 286 43.50 -23.52 7.85
C LYS C 286 42.16 -23.51 7.13
N CYS C 287 41.96 -22.60 6.19
CA CYS C 287 40.76 -22.59 5.39
C CYS C 287 40.93 -23.45 4.15
N ASP C 288 39.81 -23.93 3.62
CA ASP C 288 39.82 -24.73 2.41
C ASP C 288 40.19 -23.89 1.20
N ILE C 289 40.98 -24.50 0.32
CA ILE C 289 41.68 -23.81 -0.78
C ILE C 289 40.76 -23.00 -1.68
N ASP C 290 39.50 -23.40 -1.80
CA ASP C 290 38.57 -22.66 -2.65
C ASP C 290 38.28 -21.23 -2.19
N ILE C 291 38.52 -20.87 -0.93
CA ILE C 291 38.22 -19.52 -0.46
C ILE C 291 39.45 -18.65 -0.23
N ARG C 292 40.65 -19.22 -0.20
CA ARG C 292 41.80 -18.43 0.20
C ARG C 292 42.00 -17.21 -0.69
N LYS C 293 41.64 -17.30 -1.98
CA LYS C 293 41.78 -16.12 -2.83
C LYS C 293 40.94 -14.96 -2.31
N ASP C 294 39.77 -15.25 -1.77
CA ASP C 294 38.88 -14.20 -1.29
C ASP C 294 39.26 -13.72 0.10
N LEU C 295 39.86 -14.58 0.90
CA LEU C 295 40.40 -14.08 2.16
C LEU C 295 41.62 -13.20 1.93
N TYR C 296 42.55 -13.62 1.07
CA TYR C 296 43.66 -12.74 0.73
C TYR C 296 43.19 -11.44 0.12
N ALA C 297 42.09 -11.46 -0.62
CA ALA C 297 41.59 -10.24 -1.21
C ALA C 297 40.94 -9.27 -0.22
N ASN C 298 40.52 -9.72 0.96
CA ASN C 298 40.01 -8.80 1.97
C ASN C 298 40.62 -9.09 3.32
N ASN C 299 41.28 -8.09 3.89
CA ASN C 299 41.74 -8.15 5.27
C ASN C 299 41.26 -6.88 5.93
N VAL C 300 40.56 -7.01 7.03
CA VAL C 300 40.00 -5.87 7.73
C VAL C 300 40.72 -5.76 9.05
N MET C 301 41.23 -4.59 9.35
CA MET C 301 41.92 -4.32 10.59
C MET C 301 41.04 -3.46 11.47
N SER C 302 41.02 -3.76 12.76
CA SER C 302 40.02 -3.18 13.63
C SER C 302 40.60 -2.92 15.00
N GLY C 303 40.06 -1.91 15.66
CA GLY C 303 40.42 -1.59 17.02
C GLY C 303 41.71 -0.81 17.13
N GLY C 304 41.85 -0.15 18.27
CA GLY C 304 42.84 0.91 18.42
C GLY C 304 44.28 0.49 18.23
N THR C 305 44.62 -0.72 18.66
CA THR C 305 46.00 -1.17 18.50
C THR C 305 46.44 -1.24 17.05
N THR C 306 45.51 -1.26 16.11
CA THR C 306 45.87 -1.20 14.70
C THR C 306 45.94 0.22 14.16
N MET C 307 45.98 1.22 15.04
CA MET C 307 46.00 2.60 14.59
C MET C 307 47.39 3.10 14.22
N TYR C 308 48.45 2.49 14.72
CA TYR C 308 49.78 3.06 14.59
C TYR C 308 50.07 3.37 13.13
N PRO C 309 50.58 4.55 12.81
CA PRO C 309 50.97 4.85 11.44
C PRO C 309 51.87 3.80 10.83
N GLY C 310 51.53 3.37 9.62
CA GLY C 310 52.29 2.35 8.92
C GLY C 310 51.91 0.90 9.17
N ILE C 311 51.09 0.59 10.18
CA ILE C 311 50.90 -0.82 10.52
C ILE C 311 50.26 -1.58 9.36
N ALA C 312 49.35 -0.94 8.63
CA ALA C 312 48.79 -1.60 7.45
C ALA C 312 49.86 -1.88 6.42
N ASP C 313 50.77 -0.94 6.20
CA ASP C 313 51.74 -1.11 5.12
C ASP C 313 52.90 -2.02 5.51
N ARG C 314 53.22 -2.13 6.79
CA ARG C 314 54.10 -3.20 7.23
C ARG C 314 53.43 -4.55 7.02
N MET C 315 52.13 -4.62 7.34
CA MET C 315 51.42 -5.89 7.25
C MET C 315 51.36 -6.38 5.82
N GLN C 316 50.95 -5.51 4.90
CA GLN C 316 50.86 -5.90 3.50
C GLN C 316 52.19 -6.38 2.95
N LYS C 317 53.28 -5.70 3.32
CA LYS C 317 54.60 -6.11 2.89
C LYS C 317 54.97 -7.51 3.36
N GLU C 318 54.84 -7.78 4.64
CA GLU C 318 55.26 -9.14 4.99
C GLU C 318 54.25 -10.24 4.69
N ILE C 319 52.94 -10.02 4.75
CA ILE C 319 52.05 -11.06 4.20
C ILE C 319 52.36 -11.32 2.73
N THR C 320 52.60 -10.26 1.94
CA THR C 320 53.00 -10.47 0.55
C THR C 320 54.27 -11.28 0.44
N ALA C 321 55.16 -11.17 1.43
CA ALA C 321 56.32 -12.06 1.40
C ALA C 321 55.91 -13.50 1.71
N LEU C 322 55.04 -13.71 2.70
CA LEU C 322 54.65 -15.08 3.04
C LEU C 322 53.72 -15.71 2.00
N ALA C 323 52.78 -14.93 1.46
CA ALA C 323 51.79 -15.49 0.56
C ALA C 323 52.40 -15.82 -0.80
N PRO C 324 51.82 -16.80 -1.52
CA PRO C 324 52.25 -17.07 -2.88
C PRO C 324 52.16 -15.86 -3.79
N SER C 325 53.04 -15.84 -4.79
CA SER C 325 53.48 -14.60 -5.41
C SER C 325 52.45 -13.99 -6.36
N THR C 326 51.40 -14.72 -6.73
CA THR C 326 50.65 -14.37 -7.92
C THR C 326 49.39 -13.58 -7.62
N MET C 327 49.19 -13.16 -6.38
CA MET C 327 47.88 -12.70 -5.93
C MET C 327 47.95 -11.28 -5.40
N LYS C 328 46.82 -10.57 -5.50
CA LYS C 328 46.59 -9.41 -4.66
C LYS C 328 46.58 -9.80 -3.19
N ILE C 329 47.38 -9.12 -2.39
CA ILE C 329 47.09 -8.95 -0.98
C ILE C 329 46.57 -7.54 -0.80
N LYS C 330 45.40 -7.41 -0.20
CA LYS C 330 44.81 -6.10 0.03
C LYS C 330 44.45 -5.95 1.49
N ILE C 331 44.92 -4.87 2.12
CA ILE C 331 44.66 -4.60 3.53
C ILE C 331 43.71 -3.43 3.60
N ILE C 332 42.62 -3.60 4.34
CA ILE C 332 41.51 -2.66 4.34
C ILE C 332 41.36 -2.12 5.75
N ALA C 333 41.64 -0.83 5.91
CA ALA C 333 41.86 -0.25 7.23
C ALA C 333 41.36 1.17 7.19
N PRO C 334 40.05 1.38 7.28
CA PRO C 334 39.49 2.72 7.20
C PRO C 334 39.91 3.55 8.39
N PRO C 335 39.87 4.89 8.28
CA PRO C 335 40.33 5.73 9.38
C PRO C 335 39.50 5.59 10.63
N GLU C 336 38.25 5.19 10.48
CA GLU C 336 37.26 5.03 11.52
C GLU C 336 37.48 3.80 12.38
N ARG C 337 38.43 2.93 12.02
CA ARG C 337 38.47 1.56 12.49
C ARG C 337 38.43 1.39 14.00
N LYS C 338 38.91 2.38 14.75
CA LYS C 338 38.81 2.31 16.20
C LYS C 338 37.39 2.08 16.72
N TYR C 339 36.37 2.56 16.02
CA TYR C 339 34.98 2.37 16.45
C TYR C 339 34.23 1.28 15.69
N SER C 340 34.88 0.58 14.77
CA SER C 340 34.16 -0.28 13.85
C SER C 340 33.33 -1.32 14.58
N VAL C 341 33.82 -1.86 15.69
CA VAL C 341 33.04 -2.85 16.42
C VAL C 341 31.74 -2.26 16.95
N TRP C 342 31.77 -1.02 17.40
CA TRP C 342 30.52 -0.40 17.81
C TRP C 342 29.63 -0.09 16.62
N ILE C 343 30.19 0.46 15.55
CA ILE C 343 29.38 0.80 14.38
C ILE C 343 28.68 -0.44 13.85
N GLY C 344 29.39 -1.56 13.78
CA GLY C 344 28.76 -2.78 13.32
C GLY C 344 27.71 -3.31 14.27
N GLY C 345 27.93 -3.16 15.57
CA GLY C 345 26.85 -3.47 16.49
C GLY C 345 25.64 -2.58 16.31
N SER C 346 25.86 -1.33 15.93
CA SER C 346 24.78 -0.39 15.72
C SER C 346 23.96 -0.73 14.49
N ILE C 347 24.62 -1.20 13.44
CA ILE C 347 23.88 -1.76 12.31
C ILE C 347 23.13 -2.99 12.74
N LEU C 348 23.80 -3.93 13.40
CA LEU C 348 23.24 -5.25 13.64
C LEU C 348 21.98 -5.14 14.50
N ALA C 349 22.03 -4.37 15.57
CA ALA C 349 20.86 -4.27 16.42
C ALA C 349 19.69 -3.55 15.76
N SER C 350 19.91 -2.80 14.70
CA SER C 350 18.80 -2.14 14.02
C SER C 350 18.14 -2.99 12.92
N LEU C 351 18.66 -4.16 12.60
CA LEU C 351 18.00 -5.01 11.61
C LEU C 351 16.70 -5.57 12.13
N SER C 352 15.79 -5.86 11.20
CA SER C 352 14.53 -6.50 11.54
C SER C 352 14.69 -7.99 11.81
N THR C 353 15.44 -8.70 10.97
CA THR C 353 15.70 -10.13 11.20
C THR C 353 16.23 -10.39 12.60
N PHE C 354 17.08 -9.50 13.10
CA PHE C 354 17.66 -9.65 14.42
C PHE C 354 16.65 -9.49 15.55
N GLN C 355 15.45 -9.00 15.28
CA GLN C 355 14.50 -8.85 16.37
C GLN C 355 13.99 -10.18 16.90
N GLN C 356 14.19 -11.27 16.20
CA GLN C 356 13.73 -12.57 16.67
C GLN C 356 14.80 -13.30 17.46
N MET C 357 15.99 -12.73 17.62
CA MET C 357 17.14 -13.43 18.15
C MET C 357 17.54 -12.99 19.55
N TRP C 358 17.03 -11.86 20.04
CA TRP C 358 17.25 -11.45 21.41
C TRP C 358 16.83 -12.54 22.38
N ILE C 359 17.70 -12.86 23.32
CA ILE C 359 17.27 -13.62 24.48
C ILE C 359 16.29 -12.75 25.26
N THR C 360 15.16 -13.32 25.65
CA THR C 360 14.18 -12.55 26.40
C THR C 360 14.01 -13.11 27.80
N LYS C 361 13.54 -12.25 28.70
CA LYS C 361 13.48 -12.61 30.10
C LYS C 361 12.62 -13.84 30.33
N GLN C 362 11.61 -14.05 29.48
CA GLN C 362 10.79 -15.25 29.57
C GLN C 362 11.65 -16.50 29.50
N GLU C 363 12.56 -16.52 28.53
CA GLU C 363 13.43 -17.67 28.35
C GLU C 363 14.47 -17.75 29.44
N TYR C 364 15.05 -16.63 29.86
CA TYR C 364 16.02 -16.73 30.93
C TYR C 364 15.38 -17.27 32.20
N ASP C 365 14.18 -16.80 32.51
CA ASP C 365 13.47 -17.27 33.69
C ASP C 365 13.16 -18.75 33.58
N GLU C 366 12.88 -19.23 32.36
CA GLU C 366 12.66 -20.66 32.16
C GLU C 366 13.94 -21.49 32.30
N ALA C 367 15.04 -21.03 31.69
CA ALA C 367 16.22 -21.84 31.41
C ALA C 367 17.40 -21.60 32.34
N GLY C 368 17.38 -20.54 33.12
CA GLY C 368 18.56 -20.05 33.79
C GLY C 368 19.59 -19.51 32.83
N PRO C 369 20.75 -19.09 33.33
CA PRO C 369 21.77 -18.51 32.45
C PRO C 369 22.41 -19.49 31.48
N SER C 370 22.18 -20.79 31.63
CA SER C 370 22.68 -21.76 30.66
C SER C 370 22.26 -21.45 29.24
N ILE C 371 21.08 -20.85 29.06
CA ILE C 371 20.52 -20.57 27.73
C ILE C 371 21.44 -19.79 26.83
N VAL C 372 22.29 -18.92 27.37
CA VAL C 372 23.10 -18.06 26.54
C VAL C 372 23.94 -18.85 25.54
N HIS C 373 24.45 -20.01 25.95
CA HIS C 373 25.28 -20.80 25.05
C HIS C 373 24.52 -21.33 23.84
N ARG C 374 23.33 -21.88 24.03
CA ARG C 374 22.58 -22.36 22.88
C ARG C 374 21.98 -21.23 22.05
N LYS C 375 21.45 -20.19 22.69
CA LYS C 375 20.80 -19.15 21.90
C LYS C 375 21.84 -18.29 21.18
N CYS C 376 22.83 -17.80 21.91
CA CYS C 376 23.86 -16.97 21.27
C CYS C 376 24.84 -17.87 20.54
N PHE C 377 25.75 -17.22 19.79
CA PHE C 377 26.85 -17.92 19.16
C PHE C 377 27.46 -18.89 20.16
N TRP D 1 43.28 -15.72 34.13
CA TRP D 1 42.43 -16.76 33.66
C TRP D 1 42.07 -17.73 34.69
CG EEP D 2 40.44 -20.36 36.64
CB EEP D 2 41.41 -20.53 35.54
CA EEP D 2 42.56 -19.70 35.94
N EEP D 2 42.87 -18.73 34.93
C EEP D 2 43.72 -20.56 35.95
O EEP D 2 43.93 -21.29 36.88
O1 EEP D 2 40.39 -18.98 36.94
CD1 EEP D 2 39.08 -20.86 36.25
CD2 EEP D 2 40.92 -21.13 37.84
O2 EEP D 2 38.50 -21.43 37.42
N ALA D 3 44.54 -20.56 34.94
CA ALA D 3 45.65 -21.46 35.08
C ALA D 3 46.81 -20.83 34.46
N DTH D 4 46.95 -20.88 33.16
CA DTH D 4 48.05 -20.31 32.43
CB DTH D 4 49.24 -21.14 32.81
CG2 DTH D 4 50.26 -21.03 31.68
OG1 DTH D 4 48.77 -22.48 32.93
C DTH D 4 48.31 -18.87 32.73
O DTH D 4 49.14 -18.58 33.55
N CYS D 5 47.64 -17.92 32.08
CA CYS D 5 47.84 -16.50 32.31
C CYS D 5 47.40 -16.06 33.69
N HYP D 6 47.79 -14.89 34.17
CA HYP D 6 47.47 -14.34 35.48
C HYP D 6 46.02 -13.99 35.60
O HYP D 6 45.56 -13.85 36.71
CB HYP D 6 48.18 -13.00 35.58
CG HYP D 6 48.33 -12.63 34.12
CD HYP D 6 48.65 -13.95 33.48
OD1 HYP D 6 49.37 -11.71 33.95
N ALA D 7 45.26 -13.82 34.47
CA ALA D 7 43.85 -13.48 34.83
C ALA D 7 42.90 -14.49 34.36
PG ANP E . -6.67 11.99 -13.74
O1G ANP E . -7.76 11.01 -13.50
O2G ANP E . -6.09 11.77 -15.19
O3G ANP E . -5.52 11.79 -12.68
PB ANP E . -7.95 13.94 -15.15
O1B ANP E . -6.88 13.93 -16.18
O2B ANP E . -9.07 12.94 -15.54
N3B ANP E . -7.29 13.55 -13.66
PA ANP E . -8.83 16.28 -16.29
O1A ANP E . -7.58 16.72 -16.96
O2A ANP E . -9.57 17.48 -15.70
O3A ANP E . -8.52 15.38 -15.03
O5' ANP E . -9.77 15.53 -17.32
C5' ANP E . -9.24 14.72 -18.38
C4' ANP E . -10.35 14.33 -19.32
O4' ANP E . -11.51 13.86 -18.59
C3' ANP E . -10.83 15.46 -20.24
O3' ANP E . -10.65 15.12 -21.61
C2' ANP E . -12.32 15.61 -19.90
O2' ANP E . -13.09 15.88 -21.07
C1' ANP E . -12.66 14.25 -19.32
N9 ANP E . -13.82 14.20 -18.43
C8 ANP E . -13.97 13.35 -17.37
N7 ANP E . -15.12 13.47 -16.74
C5 ANP E . -15.79 14.43 -17.49
C6 ANP E . -17.06 15.00 -17.35
N6 ANP E . -17.94 14.67 -16.39
N1 ANP E . -17.43 15.93 -18.25
C2 ANP E . -16.57 16.26 -19.22
N3 ANP E . -15.34 15.80 -19.44
C4 ANP E . -15.01 14.87 -18.53
MG MG F . -5.80 14.83 -14.71
MG MG G . -6.98 15.78 -18.55
PB ADP H . 39.04 -1.82 23.16
O1B ADP H . 38.11 -0.67 23.37
O2B ADP H . 39.26 -2.67 24.38
O3B ADP H . 38.79 -2.58 21.87
PA ADP H . 40.60 0.09 21.86
O1A ADP H . 39.93 1.30 22.39
O2A ADP H . 40.22 -0.44 20.51
O3A ADP H . 40.43 -1.08 22.94
O5' ADP H . 42.17 0.31 21.92
C5' ADP H . 42.70 1.06 23.00
C4' ADP H . 44.18 0.77 23.05
O4' ADP H . 44.80 1.24 21.87
C3' ADP H . 44.85 1.51 24.18
O3' ADP H . 46.00 0.76 24.56
C2' ADP H . 45.28 2.79 23.54
O2' ADP H . 46.45 3.26 24.20
C1' ADP H . 45.65 2.35 22.16
N9 ADP H . 45.40 3.46 21.24
C8 ADP H . 44.30 4.23 21.23
N7 ADP H . 44.39 5.19 20.28
C5 ADP H . 45.58 5.03 19.68
C6 ADP H . 46.29 5.70 18.59
N6 ADP H . 45.75 6.75 17.95
N1 ADP H . 47.50 5.23 18.26
C2 ADP H . 48.05 4.19 18.90
N3 ADP H . 47.45 3.53 19.90
C4 ADP H . 46.24 3.91 20.33
MG MG I . 37.90 -4.01 21.07
#